data_2PFC
# 
_entry.id   2PFC 
# 
_audit_conform.dict_name       mmcif_pdbx.dic 
_audit_conform.dict_version    5.397 
_audit_conform.dict_location   http://mmcif.pdb.org/dictionaries/ascii/mmcif_pdbx.dic 
# 
loop_
_database_2.database_id 
_database_2.database_code 
_database_2.pdbx_database_accession 
_database_2.pdbx_DOI 
PDB   2PFC         pdb_00002pfc 10.2210/pdb2pfc/pdb 
RCSB  RCSB042314   ?            ?                   
WWPDB D_1000042314 ?            ?                   
# 
loop_
_pdbx_audit_revision_history.ordinal 
_pdbx_audit_revision_history.data_content_type 
_pdbx_audit_revision_history.major_revision 
_pdbx_audit_revision_history.minor_revision 
_pdbx_audit_revision_history.revision_date 
1 'Structure model' 1 0 2008-04-08 
2 'Structure model' 1 1 2011-07-13 
3 'Structure model' 1 2 2024-10-16 
# 
_pdbx_audit_revision_details.ordinal             1 
_pdbx_audit_revision_details.revision_ordinal    1 
_pdbx_audit_revision_details.data_content_type   'Structure model' 
_pdbx_audit_revision_details.provider            repository 
_pdbx_audit_revision_details.type                'Initial release' 
_pdbx_audit_revision_details.description         ? 
_pdbx_audit_revision_details.details             ? 
# 
loop_
_pdbx_audit_revision_group.ordinal 
_pdbx_audit_revision_group.revision_ordinal 
_pdbx_audit_revision_group.data_content_type 
_pdbx_audit_revision_group.group 
1 2 'Structure model' 'Version format compliance' 
2 3 'Structure model' 'Data collection'           
3 3 'Structure model' 'Database references'       
4 3 'Structure model' 'Derived calculations'      
5 3 'Structure model' 'Structure summary'         
# 
loop_
_pdbx_audit_revision_category.ordinal 
_pdbx_audit_revision_category.revision_ordinal 
_pdbx_audit_revision_category.data_content_type 
_pdbx_audit_revision_category.category 
1 3 'Structure model' chem_comp_atom            
2 3 'Structure model' chem_comp_bond            
3 3 'Structure model' database_2                
4 3 'Structure model' pdbx_entry_details        
5 3 'Structure model' pdbx_modification_feature 
6 3 'Structure model' struct_site               
# 
loop_
_pdbx_audit_revision_item.ordinal 
_pdbx_audit_revision_item.revision_ordinal 
_pdbx_audit_revision_item.data_content_type 
_pdbx_audit_revision_item.item 
1 3 'Structure model' '_database_2.pdbx_DOI'                
2 3 'Structure model' '_database_2.pdbx_database_accession' 
3 3 'Structure model' '_struct_site.pdbx_auth_asym_id'      
4 3 'Structure model' '_struct_site.pdbx_auth_comp_id'      
5 3 'Structure model' '_struct_site.pdbx_auth_seq_id'       
# 
_pdbx_database_status.status_code                     REL 
_pdbx_database_status.entry_id                        2PFC 
_pdbx_database_status.recvd_initial_deposition_date   2007-04-04 
_pdbx_database_status.deposit_site                    RCSB 
_pdbx_database_status.process_site                    RCSB 
_pdbx_database_status.status_code_sf                  ? 
_pdbx_database_status.status_code_mr                  ? 
_pdbx_database_status.SG_entry                        ? 
_pdbx_database_status.pdb_format_compatible           Y 
_pdbx_database_status.status_code_cs                  ? 
_pdbx_database_status.status_code_nmr_data            ? 
_pdbx_database_status.methods_development_category    ? 
# 
loop_
_audit_author.name 
_audit_author.pdbx_ordinal 
'Wang, F.'          1 
'Sacchettini, J.C.' 2 
# 
_citation.id                        primary 
_citation.title                     
'Identification of a type III thioesterase reveals the function of an operon crucial for Mtb virulence.' 
_citation.journal_abbrev            Chem.Biol. 
_citation.journal_volume            14 
_citation.page_first                543 
_citation.page_last                 551 
_citation.year                      2007 
_citation.journal_id_ASTM           CBOLE2 
_citation.country                   UK 
_citation.journal_id_ISSN           1074-5521 
_citation.journal_id_CSD            2050 
_citation.book_publisher            ? 
_citation.pdbx_database_id_PubMed   17524985 
_citation.pdbx_database_id_DOI      10.1016/j.chembiol.2007.04.005 
# 
loop_
_citation_author.citation_id 
_citation_author.name 
_citation_author.ordinal 
_citation_author.identifier_ORCID 
primary 'Wang, F.'          1 ? 
primary 'Langley, R.'       2 ? 
primary 'Gulten, G.'        3 ? 
primary 'Wang, L.'          4 ? 
primary 'Sacchettini, J.C.' 5 ? 
# 
loop_
_entity.id 
_entity.type 
_entity.src_method 
_entity.pdbx_description 
_entity.formula_weight 
_entity.pdbx_number_of_molecules 
_entity.pdbx_ec 
_entity.pdbx_mutation 
_entity.pdbx_fragment 
_entity.details 
1 polymer     man 'Hypothetical protein Rv0098/MT0107' 20549.479 1  ? ? ? ? 
2 non-polymer syn 'PALMITIC ACID'                      256.424   1  ? ? ? ? 
3 water       nat water                                18.015    24 ? ? ? ? 
# 
_entity_poly.entity_id                      1 
_entity_poly.type                           'polypeptide(L)' 
_entity_poly.nstd_linkage                   no 
_entity_poly.nstd_monomer                   no 
_entity_poly.pdbx_seq_one_letter_code       
;MSHTDLTPCTRVLASSGTVPIAEELLARVLEPYSCKGCRYLIDAQYSATEDSVLAYGNFTIGESAYIRSTGHFNAVELIL
CFNQLAYSAFAPAVLNEEIRVLRGWSIDDYCQHQLSSMLIRKASSRFRKPLNPQKFSARLLCRDLQVIERTWRYLKVPCV
IEFWDENGGAASGEIELAALNIP
;
_entity_poly.pdbx_seq_one_letter_code_can   
;MSHTDLTPCTRVLASSGTVPIAEELLARVLEPYSCKGCRYLIDAQYSATEDSVLAYGNFTIGESAYIRSTGHFNAVELIL
CFNQLAYSAFAPAVLNEEIRVLRGWSIDDYCQHQLSSMLIRKASSRFRKPLNPQKFSARLLCRDLQVIERTWRYLKVPCV
IEFWDENGGAASGEIELAALNIP
;
_entity_poly.pdbx_strand_id                 A 
_entity_poly.pdbx_target_identifier         ? 
# 
loop_
_pdbx_entity_nonpoly.entity_id 
_pdbx_entity_nonpoly.name 
_pdbx_entity_nonpoly.comp_id 
2 'PALMITIC ACID' PLM 
3 water           HOH 
# 
loop_
_entity_poly_seq.entity_id 
_entity_poly_seq.num 
_entity_poly_seq.mon_id 
_entity_poly_seq.hetero 
1 1   MET n 
1 2   SER n 
1 3   HIS n 
1 4   THR n 
1 5   ASP n 
1 6   LEU n 
1 7   THR n 
1 8   PRO n 
1 9   CYS n 
1 10  THR n 
1 11  ARG n 
1 12  VAL n 
1 13  LEU n 
1 14  ALA n 
1 15  SER n 
1 16  SER n 
1 17  GLY n 
1 18  THR n 
1 19  VAL n 
1 20  PRO n 
1 21  ILE n 
1 22  ALA n 
1 23  GLU n 
1 24  GLU n 
1 25  LEU n 
1 26  LEU n 
1 27  ALA n 
1 28  ARG n 
1 29  VAL n 
1 30  LEU n 
1 31  GLU n 
1 32  PRO n 
1 33  TYR n 
1 34  SER n 
1 35  CYS n 
1 36  LYS n 
1 37  GLY n 
1 38  CYS n 
1 39  ARG n 
1 40  TYR n 
1 41  LEU n 
1 42  ILE n 
1 43  ASP n 
1 44  ALA n 
1 45  GLN n 
1 46  TYR n 
1 47  SER n 
1 48  ALA n 
1 49  THR n 
1 50  GLU n 
1 51  ASP n 
1 52  SER n 
1 53  VAL n 
1 54  LEU n 
1 55  ALA n 
1 56  TYR n 
1 57  GLY n 
1 58  ASN n 
1 59  PHE n 
1 60  THR n 
1 61  ILE n 
1 62  GLY n 
1 63  GLU n 
1 64  SER n 
1 65  ALA n 
1 66  TYR n 
1 67  ILE n 
1 68  ARG n 
1 69  SER n 
1 70  THR n 
1 71  GLY n 
1 72  HIS n 
1 73  PHE n 
1 74  ASN n 
1 75  ALA n 
1 76  VAL n 
1 77  GLU n 
1 78  LEU n 
1 79  ILE n 
1 80  LEU n 
1 81  CYS n 
1 82  PHE n 
1 83  ASN n 
1 84  GLN n 
1 85  LEU n 
1 86  ALA n 
1 87  TYR n 
1 88  SER n 
1 89  ALA n 
1 90  PHE n 
1 91  ALA n 
1 92  PRO n 
1 93  ALA n 
1 94  VAL n 
1 95  LEU n 
1 96  ASN n 
1 97  GLU n 
1 98  GLU n 
1 99  ILE n 
1 100 ARG n 
1 101 VAL n 
1 102 LEU n 
1 103 ARG n 
1 104 GLY n 
1 105 TRP n 
1 106 SER n 
1 107 ILE n 
1 108 ASP n 
1 109 ASP n 
1 110 TYR n 
1 111 CYS n 
1 112 GLN n 
1 113 HIS n 
1 114 GLN n 
1 115 LEU n 
1 116 SER n 
1 117 SER n 
1 118 MET n 
1 119 LEU n 
1 120 ILE n 
1 121 ARG n 
1 122 LYS n 
1 123 ALA n 
1 124 SER n 
1 125 SER n 
1 126 ARG n 
1 127 PHE n 
1 128 ARG n 
1 129 LYS n 
1 130 PRO n 
1 131 LEU n 
1 132 ASN n 
1 133 PRO n 
1 134 GLN n 
1 135 LYS n 
1 136 PHE n 
1 137 SER n 
1 138 ALA n 
1 139 ARG n 
1 140 LEU n 
1 141 LEU n 
1 142 CYS n 
1 143 ARG n 
1 144 ASP n 
1 145 LEU n 
1 146 GLN n 
1 147 VAL n 
1 148 ILE n 
1 149 GLU n 
1 150 ARG n 
1 151 THR n 
1 152 TRP n 
1 153 ARG n 
1 154 TYR n 
1 155 LEU n 
1 156 LYS n 
1 157 VAL n 
1 158 PRO n 
1 159 CYS n 
1 160 VAL n 
1 161 ILE n 
1 162 GLU n 
1 163 PHE n 
1 164 TRP n 
1 165 ASP n 
1 166 GLU n 
1 167 ASN n 
1 168 GLY n 
1 169 GLY n 
1 170 ALA n 
1 171 ALA n 
1 172 SER n 
1 173 GLY n 
1 174 GLU n 
1 175 ILE n 
1 176 GLU n 
1 177 LEU n 
1 178 ALA n 
1 179 ALA n 
1 180 LEU n 
1 181 ASN n 
1 182 ILE n 
1 183 PRO n 
# 
_entity_src_gen.entity_id                          1 
_entity_src_gen.pdbx_src_id                        1 
_entity_src_gen.pdbx_alt_source_flag               sample 
_entity_src_gen.pdbx_seq_type                      ? 
_entity_src_gen.pdbx_beg_seq_num                   ? 
_entity_src_gen.pdbx_end_seq_num                   ? 
_entity_src_gen.gene_src_common_name               ? 
_entity_src_gen.gene_src_genus                     Mycobacterium 
_entity_src_gen.pdbx_gene_src_gene                 ? 
_entity_src_gen.gene_src_species                   ? 
_entity_src_gen.gene_src_strain                    ? 
_entity_src_gen.gene_src_tissue                    ? 
_entity_src_gen.gene_src_tissue_fraction           ? 
_entity_src_gen.gene_src_details                   ? 
_entity_src_gen.pdbx_gene_src_fragment             ? 
_entity_src_gen.pdbx_gene_src_scientific_name      'Mycobacterium tuberculosis' 
_entity_src_gen.pdbx_gene_src_ncbi_taxonomy_id     1773 
_entity_src_gen.pdbx_gene_src_variant              ? 
_entity_src_gen.pdbx_gene_src_cell_line            ? 
_entity_src_gen.pdbx_gene_src_atcc                 ? 
_entity_src_gen.pdbx_gene_src_organ                ? 
_entity_src_gen.pdbx_gene_src_organelle            ? 
_entity_src_gen.pdbx_gene_src_cell                 ? 
_entity_src_gen.pdbx_gene_src_cellular_location    ? 
_entity_src_gen.host_org_common_name               ? 
_entity_src_gen.pdbx_host_org_scientific_name      'Escherichia coli BL21(DE3)' 
_entity_src_gen.pdbx_host_org_ncbi_taxonomy_id     469008 
_entity_src_gen.host_org_genus                     Escherichia 
_entity_src_gen.pdbx_host_org_gene                 ? 
_entity_src_gen.pdbx_host_org_organ                ? 
_entity_src_gen.host_org_species                   'Escherichia coli' 
_entity_src_gen.pdbx_host_org_tissue               ? 
_entity_src_gen.pdbx_host_org_tissue_fraction      ? 
_entity_src_gen.pdbx_host_org_strain               BL21DE3 
_entity_src_gen.pdbx_host_org_variant              ? 
_entity_src_gen.pdbx_host_org_cell_line            ? 
_entity_src_gen.pdbx_host_org_atcc                 ? 
_entity_src_gen.pdbx_host_org_culture_collection   ? 
_entity_src_gen.pdbx_host_org_cell                 ? 
_entity_src_gen.pdbx_host_org_organelle            ? 
_entity_src_gen.pdbx_host_org_cellular_location    ? 
_entity_src_gen.pdbx_host_org_vector_type          pET28b 
_entity_src_gen.pdbx_host_org_vector               plasmid 
_entity_src_gen.host_org_details                   ? 
_entity_src_gen.expression_system_id               ? 
_entity_src_gen.plasmid_name                       ? 
_entity_src_gen.plasmid_details                    ? 
_entity_src_gen.pdbx_description                   ? 
# 
loop_
_chem_comp.id 
_chem_comp.type 
_chem_comp.mon_nstd_flag 
_chem_comp.name 
_chem_comp.pdbx_synonyms 
_chem_comp.formula 
_chem_comp.formula_weight 
ALA 'L-peptide linking' y ALANINE         ? 'C3 H7 N O2'     89.093  
ARG 'L-peptide linking' y ARGININE        ? 'C6 H15 N4 O2 1' 175.209 
ASN 'L-peptide linking' y ASPARAGINE      ? 'C4 H8 N2 O3'    132.118 
ASP 'L-peptide linking' y 'ASPARTIC ACID' ? 'C4 H7 N O4'     133.103 
CYS 'L-peptide linking' y CYSTEINE        ? 'C3 H7 N O2 S'   121.158 
GLN 'L-peptide linking' y GLUTAMINE       ? 'C5 H10 N2 O3'   146.144 
GLU 'L-peptide linking' y 'GLUTAMIC ACID' ? 'C5 H9 N O4'     147.129 
GLY 'peptide linking'   y GLYCINE         ? 'C2 H5 N O2'     75.067  
HIS 'L-peptide linking' y HISTIDINE       ? 'C6 H10 N3 O2 1' 156.162 
HOH non-polymer         . WATER           ? 'H2 O'           18.015  
ILE 'L-peptide linking' y ISOLEUCINE      ? 'C6 H13 N O2'    131.173 
LEU 'L-peptide linking' y LEUCINE         ? 'C6 H13 N O2'    131.173 
LYS 'L-peptide linking' y LYSINE          ? 'C6 H15 N2 O2 1' 147.195 
MET 'L-peptide linking' y METHIONINE      ? 'C5 H11 N O2 S'  149.211 
PHE 'L-peptide linking' y PHENYLALANINE   ? 'C9 H11 N O2'    165.189 
PLM non-polymer         . 'PALMITIC ACID' ? 'C16 H32 O2'     256.424 
PRO 'L-peptide linking' y PROLINE         ? 'C5 H9 N O2'     115.130 
SER 'L-peptide linking' y SERINE          ? 'C3 H7 N O3'     105.093 
THR 'L-peptide linking' y THREONINE       ? 'C4 H9 N O3'     119.119 
TRP 'L-peptide linking' y TRYPTOPHAN      ? 'C11 H12 N2 O2'  204.225 
TYR 'L-peptide linking' y TYROSINE        ? 'C9 H11 N O3'    181.189 
VAL 'L-peptide linking' y VALINE          ? 'C5 H11 N O2'    117.146 
# 
loop_
_pdbx_poly_seq_scheme.asym_id 
_pdbx_poly_seq_scheme.entity_id 
_pdbx_poly_seq_scheme.seq_id 
_pdbx_poly_seq_scheme.mon_id 
_pdbx_poly_seq_scheme.ndb_seq_num 
_pdbx_poly_seq_scheme.pdb_seq_num 
_pdbx_poly_seq_scheme.auth_seq_num 
_pdbx_poly_seq_scheme.pdb_mon_id 
_pdbx_poly_seq_scheme.auth_mon_id 
_pdbx_poly_seq_scheme.pdb_strand_id 
_pdbx_poly_seq_scheme.pdb_ins_code 
_pdbx_poly_seq_scheme.hetero 
A 1 1   MET 1   1   ?   ?   ?   A . n 
A 1 2   SER 2   2   ?   ?   ?   A . n 
A 1 3   HIS 3   3   ?   ?   ?   A . n 
A 1 4   THR 4   4   ?   ?   ?   A . n 
A 1 5   ASP 5   5   ?   ?   ?   A . n 
A 1 6   LEU 6   6   ?   ?   ?   A . n 
A 1 7   THR 7   7   ?   ?   ?   A . n 
A 1 8   PRO 8   8   ?   ?   ?   A . n 
A 1 9   CYS 9   9   ?   ?   ?   A . n 
A 1 10  THR 10  10  ?   ?   ?   A . n 
A 1 11  ARG 11  11  ?   ?   ?   A . n 
A 1 12  VAL 12  12  ?   ?   ?   A . n 
A 1 13  LEU 13  13  ?   ?   ?   A . n 
A 1 14  ALA 14  14  ?   ?   ?   A . n 
A 1 15  SER 15  15  ?   ?   ?   A . n 
A 1 16  SER 16  16  ?   ?   ?   A . n 
A 1 17  GLY 17  17  ?   ?   ?   A . n 
A 1 18  THR 18  18  ?   ?   ?   A . n 
A 1 19  VAL 19  19  ?   ?   ?   A . n 
A 1 20  PRO 20  20  20  PRO PRO A . n 
A 1 21  ILE 21  21  21  ILE ILE A . n 
A 1 22  ALA 22  22  22  ALA ALA A . n 
A 1 23  GLU 23  23  23  GLU GLU A . n 
A 1 24  GLU 24  24  24  GLU GLU A . n 
A 1 25  LEU 25  25  25  LEU LEU A . n 
A 1 26  LEU 26  26  26  LEU LEU A . n 
A 1 27  ALA 27  27  27  ALA ALA A . n 
A 1 28  ARG 28  28  28  ARG ARG A . n 
A 1 29  VAL 29  29  29  VAL VAL A . n 
A 1 30  LEU 30  30  30  LEU LEU A . n 
A 1 31  GLU 31  31  31  GLU GLU A . n 
A 1 32  PRO 32  32  32  PRO PRO A . n 
A 1 33  TYR 33  33  33  TYR TYR A . n 
A 1 34  SER 34  34  34  SER SER A . n 
A 1 35  CYS 35  35  35  CYS CYS A . n 
A 1 36  LYS 36  36  36  LYS LYS A . n 
A 1 37  GLY 37  37  37  GLY GLY A . n 
A 1 38  CYS 38  38  38  CYS CYS A . n 
A 1 39  ARG 39  39  39  ARG ARG A . n 
A 1 40  TYR 40  40  40  TYR TYR A . n 
A 1 41  LEU 41  41  41  LEU LEU A . n 
A 1 42  ILE 42  42  42  ILE ILE A . n 
A 1 43  ASP 43  43  43  ASP ASP A . n 
A 1 44  ALA 44  44  44  ALA ALA A . n 
A 1 45  GLN 45  45  45  GLN GLN A . n 
A 1 46  TYR 46  46  46  TYR TYR A . n 
A 1 47  SER 47  47  47  SER SER A . n 
A 1 48  ALA 48  48  48  ALA ALA A . n 
A 1 49  THR 49  49  49  THR THR A . n 
A 1 50  GLU 50  50  50  GLU GLU A . n 
A 1 51  ASP 51  51  51  ASP ASP A . n 
A 1 52  SER 52  52  52  SER SER A . n 
A 1 53  VAL 53  53  53  VAL VAL A . n 
A 1 54  LEU 54  54  54  LEU LEU A . n 
A 1 55  ALA 55  55  55  ALA ALA A . n 
A 1 56  TYR 56  56  56  TYR TYR A . n 
A 1 57  GLY 57  57  57  GLY GLY A . n 
A 1 58  ASN 58  58  58  ASN ASN A . n 
A 1 59  PHE 59  59  59  PHE PHE A . n 
A 1 60  THR 60  60  60  THR THR A . n 
A 1 61  ILE 61  61  61  ILE ILE A . n 
A 1 62  GLY 62  62  62  GLY GLY A . n 
A 1 63  GLU 63  63  63  GLU GLU A . n 
A 1 64  SER 64  64  64  SER SER A . n 
A 1 65  ALA 65  65  65  ALA ALA A . n 
A 1 66  TYR 66  66  66  TYR TYR A . n 
A 1 67  ILE 67  67  67  ILE ILE A . n 
A 1 68  ARG 68  68  68  ARG ARG A . n 
A 1 69  SER 69  69  69  SER SER A . n 
A 1 70  THR 70  70  70  THR THR A . n 
A 1 71  GLY 71  71  71  GLY GLY A . n 
A 1 72  HIS 72  72  72  HIS HIS A . n 
A 1 73  PHE 73  73  73  PHE PHE A . n 
A 1 74  ASN 74  74  74  ASN ASN A . n 
A 1 75  ALA 75  75  75  ALA ALA A . n 
A 1 76  VAL 76  76  76  VAL VAL A . n 
A 1 77  GLU 77  77  77  GLU GLU A . n 
A 1 78  LEU 78  78  78  LEU LEU A . n 
A 1 79  ILE 79  79  79  ILE ILE A . n 
A 1 80  LEU 80  80  80  LEU LEU A . n 
A 1 81  CYS 81  81  81  CYS CYS A . n 
A 1 82  PHE 82  82  82  PHE PHE A . n 
A 1 83  ASN 83  83  83  ASN ASN A . n 
A 1 84  GLN 84  84  84  GLN GLN A . n 
A 1 85  LEU 85  85  85  LEU LEU A . n 
A 1 86  ALA 86  86  86  ALA ALA A . n 
A 1 87  TYR 87  87  87  TYR TYR A . n 
A 1 88  SER 88  88  88  SER SER A . n 
A 1 89  ALA 89  89  89  ALA ALA A . n 
A 1 90  PHE 90  90  90  PHE PHE A . n 
A 1 91  ALA 91  91  91  ALA ALA A . n 
A 1 92  PRO 92  92  92  PRO PRO A . n 
A 1 93  ALA 93  93  93  ALA ALA A . n 
A 1 94  VAL 94  94  94  VAL VAL A . n 
A 1 95  LEU 95  95  95  LEU LEU A . n 
A 1 96  ASN 96  96  96  ASN ASN A . n 
A 1 97  GLU 97  97  97  GLU GLU A . n 
A 1 98  GLU 98  98  98  GLU GLU A . n 
A 1 99  ILE 99  99  99  ILE ILE A . n 
A 1 100 ARG 100 100 100 ARG ARG A . n 
A 1 101 VAL 101 101 101 VAL VAL A . n 
A 1 102 LEU 102 102 102 LEU LEU A . n 
A 1 103 ARG 103 103 103 ARG ARG A . n 
A 1 104 GLY 104 104 104 GLY GLY A . n 
A 1 105 TRP 105 105 105 TRP TRP A . n 
A 1 106 SER 106 106 106 SER SER A . n 
A 1 107 ILE 107 107 107 ILE ILE A . n 
A 1 108 ASP 108 108 108 ASP ASP A . n 
A 1 109 ASP 109 109 109 ASP ASP A . n 
A 1 110 TYR 110 110 110 TYR TYR A . n 
A 1 111 CYS 111 111 111 CYS CYS A . n 
A 1 112 GLN 112 112 112 GLN GLN A . n 
A 1 113 HIS 113 113 113 HIS HIS A . n 
A 1 114 GLN 114 114 114 GLN GLN A . n 
A 1 115 LEU 115 115 115 LEU LEU A . n 
A 1 116 SER 116 116 116 SER SER A . n 
A 1 117 SER 117 117 117 SER SER A . n 
A 1 118 MET 118 118 118 MET MET A . n 
A 1 119 LEU 119 119 119 LEU LEU A . n 
A 1 120 ILE 120 120 120 ILE ILE A . n 
A 1 121 ARG 121 121 121 ARG ARG A . n 
A 1 122 LYS 122 122 122 LYS LYS A . n 
A 1 123 ALA 123 123 123 ALA ALA A . n 
A 1 124 SER 124 124 124 SER SER A . n 
A 1 125 SER 125 125 125 SER SER A . n 
A 1 126 ARG 126 126 126 ARG ARG A . n 
A 1 127 PHE 127 127 127 PHE PHE A . n 
A 1 128 ARG 128 128 128 ARG ARG A . n 
A 1 129 LYS 129 129 129 LYS LYS A . n 
A 1 130 PRO 130 130 130 PRO PRO A . n 
A 1 131 LEU 131 131 131 LEU LEU A . n 
A 1 132 ASN 132 132 132 ASN ASN A . n 
A 1 133 PRO 133 133 133 PRO PRO A . n 
A 1 134 GLN 134 134 134 GLN GLN A . n 
A 1 135 LYS 135 135 135 LYS LYS A . n 
A 1 136 PHE 136 136 136 PHE PHE A . n 
A 1 137 SER 137 137 137 SER SER A . n 
A 1 138 ALA 138 138 138 ALA ALA A . n 
A 1 139 ARG 139 139 139 ARG ARG A . n 
A 1 140 LEU 140 140 140 LEU LEU A . n 
A 1 141 LEU 141 141 141 LEU LEU A . n 
A 1 142 CYS 142 142 142 CYS CYS A . n 
A 1 143 ARG 143 143 143 ARG ARG A . n 
A 1 144 ASP 144 144 144 ASP ASP A . n 
A 1 145 LEU 145 145 145 LEU LEU A . n 
A 1 146 GLN 146 146 146 GLN GLN A . n 
A 1 147 VAL 147 147 147 VAL VAL A . n 
A 1 148 ILE 148 148 148 ILE ILE A . n 
A 1 149 GLU 149 149 ?   ?   ?   A . n 
A 1 150 ARG 150 150 ?   ?   ?   A . n 
A 1 151 THR 151 151 ?   ?   ?   A . n 
A 1 152 TRP 152 152 152 TRP TRP A . n 
A 1 153 ARG 153 153 153 ARG ARG A . n 
A 1 154 TYR 154 154 154 TYR TYR A . n 
A 1 155 LEU 155 155 155 LEU LEU A . n 
A 1 156 LYS 156 156 156 LYS LYS A . n 
A 1 157 VAL 157 157 157 VAL VAL A . n 
A 1 158 PRO 158 158 158 PRO PRO A . n 
A 1 159 CYS 159 159 159 CYS CYS A . n 
A 1 160 VAL 160 160 160 VAL VAL A . n 
A 1 161 ILE 161 161 161 ILE ILE A . n 
A 1 162 GLU 162 162 162 GLU GLU A . n 
A 1 163 PHE 163 163 163 PHE PHE A . n 
A 1 164 TRP 164 164 164 TRP TRP A . n 
A 1 165 ASP 165 165 165 ASP ASP A . n 
A 1 166 GLU 166 166 ?   ?   ?   A . n 
A 1 167 ASN 167 167 167 ASN ASN A . n 
A 1 168 GLY 168 168 168 GLY GLY A . n 
A 1 169 GLY 169 169 169 GLY GLY A . n 
A 1 170 ALA 170 170 170 ALA ALA A . n 
A 1 171 ALA 171 171 171 ALA ALA A . n 
A 1 172 SER 172 172 172 SER SER A . n 
A 1 173 GLY 173 173 173 GLY GLY A . n 
A 1 174 GLU 174 174 174 GLU GLU A . n 
A 1 175 ILE 175 175 175 ILE ILE A . n 
A 1 176 GLU 176 176 176 GLU GLU A . n 
A 1 177 LEU 177 177 177 LEU LEU A . n 
A 1 178 ALA 178 178 178 ALA ALA A . n 
A 1 179 ALA 179 179 179 ALA ALA A . n 
A 1 180 LEU 180 180 180 LEU LEU A . n 
A 1 181 ASN 181 181 181 ASN ASN A . n 
A 1 182 ILE 182 182 182 ILE ILE A . n 
A 1 183 PRO 183 183 183 PRO PRO A . n 
# 
loop_
_pdbx_nonpoly_scheme.asym_id 
_pdbx_nonpoly_scheme.entity_id 
_pdbx_nonpoly_scheme.mon_id 
_pdbx_nonpoly_scheme.ndb_seq_num 
_pdbx_nonpoly_scheme.pdb_seq_num 
_pdbx_nonpoly_scheme.auth_seq_num 
_pdbx_nonpoly_scheme.pdb_mon_id 
_pdbx_nonpoly_scheme.auth_mon_id 
_pdbx_nonpoly_scheme.pdb_strand_id 
_pdbx_nonpoly_scheme.pdb_ins_code 
B 2 PLM 1  184 184 PLM FAT A . 
C 3 HOH 1  185 185 HOH HOH A . 
C 3 HOH 2  186 186 HOH HOH A . 
C 3 HOH 3  187 187 HOH HOH A . 
C 3 HOH 4  188 188 HOH HOH A . 
C 3 HOH 5  189 189 HOH HOH A . 
C 3 HOH 6  190 190 HOH HOH A . 
C 3 HOH 7  191 191 HOH HOH A . 
C 3 HOH 8  192 192 HOH HOH A . 
C 3 HOH 9  193 193 HOH HOH A . 
C 3 HOH 10 194 194 HOH HOH A . 
C 3 HOH 11 195 195 HOH HOH A . 
C 3 HOH 12 196 196 HOH HOH A . 
C 3 HOH 13 197 197 HOH HOH A . 
C 3 HOH 14 198 198 HOH HOH A . 
C 3 HOH 15 199 199 HOH HOH A . 
C 3 HOH 16 200 200 HOH HOH A . 
C 3 HOH 17 201 201 HOH HOH A . 
C 3 HOH 18 202 202 HOH HOH A . 
C 3 HOH 19 203 203 HOH HOH A . 
C 3 HOH 20 204 204 HOH HOH A . 
C 3 HOH 21 205 205 HOH HOH A . 
C 3 HOH 22 206 206 HOH HOH A . 
C 3 HOH 23 207 207 HOH HOH A . 
C 3 HOH 24 208 208 HOH HOH A . 
# 
loop_
_pdbx_unobs_or_zero_occ_atoms.id 
_pdbx_unobs_or_zero_occ_atoms.PDB_model_num 
_pdbx_unobs_or_zero_occ_atoms.polymer_flag 
_pdbx_unobs_or_zero_occ_atoms.occupancy_flag 
_pdbx_unobs_or_zero_occ_atoms.auth_asym_id 
_pdbx_unobs_or_zero_occ_atoms.auth_comp_id 
_pdbx_unobs_or_zero_occ_atoms.auth_seq_id 
_pdbx_unobs_or_zero_occ_atoms.PDB_ins_code 
_pdbx_unobs_or_zero_occ_atoms.auth_atom_id 
_pdbx_unobs_or_zero_occ_atoms.label_alt_id 
_pdbx_unobs_or_zero_occ_atoms.label_asym_id 
_pdbx_unobs_or_zero_occ_atoms.label_comp_id 
_pdbx_unobs_or_zero_occ_atoms.label_seq_id 
_pdbx_unobs_or_zero_occ_atoms.label_atom_id 
1 1 N 1 A PLM 184 ? CD ? B PLM 1 CD 
2 1 N 1 A PLM 184 ? CE ? B PLM 1 CE 
3 1 N 1 A PLM 184 ? CF ? B PLM 1 CF 
4 1 N 1 A PLM 184 ? CG ? B PLM 1 CG 
# 
loop_
_software.name 
_software.classification 
_software.version 
_software.citation_id 
_software.pdbx_ordinal 
REFMAC   refinement       5.2.0019 ? 1 
HKL-2000 'data reduction' .        ? 2 
HKL-2000 'data scaling'   .        ? 3 
SHARP    phasing          .        ? 4 
# 
_cell.entry_id           2PFC 
_cell.length_a           101.767 
_cell.length_b           101.767 
_cell.length_c           101.767 
_cell.angle_alpha        90.00 
_cell.angle_beta         90.00 
_cell.angle_gamma        90.00 
_cell.Z_PDB              24 
_cell.pdbx_unique_axis   ? 
_cell.length_a_esd       ? 
_cell.length_b_esd       ? 
_cell.length_c_esd       ? 
_cell.angle_alpha_esd    ? 
_cell.angle_beta_esd     ? 
_cell.angle_gamma_esd    ? 
# 
_symmetry.entry_id                         2PFC 
_symmetry.space_group_name_H-M             'I 21 3' 
_symmetry.pdbx_full_space_group_name_H-M   ? 
_symmetry.cell_setting                     ? 
_symmetry.Int_Tables_number                199 
_symmetry.space_group_name_Hall            ? 
# 
_exptl.entry_id          2PFC 
_exptl.method            'X-RAY DIFFRACTION' 
_exptl.crystals_number   1 
# 
_exptl_crystal.id                    1 
_exptl_crystal.density_meas          ? 
_exptl_crystal.density_Matthews      2.14 
_exptl_crystal.density_percent_sol   42.42 
_exptl_crystal.description           ? 
_exptl_crystal.F_000                 ? 
_exptl_crystal.preparation           ? 
# 
_exptl_crystal_grow.crystal_id      1 
_exptl_crystal_grow.method          'VAPOR DIFFUSION, HANGING DROP' 
_exptl_crystal_grow.temp            289 
_exptl_crystal_grow.temp_details    ? 
_exptl_crystal_grow.pH              7.5 
_exptl_crystal_grow.pdbx_details    
'0.1 M Hepes, 15% isopropanol, 0.2M NaCl, pH 7.5, VAPOR DIFFUSION, HANGING DROP, temperature 289K' 
_exptl_crystal_grow.pdbx_pH_range   . 
# 
_diffrn.id                     1 
_diffrn.ambient_temp           121 
_diffrn.ambient_temp_details   ? 
_diffrn.crystal_id             1 
# 
_diffrn_detector.diffrn_id              1 
_diffrn_detector.detector               CCD 
_diffrn_detector.type                   'MAR CCD 165 mm' 
_diffrn_detector.pdbx_collection_date   ? 
_diffrn_detector.details                ? 
# 
_diffrn_radiation.diffrn_id                        1 
_diffrn_radiation.wavelength_id                    1 
_diffrn_radiation.pdbx_monochromatic_or_laue_m_l   M 
_diffrn_radiation.monochromator                    ? 
_diffrn_radiation.pdbx_diffrn_protocol             'SINGLE WAVELENGTH' 
_diffrn_radiation.pdbx_scattering_type             x-ray 
# 
_diffrn_radiation_wavelength.id           1 
_diffrn_radiation_wavelength.wavelength   . 
_diffrn_radiation_wavelength.wt           1.0 
# 
_diffrn_source.diffrn_id                   1 
_diffrn_source.source                      SYNCHROTRON 
_diffrn_source.type                        'APS BEAMLINE 23-ID-B' 
_diffrn_source.pdbx_synchrotron_site       APS 
_diffrn_source.pdbx_synchrotron_beamline   23-ID-B 
_diffrn_source.pdbx_wavelength             ? 
_diffrn_source.pdbx_wavelength_list        ? 
# 
_reflns.entry_id                     2PFC 
_reflns.observed_criterion_sigma_F   ? 
_reflns.observed_criterion_sigma_I   ? 
_reflns.d_resolution_high            2.19 
_reflns.d_resolution_low             41.56 
_reflns.number_all                   ? 
_reflns.number_obs                   7549 
_reflns.percent_possible_obs         ? 
_reflns.pdbx_Rmerge_I_obs            0.081 
_reflns.pdbx_Rsym_value              0.084 
_reflns.pdbx_netI_over_sigmaI        ? 
_reflns.B_iso_Wilson_estimate        ? 
_reflns.pdbx_redundancy              12.2 
_reflns.R_free_details               ? 
_reflns.limit_h_max                  ? 
_reflns.limit_h_min                  ? 
_reflns.limit_k_max                  ? 
_reflns.limit_k_min                  ? 
_reflns.limit_l_max                  ? 
_reflns.limit_l_min                  ? 
_reflns.observed_criterion_F_max     ? 
_reflns.observed_criterion_F_min     ? 
_reflns.pdbx_chi_squared             ? 
_reflns.pdbx_scaling_rejects         ? 
_reflns.pdbx_diffrn_id               1 
_reflns.pdbx_ordinal                 1 
# 
_refine.entry_id                                 2PFC 
_refine.ls_number_reflns_obs                     7549 
_refine.ls_number_reflns_all                     ? 
_refine.pdbx_ls_sigma_I                          ? 
_refine.pdbx_ls_sigma_F                          ? 
_refine.pdbx_data_cutoff_high_absF               ? 
_refine.pdbx_data_cutoff_low_absF                ? 
_refine.pdbx_data_cutoff_high_rms_absF           ? 
_refine.ls_d_res_low                             41.56 
_refine.ls_d_res_high                            2.30 
_refine.ls_percent_reflns_obs                    100.00 
_refine.ls_R_factor_obs                          0.2368 
_refine.ls_R_factor_all                          ? 
_refine.ls_R_factor_R_work                       0.23506 
_refine.ls_R_factor_R_free                       0.27311 
_refine.ls_R_factor_R_free_error                 ? 
_refine.ls_R_factor_R_free_error_details         ? 
_refine.ls_percent_reflns_R_free                 4.8 
_refine.ls_number_reflns_R_free                  378 
_refine.ls_number_parameters                     ? 
_refine.ls_number_restraints                     ? 
_refine.occupancy_min                            ? 
_refine.occupancy_max                            ? 
_refine.correlation_coeff_Fo_to_Fc               0.940 
_refine.correlation_coeff_Fo_to_Fc_free          0.947 
_refine.B_iso_mean                               53.694 
_refine.aniso_B[1][1]                            ? 
_refine.aniso_B[2][2]                            ? 
_refine.aniso_B[3][3]                            ? 
_refine.aniso_B[1][2]                            ? 
_refine.aniso_B[1][3]                            ? 
_refine.aniso_B[2][3]                            ? 
_refine.solvent_model_details                    MASK 
_refine.solvent_model_param_ksol                 ? 
_refine.solvent_model_param_bsol                 ? 
_refine.pdbx_solvent_vdw_probe_radii             1.40 
_refine.pdbx_solvent_ion_probe_radii             0.80 
_refine.pdbx_solvent_shrinkage_radii             0.80 
_refine.pdbx_ls_cross_valid_method               THROUGHOUT 
_refine.details                                  'HYDROGENS HAVE BEEN ADDED IN THE RIDING POSITIONS' 
_refine.pdbx_starting_model                      ? 
_refine.pdbx_method_to_determine_struct          ? 
_refine.pdbx_isotropic_thermal_model             ? 
_refine.pdbx_stereochemistry_target_values       'MAXIMUM LIKELIHOOD' 
_refine.pdbx_stereochem_target_val_spec_case     ? 
_refine.pdbx_R_Free_selection_details            RANDOM 
_refine.pdbx_overall_ESU_R                       0.415 
_refine.pdbx_overall_ESU_R_Free                  0.266 
_refine.overall_SU_ML                            0.210 
_refine.overall_SU_B                             8.423 
_refine.ls_redundancy_reflns_obs                 ? 
_refine.B_iso_min                                ? 
_refine.B_iso_max                                ? 
_refine.overall_SU_R_Cruickshank_DPI             ? 
_refine.overall_SU_R_free                        ? 
_refine.ls_wR_factor_R_free                      ? 
_refine.ls_wR_factor_R_work                      ? 
_refine.overall_FOM_free_R_set                   ? 
_refine.overall_FOM_work_R_set                   ? 
_refine.pdbx_overall_phase_error                 ? 
_refine.pdbx_refine_id                           'X-RAY DIFFRACTION' 
_refine.pdbx_diffrn_id                           1 
_refine.pdbx_TLS_residual_ADP_flag               ? 
_refine.pdbx_overall_SU_R_free_Cruickshank_DPI   ? 
_refine.pdbx_overall_SU_R_Blow_DPI               ? 
_refine.pdbx_overall_SU_R_free_Blow_DPI          ? 
# 
_refine_hist.pdbx_refine_id                   'X-RAY DIFFRACTION' 
_refine_hist.cycle_id                         LAST 
_refine_hist.pdbx_number_atoms_protein        1272 
_refine_hist.pdbx_number_atoms_nucleic_acid   0 
_refine_hist.pdbx_number_atoms_ligand         14 
_refine_hist.number_atoms_solvent             24 
_refine_hist.number_atoms_total               1310 
_refine_hist.d_res_high                       2.30 
_refine_hist.d_res_low                        41.56 
# 
loop_
_refine_ls_restr.type 
_refine_ls_restr.dev_ideal 
_refine_ls_restr.dev_ideal_target 
_refine_ls_restr.weight 
_refine_ls_restr.number 
_refine_ls_restr.pdbx_refine_id 
_refine_ls_restr.pdbx_restraint_function 
r_bond_refined_d             0.018  0.022  ? 1313 'X-RAY DIFFRACTION' ? 
r_bond_other_d               ?      ?      ? ?    'X-RAY DIFFRACTION' ? 
r_angle_refined_deg          2.131  1.968  ? 1774 'X-RAY DIFFRACTION' ? 
r_angle_other_deg            ?      ?      ? ?    'X-RAY DIFFRACTION' ? 
r_dihedral_angle_1_deg       16.070 5.000  ? 157  'X-RAY DIFFRACTION' ? 
r_dihedral_angle_2_deg       38.697 23.115 ? 61   'X-RAY DIFFRACTION' ? 
r_dihedral_angle_3_deg       19.290 15.000 ? 215  'X-RAY DIFFRACTION' ? 
r_dihedral_angle_4_deg       15.154 15.000 ? 11   'X-RAY DIFFRACTION' ? 
r_chiral_restr               0.161  0.200  ? 194  'X-RAY DIFFRACTION' ? 
r_gen_planes_refined         0.007  0.020  ? 994  'X-RAY DIFFRACTION' ? 
r_gen_planes_other           ?      ?      ? ?    'X-RAY DIFFRACTION' ? 
r_nbd_refined                0.276  0.200  ? 595  'X-RAY DIFFRACTION' ? 
r_nbd_other                  ?      ?      ? ?    'X-RAY DIFFRACTION' ? 
r_nbtor_refined              0.321  0.200  ? 870  'X-RAY DIFFRACTION' ? 
r_nbtor_other                ?      ?      ? ?    'X-RAY DIFFRACTION' ? 
r_xyhbond_nbd_refined        0.167  0.200  ? 45   'X-RAY DIFFRACTION' ? 
r_xyhbond_nbd_other          ?      ?      ? ?    'X-RAY DIFFRACTION' ? 
r_metal_ion_refined          ?      ?      ? ?    'X-RAY DIFFRACTION' ? 
r_metal_ion_other            ?      ?      ? ?    'X-RAY DIFFRACTION' ? 
r_symmetry_vdw_refined       0.286  0.200  ? 29   'X-RAY DIFFRACTION' ? 
r_symmetry_vdw_other         ?      ?      ? ?    'X-RAY DIFFRACTION' ? 
r_symmetry_hbond_refined     0.152  0.200  ? 3    'X-RAY DIFFRACTION' ? 
r_symmetry_hbond_other       ?      ?      ? ?    'X-RAY DIFFRACTION' ? 
r_symmetry_metal_ion_refined ?      ?      ? ?    'X-RAY DIFFRACTION' ? 
r_symmetry_metal_ion_other   ?      ?      ? ?    'X-RAY DIFFRACTION' ? 
r_mcbond_it                  1.096  1.500  ? 824  'X-RAY DIFFRACTION' ? 
r_mcbond_other               ?      ?      ? ?    'X-RAY DIFFRACTION' ? 
r_mcangle_it                 1.758  2.000  ? 1275 'X-RAY DIFFRACTION' ? 
r_scbond_it                  2.577  3.000  ? 571  'X-RAY DIFFRACTION' ? 
r_scangle_it                 3.873  4.500  ? 499  'X-RAY DIFFRACTION' ? 
r_rigid_bond_restr           ?      ?      ? ?    'X-RAY DIFFRACTION' ? 
r_sphericity_free            ?      ?      ? ?    'X-RAY DIFFRACTION' ? 
r_sphericity_bonded          ?      ?      ? ?    'X-RAY DIFFRACTION' ? 
# 
_refine_ls_shell.pdbx_total_number_of_bins_used   20 
_refine_ls_shell.d_res_high                       2.30 
_refine_ls_shell.d_res_low                        2.362 
_refine_ls_shell.number_reflns_R_work             538 
_refine_ls_shell.R_factor_R_work                  0.271 
_refine_ls_shell.percent_reflns_obs               100.00 
_refine_ls_shell.R_factor_R_free                  0.32 
_refine_ls_shell.R_factor_R_free_error            ? 
_refine_ls_shell.percent_reflns_R_free            ? 
_refine_ls_shell.number_reflns_R_free             26 
_refine_ls_shell.number_reflns_all                ? 
_refine_ls_shell.R_factor_all                     ? 
_refine_ls_shell.number_reflns_obs                ? 
_refine_ls_shell.redundancy_reflns_obs            ? 
_refine_ls_shell.pdbx_refine_id                   'X-RAY DIFFRACTION' 
# 
_struct.entry_id                  2PFC 
_struct.title                     'Structure of Mycobacterium tuberculosis Rv0098' 
_struct.pdbx_model_details        ? 
_struct.pdbx_CASP_flag            ? 
_struct.pdbx_model_type_details   ? 
# 
_struct_keywords.entry_id        2PFC 
_struct_keywords.pdbx_keywords   'UNKNOWN FUNCTION' 
_struct_keywords.text            'tuberculosis, thioesterase, virulence, UNKNOWN FUNCTION' 
# 
loop_
_struct_asym.id 
_struct_asym.pdbx_blank_PDB_chainid_flag 
_struct_asym.pdbx_modified 
_struct_asym.entity_id 
_struct_asym.details 
A N N 1 ? 
B N N 2 ? 
C N N 3 ? 
# 
_struct_ref.id                         1 
_struct_ref.db_name                    UNP 
_struct_ref.db_code                    Y098_MYCTU 
_struct_ref.pdbx_db_accession          P64685 
_struct_ref.entity_id                  1 
_struct_ref.pdbx_seq_one_letter_code   
;MSHTDLTPCTRVLASSGTVPIAEELLARVLEPYSCKGCRYLIDAQYSATEDSVLAYGNFTIGESAYIRSTGHFNAVELIL
CFNQLAYSAFAPAVLNEEIRVLRGWSIDDYCQHQLSSMLIRKASSRFRKPLNPQKFSARLLCRDLQVIERTWRYLKVPCV
IEFWDENGGAASGEIELAALNIP
;
_struct_ref.pdbx_align_begin           1 
_struct_ref.pdbx_db_isoform            ? 
# 
_struct_ref_seq.align_id                      1 
_struct_ref_seq.ref_id                        1 
_struct_ref_seq.pdbx_PDB_id_code              2PFC 
_struct_ref_seq.pdbx_strand_id                A 
_struct_ref_seq.seq_align_beg                 1 
_struct_ref_seq.pdbx_seq_align_beg_ins_code   ? 
_struct_ref_seq.seq_align_end                 183 
_struct_ref_seq.pdbx_seq_align_end_ins_code   ? 
_struct_ref_seq.pdbx_db_accession             P64685 
_struct_ref_seq.db_align_beg                  1 
_struct_ref_seq.pdbx_db_align_beg_ins_code    ? 
_struct_ref_seq.db_align_end                  183 
_struct_ref_seq.pdbx_db_align_end_ins_code    ? 
_struct_ref_seq.pdbx_auth_seq_align_beg       1 
_struct_ref_seq.pdbx_auth_seq_align_end       183 
# 
_pdbx_struct_assembly.id                   1 
_pdbx_struct_assembly.details              author_defined_assembly 
_pdbx_struct_assembly.method_details       ? 
_pdbx_struct_assembly.oligomeric_details   dimeric 
_pdbx_struct_assembly.oligomeric_count     2 
# 
_pdbx_struct_assembly_gen.assembly_id       1 
_pdbx_struct_assembly_gen.oper_expression   1,2 
_pdbx_struct_assembly_gen.asym_id_list      A,B,C 
# 
loop_
_pdbx_struct_oper_list.id 
_pdbx_struct_oper_list.type 
_pdbx_struct_oper_list.name 
_pdbx_struct_oper_list.symmetry_operation 
_pdbx_struct_oper_list.matrix[1][1] 
_pdbx_struct_oper_list.matrix[1][2] 
_pdbx_struct_oper_list.matrix[1][3] 
_pdbx_struct_oper_list.vector[1] 
_pdbx_struct_oper_list.matrix[2][1] 
_pdbx_struct_oper_list.matrix[2][2] 
_pdbx_struct_oper_list.matrix[2][3] 
_pdbx_struct_oper_list.vector[2] 
_pdbx_struct_oper_list.matrix[3][1] 
_pdbx_struct_oper_list.matrix[3][2] 
_pdbx_struct_oper_list.matrix[3][3] 
_pdbx_struct_oper_list.vector[3] 
1 'identity operation'         1_555  x,y,z         1.0000000000  0.0000000000  0.0000000000  0.0000000000  0.0000000000  1.0000000000  0.0000000000 0.0000000000  0.0000000000  0.0000000000 1.0000000000  0.0000000000   
2 'crystal symmetry operation' 14_655 -x+1,-y+1/2,z -0.7584642304 -0.4639702632 -0.4576719416 -8.3942660652 -0.4639702632 -0.1087514471 0.8791499972 14.7505759184 -0.4576719416 0.8791499972 -0.1327843225 -19.3836311571 
# 
_struct_biol.id        1 
_struct_biol.details   ? 
# 
loop_
_struct_conf.conf_type_id 
_struct_conf.id 
_struct_conf.pdbx_PDB_helix_id 
_struct_conf.beg_label_comp_id 
_struct_conf.beg_label_asym_id 
_struct_conf.beg_label_seq_id 
_struct_conf.pdbx_beg_PDB_ins_code 
_struct_conf.end_label_comp_id 
_struct_conf.end_label_asym_id 
_struct_conf.end_label_seq_id 
_struct_conf.pdbx_end_PDB_ins_code 
_struct_conf.beg_auth_comp_id 
_struct_conf.beg_auth_asym_id 
_struct_conf.beg_auth_seq_id 
_struct_conf.end_auth_comp_id 
_struct_conf.end_auth_asym_id 
_struct_conf.end_auth_seq_id 
_struct_conf.pdbx_PDB_helix_class 
_struct_conf.details 
_struct_conf.pdbx_PDB_helix_length 
HELX_P HELX_P1 1 GLU A 24  ? LEU A 30  ? GLU A 24  LEU A 30  1 ? 7  
HELX_P HELX_P2 2 LEU A 30  ? CYS A 35  ? LEU A 30  CYS A 35  1 ? 6  
HELX_P HELX_P3 3 ASN A 74  ? ASN A 96  ? ASN A 74  ASN A 96  1 ? 23 
HELX_P HELX_P4 4 ILE A 99  ? ARG A 103 ? ILE A 99  ARG A 103 5 ? 5  
HELX_P HELX_P5 5 SER A 106 ? SER A 117 ? SER A 106 SER A 117 1 ? 12 
# 
_struct_conf_type.id          HELX_P 
_struct_conf_type.criteria    ? 
_struct_conf_type.reference   ? 
# 
_struct_conn.id                            disulf1 
_struct_conn.conn_type_id                  disulf 
_struct_conn.pdbx_leaving_atom_flag        ? 
_struct_conn.pdbx_PDB_id                   ? 
_struct_conn.ptnr1_label_asym_id           A 
_struct_conn.ptnr1_label_comp_id           CYS 
_struct_conn.ptnr1_label_seq_id            142 
_struct_conn.ptnr1_label_atom_id           SG 
_struct_conn.pdbx_ptnr1_label_alt_id       ? 
_struct_conn.pdbx_ptnr1_PDB_ins_code       ? 
_struct_conn.pdbx_ptnr1_standard_comp_id   ? 
_struct_conn.ptnr1_symmetry                1_555 
_struct_conn.ptnr2_label_asym_id           A 
_struct_conn.ptnr2_label_comp_id           CYS 
_struct_conn.ptnr2_label_seq_id            159 
_struct_conn.ptnr2_label_atom_id           SG 
_struct_conn.pdbx_ptnr2_label_alt_id       ? 
_struct_conn.pdbx_ptnr2_PDB_ins_code       ? 
_struct_conn.ptnr1_auth_asym_id            A 
_struct_conn.ptnr1_auth_comp_id            CYS 
_struct_conn.ptnr1_auth_seq_id             142 
_struct_conn.ptnr2_auth_asym_id            A 
_struct_conn.ptnr2_auth_comp_id            CYS 
_struct_conn.ptnr2_auth_seq_id             159 
_struct_conn.ptnr2_symmetry                1_555 
_struct_conn.pdbx_ptnr3_label_atom_id      ? 
_struct_conn.pdbx_ptnr3_label_seq_id       ? 
_struct_conn.pdbx_ptnr3_label_comp_id      ? 
_struct_conn.pdbx_ptnr3_label_asym_id      ? 
_struct_conn.pdbx_ptnr3_label_alt_id       ? 
_struct_conn.pdbx_ptnr3_PDB_ins_code       ? 
_struct_conn.details                       ? 
_struct_conn.pdbx_dist_value               2.197 
_struct_conn.pdbx_value_order              ? 
_struct_conn.pdbx_role                     ? 
# 
_struct_conn_type.id          disulf 
_struct_conn_type.criteria    ? 
_struct_conn_type.reference   ? 
# 
_pdbx_modification_feature.ordinal                            1 
_pdbx_modification_feature.label_comp_id                      CYS 
_pdbx_modification_feature.label_asym_id                      A 
_pdbx_modification_feature.label_seq_id                       142 
_pdbx_modification_feature.label_alt_id                       ? 
_pdbx_modification_feature.modified_residue_label_comp_id     CYS 
_pdbx_modification_feature.modified_residue_label_asym_id     A 
_pdbx_modification_feature.modified_residue_label_seq_id      159 
_pdbx_modification_feature.modified_residue_label_alt_id      ? 
_pdbx_modification_feature.auth_comp_id                       CYS 
_pdbx_modification_feature.auth_asym_id                       A 
_pdbx_modification_feature.auth_seq_id                        142 
_pdbx_modification_feature.PDB_ins_code                       ? 
_pdbx_modification_feature.symmetry                           1_555 
_pdbx_modification_feature.modified_residue_auth_comp_id      CYS 
_pdbx_modification_feature.modified_residue_auth_asym_id      A 
_pdbx_modification_feature.modified_residue_auth_seq_id       159 
_pdbx_modification_feature.modified_residue_PDB_ins_code      ? 
_pdbx_modification_feature.modified_residue_symmetry          1_555 
_pdbx_modification_feature.comp_id_linking_atom               SG 
_pdbx_modification_feature.modified_residue_id_linking_atom   SG 
_pdbx_modification_feature.modified_residue_id                . 
_pdbx_modification_feature.ref_pcm_id                         . 
_pdbx_modification_feature.ref_comp_id                        . 
_pdbx_modification_feature.type                               None 
_pdbx_modification_feature.category                           'Disulfide bridge' 
# 
loop_
_struct_mon_prot_cis.pdbx_id 
_struct_mon_prot_cis.label_comp_id 
_struct_mon_prot_cis.label_seq_id 
_struct_mon_prot_cis.label_asym_id 
_struct_mon_prot_cis.label_alt_id 
_struct_mon_prot_cis.pdbx_PDB_ins_code 
_struct_mon_prot_cis.auth_comp_id 
_struct_mon_prot_cis.auth_seq_id 
_struct_mon_prot_cis.auth_asym_id 
_struct_mon_prot_cis.pdbx_label_comp_id_2 
_struct_mon_prot_cis.pdbx_label_seq_id_2 
_struct_mon_prot_cis.pdbx_label_asym_id_2 
_struct_mon_prot_cis.pdbx_PDB_ins_code_2 
_struct_mon_prot_cis.pdbx_auth_comp_id_2 
_struct_mon_prot_cis.pdbx_auth_seq_id_2 
_struct_mon_prot_cis.pdbx_auth_asym_id_2 
_struct_mon_prot_cis.pdbx_PDB_model_num 
_struct_mon_prot_cis.pdbx_omega_angle 
1 GLY 173 A . ? GLY 173 A GLU 174 A ? GLU 174 A 1 4.05  
2 ILE 182 A . ? ILE 182 A PRO 183 A ? PRO 183 A 1 21.73 
# 
loop_
_struct_sheet.id 
_struct_sheet.type 
_struct_sheet.number_strands 
_struct_sheet.details 
A ? 6 ? 
B ? 4 ? 
# 
loop_
_struct_sheet_order.sheet_id 
_struct_sheet_order.range_id_1 
_struct_sheet_order.range_id_2 
_struct_sheet_order.offset 
_struct_sheet_order.sense 
A 1 2 ? anti-parallel 
A 2 3 ? anti-parallel 
A 3 4 ? anti-parallel 
A 4 5 ? anti-parallel 
A 5 6 ? anti-parallel 
B 1 2 ? anti-parallel 
B 2 3 ? anti-parallel 
B 3 4 ? anti-parallel 
# 
loop_
_struct_sheet_range.sheet_id 
_struct_sheet_range.id 
_struct_sheet_range.beg_label_comp_id 
_struct_sheet_range.beg_label_asym_id 
_struct_sheet_range.beg_label_seq_id 
_struct_sheet_range.pdbx_beg_PDB_ins_code 
_struct_sheet_range.end_label_comp_id 
_struct_sheet_range.end_label_asym_id 
_struct_sheet_range.end_label_seq_id 
_struct_sheet_range.pdbx_end_PDB_ins_code 
_struct_sheet_range.beg_auth_comp_id 
_struct_sheet_range.beg_auth_asym_id 
_struct_sheet_range.beg_auth_seq_id 
_struct_sheet_range.end_auth_comp_id 
_struct_sheet_range.end_auth_asym_id 
_struct_sheet_range.end_auth_seq_id 
A 1 LEU A 41  ? ALA A 48  ? LEU A 41  ALA A 48  
A 2 VAL A 53  ? PHE A 59  ? VAL A 53  PHE A 59  
A 3 PHE A 136 ? CYS A 142 ? PHE A 136 CYS A 142 
A 4 TYR A 154 ? TRP A 164 ? TYR A 154 TRP A 164 
A 5 ALA A 170 ? ALA A 179 ? ALA A 170 ALA A 179 
A 6 ARG A 126 ? PHE A 127 ? ARG A 126 PHE A 127 
B 1 MET A 118 ? ALA A 123 ? MET A 118 ALA A 123 
B 2 ALA A 170 ? ALA A 179 ? ALA A 170 ALA A 179 
B 3 TYR A 154 ? TRP A 164 ? TYR A 154 TRP A 164 
B 4 GLN A 146 ? ILE A 148 ? GLN A 146 ILE A 148 
# 
loop_
_pdbx_struct_sheet_hbond.sheet_id 
_pdbx_struct_sheet_hbond.range_id_1 
_pdbx_struct_sheet_hbond.range_id_2 
_pdbx_struct_sheet_hbond.range_1_label_atom_id 
_pdbx_struct_sheet_hbond.range_1_label_comp_id 
_pdbx_struct_sheet_hbond.range_1_label_asym_id 
_pdbx_struct_sheet_hbond.range_1_label_seq_id 
_pdbx_struct_sheet_hbond.range_1_PDB_ins_code 
_pdbx_struct_sheet_hbond.range_1_auth_atom_id 
_pdbx_struct_sheet_hbond.range_1_auth_comp_id 
_pdbx_struct_sheet_hbond.range_1_auth_asym_id 
_pdbx_struct_sheet_hbond.range_1_auth_seq_id 
_pdbx_struct_sheet_hbond.range_2_label_atom_id 
_pdbx_struct_sheet_hbond.range_2_label_comp_id 
_pdbx_struct_sheet_hbond.range_2_label_asym_id 
_pdbx_struct_sheet_hbond.range_2_label_seq_id 
_pdbx_struct_sheet_hbond.range_2_PDB_ins_code 
_pdbx_struct_sheet_hbond.range_2_auth_atom_id 
_pdbx_struct_sheet_hbond.range_2_auth_comp_id 
_pdbx_struct_sheet_hbond.range_2_auth_asym_id 
_pdbx_struct_sheet_hbond.range_2_auth_seq_id 
A 1 2 N ILE A 42  ? N ILE A 42  O ASN A 58  ? O ASN A 58  
A 2 3 N PHE A 59  ? N PHE A 59  O PHE A 136 ? O PHE A 136 
A 3 4 N LEU A 141 ? N LEU A 141 O VAL A 160 ? O VAL A 160 
A 4 5 N ILE A 161 ? N ILE A 161 O GLY A 173 ? O GLY A 173 
A 5 6 O SER A 172 ? O SER A 172 N ARG A 126 ? N ARG A 126 
B 1 2 N LEU A 119 ? N LEU A 119 O ALA A 178 ? O ALA A 178 
B 2 3 O GLY A 173 ? O GLY A 173 N ILE A 161 ? N ILE A 161 
B 3 4 O LYS A 156 ? O LYS A 156 N GLN A 146 ? N GLN A 146 
# 
_struct_site.id                   AC1 
_struct_site.pdbx_evidence_code   Software 
_struct_site.pdbx_auth_asym_id    A 
_struct_site.pdbx_auth_comp_id    PLM 
_struct_site.pdbx_auth_seq_id     184 
_struct_site.pdbx_auth_ins_code   ? 
_struct_site.pdbx_num_residues    8 
_struct_site.details              'BINDING SITE FOR RESIDUE PLM A 184' 
# 
loop_
_struct_site_gen.id 
_struct_site_gen.site_id 
_struct_site_gen.pdbx_num_res 
_struct_site_gen.label_comp_id 
_struct_site_gen.label_asym_id 
_struct_site_gen.label_seq_id 
_struct_site_gen.pdbx_auth_ins_code 
_struct_site_gen.auth_comp_id 
_struct_site_gen.auth_asym_id 
_struct_site_gen.auth_seq_id 
_struct_site_gen.label_atom_id 
_struct_site_gen.label_alt_id 
_struct_site_gen.symmetry 
_struct_site_gen.details 
1 AC1 8 ASN A 83  ? ASN A 83  . ? 1_555 ? 
2 AC1 8 TYR A 87  ? TYR A 87  . ? 1_555 ? 
3 AC1 8 PHE A 90  ? PHE A 90  . ? 1_555 ? 
4 AC1 8 LEU A 102 ? LEU A 102 . ? 1_555 ? 
5 AC1 8 ALA A 179 ? ALA A 179 . ? 1_555 ? 
6 AC1 8 HOH C .   ? HOH A 185 . ? 1_555 ? 
7 AC1 8 HOH C .   ? HOH A 187 . ? 1_555 ? 
8 AC1 8 HOH C .   ? HOH A 208 . ? 1_555 ? 
# 
_pdbx_entry_details.entry_id                   2PFC 
_pdbx_entry_details.compound_details           ? 
_pdbx_entry_details.source_details             ? 
_pdbx_entry_details.nonpolymer_details         ? 
_pdbx_entry_details.sequence_details           ? 
_pdbx_entry_details.has_ligand_of_interest     ? 
_pdbx_entry_details.has_protein_modification   Y 
# 
loop_
_pdbx_validate_close_contact.id 
_pdbx_validate_close_contact.PDB_model_num 
_pdbx_validate_close_contact.auth_atom_id_1 
_pdbx_validate_close_contact.auth_asym_id_1 
_pdbx_validate_close_contact.auth_comp_id_1 
_pdbx_validate_close_contact.auth_seq_id_1 
_pdbx_validate_close_contact.PDB_ins_code_1 
_pdbx_validate_close_contact.label_alt_id_1 
_pdbx_validate_close_contact.auth_atom_id_2 
_pdbx_validate_close_contact.auth_asym_id_2 
_pdbx_validate_close_contact.auth_comp_id_2 
_pdbx_validate_close_contact.auth_seq_id_2 
_pdbx_validate_close_contact.PDB_ins_code_2 
_pdbx_validate_close_contact.label_alt_id_2 
_pdbx_validate_close_contact.dist 
1 1 O   A PHE 73  ? ? OE2 A GLU 77  ? ? 2.02 
2 1 OD2 A ASP 165 ? ? O   A GLY 168 ? ? 2.05 
# 
loop_
_pdbx_validate_rmsd_angle.id 
_pdbx_validate_rmsd_angle.PDB_model_num 
_pdbx_validate_rmsd_angle.auth_atom_id_1 
_pdbx_validate_rmsd_angle.auth_asym_id_1 
_pdbx_validate_rmsd_angle.auth_comp_id_1 
_pdbx_validate_rmsd_angle.auth_seq_id_1 
_pdbx_validate_rmsd_angle.PDB_ins_code_1 
_pdbx_validate_rmsd_angle.label_alt_id_1 
_pdbx_validate_rmsd_angle.auth_atom_id_2 
_pdbx_validate_rmsd_angle.auth_asym_id_2 
_pdbx_validate_rmsd_angle.auth_comp_id_2 
_pdbx_validate_rmsd_angle.auth_seq_id_2 
_pdbx_validate_rmsd_angle.PDB_ins_code_2 
_pdbx_validate_rmsd_angle.label_alt_id_2 
_pdbx_validate_rmsd_angle.auth_atom_id_3 
_pdbx_validate_rmsd_angle.auth_asym_id_3 
_pdbx_validate_rmsd_angle.auth_comp_id_3 
_pdbx_validate_rmsd_angle.auth_seq_id_3 
_pdbx_validate_rmsd_angle.PDB_ins_code_3 
_pdbx_validate_rmsd_angle.label_alt_id_3 
_pdbx_validate_rmsd_angle.angle_value 
_pdbx_validate_rmsd_angle.angle_target_value 
_pdbx_validate_rmsd_angle.angle_deviation 
_pdbx_validate_rmsd_angle.angle_standard_deviation 
_pdbx_validate_rmsd_angle.linker_flag 
1 1 N A LEU 155 ? ? CA A LEU 155 ? ? C  A LEU 155 ? ? 130.21 111.00 19.21  2.70 N 
2 1 C A GLY 173 ? ? N  A GLU 174 ? ? CA A GLU 174 ? ? 140.08 121.70 18.38  2.50 Y 
3 1 C A LEU 180 ? ? N  A ASN 181 ? ? CA A ASN 181 ? ? 105.73 121.70 -15.97 2.50 Y 
# 
loop_
_pdbx_validate_torsion.id 
_pdbx_validate_torsion.PDB_model_num 
_pdbx_validate_torsion.auth_comp_id 
_pdbx_validate_torsion.auth_asym_id 
_pdbx_validate_torsion.auth_seq_id 
_pdbx_validate_torsion.PDB_ins_code 
_pdbx_validate_torsion.label_alt_id 
_pdbx_validate_torsion.phi 
_pdbx_validate_torsion.psi 
1  1 GLU A 24  ? ? 86.18   -41.59  
2  1 CYS A 35  ? ? -67.65  11.39   
3  1 ASP A 51  ? ? -146.21 20.65   
4  1 GLU A 63  ? ? 171.36  161.26  
5  1 ARG A 68  ? ? -41.67  -78.94  
6  1 SER A 69  ? ? 173.65  112.79  
7  1 ASN A 74  ? ? 73.77   126.13  
8  1 ARG A 128 ? ? -104.88 -133.05 
9  1 PRO A 130 ? ? -44.62  158.70  
10 1 LYS A 135 ? ? -162.51 106.03  
11 1 LEU A 155 ? ? -52.68  98.17   
12 1 GLU A 174 ? ? 73.47   75.05   
13 1 ASN A 181 ? ? -80.55  -109.87 
14 1 ILE A 182 ? ? 77.50   142.78  
# 
loop_
_pdbx_validate_peptide_omega.id 
_pdbx_validate_peptide_omega.PDB_model_num 
_pdbx_validate_peptide_omega.auth_comp_id_1 
_pdbx_validate_peptide_omega.auth_asym_id_1 
_pdbx_validate_peptide_omega.auth_seq_id_1 
_pdbx_validate_peptide_omega.PDB_ins_code_1 
_pdbx_validate_peptide_omega.label_alt_id_1 
_pdbx_validate_peptide_omega.auth_comp_id_2 
_pdbx_validate_peptide_omega.auth_asym_id_2 
_pdbx_validate_peptide_omega.auth_seq_id_2 
_pdbx_validate_peptide_omega.PDB_ins_code_2 
_pdbx_validate_peptide_omega.label_alt_id_2 
_pdbx_validate_peptide_omega.omega 
1 1 TYR A 154 ? ? LEU A 155 ? ? 123.83 
2 1 PHE A 163 ? ? TRP A 164 ? ? 128.61 
# 
loop_
_pdbx_struct_special_symmetry.id 
_pdbx_struct_special_symmetry.PDB_model_num 
_pdbx_struct_special_symmetry.auth_asym_id 
_pdbx_struct_special_symmetry.auth_comp_id 
_pdbx_struct_special_symmetry.auth_seq_id 
_pdbx_struct_special_symmetry.PDB_ins_code 
_pdbx_struct_special_symmetry.label_asym_id 
_pdbx_struct_special_symmetry.label_comp_id 
_pdbx_struct_special_symmetry.label_seq_id 
1 1 A HOH 189 ? C HOH . 
2 1 A HOH 197 ? C HOH . 
# 
loop_
_pdbx_unobs_or_zero_occ_residues.id 
_pdbx_unobs_or_zero_occ_residues.PDB_model_num 
_pdbx_unobs_or_zero_occ_residues.polymer_flag 
_pdbx_unobs_or_zero_occ_residues.occupancy_flag 
_pdbx_unobs_or_zero_occ_residues.auth_asym_id 
_pdbx_unobs_or_zero_occ_residues.auth_comp_id 
_pdbx_unobs_or_zero_occ_residues.auth_seq_id 
_pdbx_unobs_or_zero_occ_residues.PDB_ins_code 
_pdbx_unobs_or_zero_occ_residues.label_asym_id 
_pdbx_unobs_or_zero_occ_residues.label_comp_id 
_pdbx_unobs_or_zero_occ_residues.label_seq_id 
1  1 Y 1 A MET 1   ? A MET 1   
2  1 Y 1 A SER 2   ? A SER 2   
3  1 Y 1 A HIS 3   ? A HIS 3   
4  1 Y 1 A THR 4   ? A THR 4   
5  1 Y 1 A ASP 5   ? A ASP 5   
6  1 Y 1 A LEU 6   ? A LEU 6   
7  1 Y 1 A THR 7   ? A THR 7   
8  1 Y 1 A PRO 8   ? A PRO 8   
9  1 Y 1 A CYS 9   ? A CYS 9   
10 1 Y 1 A THR 10  ? A THR 10  
11 1 Y 1 A ARG 11  ? A ARG 11  
12 1 Y 1 A VAL 12  ? A VAL 12  
13 1 Y 1 A LEU 13  ? A LEU 13  
14 1 Y 1 A ALA 14  ? A ALA 14  
15 1 Y 1 A SER 15  ? A SER 15  
16 1 Y 1 A SER 16  ? A SER 16  
17 1 Y 1 A GLY 17  ? A GLY 17  
18 1 Y 1 A THR 18  ? A THR 18  
19 1 Y 1 A VAL 19  ? A VAL 19  
20 1 Y 1 A GLU 149 ? A GLU 149 
21 1 Y 1 A ARG 150 ? A ARG 150 
22 1 Y 1 A THR 151 ? A THR 151 
23 1 Y 1 A GLU 166 ? A GLU 166 
# 
loop_
_chem_comp_atom.comp_id 
_chem_comp_atom.atom_id 
_chem_comp_atom.type_symbol 
_chem_comp_atom.pdbx_aromatic_flag 
_chem_comp_atom.pdbx_stereo_config 
_chem_comp_atom.pdbx_ordinal 
ALA N    N N N 1   
ALA CA   C N S 2   
ALA C    C N N 3   
ALA O    O N N 4   
ALA CB   C N N 5   
ALA OXT  O N N 6   
ALA H    H N N 7   
ALA H2   H N N 8   
ALA HA   H N N 9   
ALA HB1  H N N 10  
ALA HB2  H N N 11  
ALA HB3  H N N 12  
ALA HXT  H N N 13  
ARG N    N N N 14  
ARG CA   C N S 15  
ARG C    C N N 16  
ARG O    O N N 17  
ARG CB   C N N 18  
ARG CG   C N N 19  
ARG CD   C N N 20  
ARG NE   N N N 21  
ARG CZ   C N N 22  
ARG NH1  N N N 23  
ARG NH2  N N N 24  
ARG OXT  O N N 25  
ARG H    H N N 26  
ARG H2   H N N 27  
ARG HA   H N N 28  
ARG HB2  H N N 29  
ARG HB3  H N N 30  
ARG HG2  H N N 31  
ARG HG3  H N N 32  
ARG HD2  H N N 33  
ARG HD3  H N N 34  
ARG HE   H N N 35  
ARG HH11 H N N 36  
ARG HH12 H N N 37  
ARG HH21 H N N 38  
ARG HH22 H N N 39  
ARG HXT  H N N 40  
ASN N    N N N 41  
ASN CA   C N S 42  
ASN C    C N N 43  
ASN O    O N N 44  
ASN CB   C N N 45  
ASN CG   C N N 46  
ASN OD1  O N N 47  
ASN ND2  N N N 48  
ASN OXT  O N N 49  
ASN H    H N N 50  
ASN H2   H N N 51  
ASN HA   H N N 52  
ASN HB2  H N N 53  
ASN HB3  H N N 54  
ASN HD21 H N N 55  
ASN HD22 H N N 56  
ASN HXT  H N N 57  
ASP N    N N N 58  
ASP CA   C N S 59  
ASP C    C N N 60  
ASP O    O N N 61  
ASP CB   C N N 62  
ASP CG   C N N 63  
ASP OD1  O N N 64  
ASP OD2  O N N 65  
ASP OXT  O N N 66  
ASP H    H N N 67  
ASP H2   H N N 68  
ASP HA   H N N 69  
ASP HB2  H N N 70  
ASP HB3  H N N 71  
ASP HD2  H N N 72  
ASP HXT  H N N 73  
CYS N    N N N 74  
CYS CA   C N R 75  
CYS C    C N N 76  
CYS O    O N N 77  
CYS CB   C N N 78  
CYS SG   S N N 79  
CYS OXT  O N N 80  
CYS H    H N N 81  
CYS H2   H N N 82  
CYS HA   H N N 83  
CYS HB2  H N N 84  
CYS HB3  H N N 85  
CYS HG   H N N 86  
CYS HXT  H N N 87  
GLN N    N N N 88  
GLN CA   C N S 89  
GLN C    C N N 90  
GLN O    O N N 91  
GLN CB   C N N 92  
GLN CG   C N N 93  
GLN CD   C N N 94  
GLN OE1  O N N 95  
GLN NE2  N N N 96  
GLN OXT  O N N 97  
GLN H    H N N 98  
GLN H2   H N N 99  
GLN HA   H N N 100 
GLN HB2  H N N 101 
GLN HB3  H N N 102 
GLN HG2  H N N 103 
GLN HG3  H N N 104 
GLN HE21 H N N 105 
GLN HE22 H N N 106 
GLN HXT  H N N 107 
GLU N    N N N 108 
GLU CA   C N S 109 
GLU C    C N N 110 
GLU O    O N N 111 
GLU CB   C N N 112 
GLU CG   C N N 113 
GLU CD   C N N 114 
GLU OE1  O N N 115 
GLU OE2  O N N 116 
GLU OXT  O N N 117 
GLU H    H N N 118 
GLU H2   H N N 119 
GLU HA   H N N 120 
GLU HB2  H N N 121 
GLU HB3  H N N 122 
GLU HG2  H N N 123 
GLU HG3  H N N 124 
GLU HE2  H N N 125 
GLU HXT  H N N 126 
GLY N    N N N 127 
GLY CA   C N N 128 
GLY C    C N N 129 
GLY O    O N N 130 
GLY OXT  O N N 131 
GLY H    H N N 132 
GLY H2   H N N 133 
GLY HA2  H N N 134 
GLY HA3  H N N 135 
GLY HXT  H N N 136 
HIS N    N N N 137 
HIS CA   C N S 138 
HIS C    C N N 139 
HIS O    O N N 140 
HIS CB   C N N 141 
HIS CG   C Y N 142 
HIS ND1  N Y N 143 
HIS CD2  C Y N 144 
HIS CE1  C Y N 145 
HIS NE2  N Y N 146 
HIS OXT  O N N 147 
HIS H    H N N 148 
HIS H2   H N N 149 
HIS HA   H N N 150 
HIS HB2  H N N 151 
HIS HB3  H N N 152 
HIS HD1  H N N 153 
HIS HD2  H N N 154 
HIS HE1  H N N 155 
HIS HE2  H N N 156 
HIS HXT  H N N 157 
HOH O    O N N 158 
HOH H1   H N N 159 
HOH H2   H N N 160 
ILE N    N N N 161 
ILE CA   C N S 162 
ILE C    C N N 163 
ILE O    O N N 164 
ILE CB   C N S 165 
ILE CG1  C N N 166 
ILE CG2  C N N 167 
ILE CD1  C N N 168 
ILE OXT  O N N 169 
ILE H    H N N 170 
ILE H2   H N N 171 
ILE HA   H N N 172 
ILE HB   H N N 173 
ILE HG12 H N N 174 
ILE HG13 H N N 175 
ILE HG21 H N N 176 
ILE HG22 H N N 177 
ILE HG23 H N N 178 
ILE HD11 H N N 179 
ILE HD12 H N N 180 
ILE HD13 H N N 181 
ILE HXT  H N N 182 
LEU N    N N N 183 
LEU CA   C N S 184 
LEU C    C N N 185 
LEU O    O N N 186 
LEU CB   C N N 187 
LEU CG   C N N 188 
LEU CD1  C N N 189 
LEU CD2  C N N 190 
LEU OXT  O N N 191 
LEU H    H N N 192 
LEU H2   H N N 193 
LEU HA   H N N 194 
LEU HB2  H N N 195 
LEU HB3  H N N 196 
LEU HG   H N N 197 
LEU HD11 H N N 198 
LEU HD12 H N N 199 
LEU HD13 H N N 200 
LEU HD21 H N N 201 
LEU HD22 H N N 202 
LEU HD23 H N N 203 
LEU HXT  H N N 204 
LYS N    N N N 205 
LYS CA   C N S 206 
LYS C    C N N 207 
LYS O    O N N 208 
LYS CB   C N N 209 
LYS CG   C N N 210 
LYS CD   C N N 211 
LYS CE   C N N 212 
LYS NZ   N N N 213 
LYS OXT  O N N 214 
LYS H    H N N 215 
LYS H2   H N N 216 
LYS HA   H N N 217 
LYS HB2  H N N 218 
LYS HB3  H N N 219 
LYS HG2  H N N 220 
LYS HG3  H N N 221 
LYS HD2  H N N 222 
LYS HD3  H N N 223 
LYS HE2  H N N 224 
LYS HE3  H N N 225 
LYS HZ1  H N N 226 
LYS HZ2  H N N 227 
LYS HZ3  H N N 228 
LYS HXT  H N N 229 
MET N    N N N 230 
MET CA   C N S 231 
MET C    C N N 232 
MET O    O N N 233 
MET CB   C N N 234 
MET CG   C N N 235 
MET SD   S N N 236 
MET CE   C N N 237 
MET OXT  O N N 238 
MET H    H N N 239 
MET H2   H N N 240 
MET HA   H N N 241 
MET HB2  H N N 242 
MET HB3  H N N 243 
MET HG2  H N N 244 
MET HG3  H N N 245 
MET HE1  H N N 246 
MET HE2  H N N 247 
MET HE3  H N N 248 
MET HXT  H N N 249 
PHE N    N N N 250 
PHE CA   C N S 251 
PHE C    C N N 252 
PHE O    O N N 253 
PHE CB   C N N 254 
PHE CG   C Y N 255 
PHE CD1  C Y N 256 
PHE CD2  C Y N 257 
PHE CE1  C Y N 258 
PHE CE2  C Y N 259 
PHE CZ   C Y N 260 
PHE OXT  O N N 261 
PHE H    H N N 262 
PHE H2   H N N 263 
PHE HA   H N N 264 
PHE HB2  H N N 265 
PHE HB3  H N N 266 
PHE HD1  H N N 267 
PHE HD2  H N N 268 
PHE HE1  H N N 269 
PHE HE2  H N N 270 
PHE HZ   H N N 271 
PHE HXT  H N N 272 
PLM C1   C N N 273 
PLM O1   O N N 274 
PLM O2   O N N 275 
PLM C2   C N N 276 
PLM C3   C N N 277 
PLM C4   C N N 278 
PLM C5   C N N 279 
PLM C6   C N N 280 
PLM C7   C N N 281 
PLM C8   C N N 282 
PLM C9   C N N 283 
PLM CA   C N N 284 
PLM CB   C N N 285 
PLM CC   C N N 286 
PLM CD   C N N 287 
PLM CE   C N N 288 
PLM CF   C N N 289 
PLM CG   C N N 290 
PLM H    H N N 291 
PLM H21  H N N 292 
PLM H22  H N N 293 
PLM H31  H N N 294 
PLM H32  H N N 295 
PLM H41  H N N 296 
PLM H42  H N N 297 
PLM H51  H N N 298 
PLM H52  H N N 299 
PLM H61  H N N 300 
PLM H62  H N N 301 
PLM H71  H N N 302 
PLM H72  H N N 303 
PLM H81  H N N 304 
PLM H82  H N N 305 
PLM H91  H N N 306 
PLM H92  H N N 307 
PLM HA1  H N N 308 
PLM HA2  H N N 309 
PLM HB1  H N N 310 
PLM HB2  H N N 311 
PLM HC1  H N N 312 
PLM HC2  H N N 313 
PLM HD1  H N N 314 
PLM HD2  H N N 315 
PLM HE1  H N N 316 
PLM HE2  H N N 317 
PLM HF1  H N N 318 
PLM HF2  H N N 319 
PLM HG1  H N N 320 
PLM HG2  H N N 321 
PLM HG3  H N N 322 
PRO N    N N N 323 
PRO CA   C N S 324 
PRO C    C N N 325 
PRO O    O N N 326 
PRO CB   C N N 327 
PRO CG   C N N 328 
PRO CD   C N N 329 
PRO OXT  O N N 330 
PRO H    H N N 331 
PRO HA   H N N 332 
PRO HB2  H N N 333 
PRO HB3  H N N 334 
PRO HG2  H N N 335 
PRO HG3  H N N 336 
PRO HD2  H N N 337 
PRO HD3  H N N 338 
PRO HXT  H N N 339 
SER N    N N N 340 
SER CA   C N S 341 
SER C    C N N 342 
SER O    O N N 343 
SER CB   C N N 344 
SER OG   O N N 345 
SER OXT  O N N 346 
SER H    H N N 347 
SER H2   H N N 348 
SER HA   H N N 349 
SER HB2  H N N 350 
SER HB3  H N N 351 
SER HG   H N N 352 
SER HXT  H N N 353 
THR N    N N N 354 
THR CA   C N S 355 
THR C    C N N 356 
THR O    O N N 357 
THR CB   C N R 358 
THR OG1  O N N 359 
THR CG2  C N N 360 
THR OXT  O N N 361 
THR H    H N N 362 
THR H2   H N N 363 
THR HA   H N N 364 
THR HB   H N N 365 
THR HG1  H N N 366 
THR HG21 H N N 367 
THR HG22 H N N 368 
THR HG23 H N N 369 
THR HXT  H N N 370 
TRP N    N N N 371 
TRP CA   C N S 372 
TRP C    C N N 373 
TRP O    O N N 374 
TRP CB   C N N 375 
TRP CG   C Y N 376 
TRP CD1  C Y N 377 
TRP CD2  C Y N 378 
TRP NE1  N Y N 379 
TRP CE2  C Y N 380 
TRP CE3  C Y N 381 
TRP CZ2  C Y N 382 
TRP CZ3  C Y N 383 
TRP CH2  C Y N 384 
TRP OXT  O N N 385 
TRP H    H N N 386 
TRP H2   H N N 387 
TRP HA   H N N 388 
TRP HB2  H N N 389 
TRP HB3  H N N 390 
TRP HD1  H N N 391 
TRP HE1  H N N 392 
TRP HE3  H N N 393 
TRP HZ2  H N N 394 
TRP HZ3  H N N 395 
TRP HH2  H N N 396 
TRP HXT  H N N 397 
TYR N    N N N 398 
TYR CA   C N S 399 
TYR C    C N N 400 
TYR O    O N N 401 
TYR CB   C N N 402 
TYR CG   C Y N 403 
TYR CD1  C Y N 404 
TYR CD2  C Y N 405 
TYR CE1  C Y N 406 
TYR CE2  C Y N 407 
TYR CZ   C Y N 408 
TYR OH   O N N 409 
TYR OXT  O N N 410 
TYR H    H N N 411 
TYR H2   H N N 412 
TYR HA   H N N 413 
TYR HB2  H N N 414 
TYR HB3  H N N 415 
TYR HD1  H N N 416 
TYR HD2  H N N 417 
TYR HE1  H N N 418 
TYR HE2  H N N 419 
TYR HH   H N N 420 
TYR HXT  H N N 421 
VAL N    N N N 422 
VAL CA   C N S 423 
VAL C    C N N 424 
VAL O    O N N 425 
VAL CB   C N N 426 
VAL CG1  C N N 427 
VAL CG2  C N N 428 
VAL OXT  O N N 429 
VAL H    H N N 430 
VAL H2   H N N 431 
VAL HA   H N N 432 
VAL HB   H N N 433 
VAL HG11 H N N 434 
VAL HG12 H N N 435 
VAL HG13 H N N 436 
VAL HG21 H N N 437 
VAL HG22 H N N 438 
VAL HG23 H N N 439 
VAL HXT  H N N 440 
# 
loop_
_chem_comp_bond.comp_id 
_chem_comp_bond.atom_id_1 
_chem_comp_bond.atom_id_2 
_chem_comp_bond.value_order 
_chem_comp_bond.pdbx_aromatic_flag 
_chem_comp_bond.pdbx_stereo_config 
_chem_comp_bond.pdbx_ordinal 
ALA N   CA   sing N N 1   
ALA N   H    sing N N 2   
ALA N   H2   sing N N 3   
ALA CA  C    sing N N 4   
ALA CA  CB   sing N N 5   
ALA CA  HA   sing N N 6   
ALA C   O    doub N N 7   
ALA C   OXT  sing N N 8   
ALA CB  HB1  sing N N 9   
ALA CB  HB2  sing N N 10  
ALA CB  HB3  sing N N 11  
ALA OXT HXT  sing N N 12  
ARG N   CA   sing N N 13  
ARG N   H    sing N N 14  
ARG N   H2   sing N N 15  
ARG CA  C    sing N N 16  
ARG CA  CB   sing N N 17  
ARG CA  HA   sing N N 18  
ARG C   O    doub N N 19  
ARG C   OXT  sing N N 20  
ARG CB  CG   sing N N 21  
ARG CB  HB2  sing N N 22  
ARG CB  HB3  sing N N 23  
ARG CG  CD   sing N N 24  
ARG CG  HG2  sing N N 25  
ARG CG  HG3  sing N N 26  
ARG CD  NE   sing N N 27  
ARG CD  HD2  sing N N 28  
ARG CD  HD3  sing N N 29  
ARG NE  CZ   sing N N 30  
ARG NE  HE   sing N N 31  
ARG CZ  NH1  sing N N 32  
ARG CZ  NH2  doub N N 33  
ARG NH1 HH11 sing N N 34  
ARG NH1 HH12 sing N N 35  
ARG NH2 HH21 sing N N 36  
ARG NH2 HH22 sing N N 37  
ARG OXT HXT  sing N N 38  
ASN N   CA   sing N N 39  
ASN N   H    sing N N 40  
ASN N   H2   sing N N 41  
ASN CA  C    sing N N 42  
ASN CA  CB   sing N N 43  
ASN CA  HA   sing N N 44  
ASN C   O    doub N N 45  
ASN C   OXT  sing N N 46  
ASN CB  CG   sing N N 47  
ASN CB  HB2  sing N N 48  
ASN CB  HB3  sing N N 49  
ASN CG  OD1  doub N N 50  
ASN CG  ND2  sing N N 51  
ASN ND2 HD21 sing N N 52  
ASN ND2 HD22 sing N N 53  
ASN OXT HXT  sing N N 54  
ASP N   CA   sing N N 55  
ASP N   H    sing N N 56  
ASP N   H2   sing N N 57  
ASP CA  C    sing N N 58  
ASP CA  CB   sing N N 59  
ASP CA  HA   sing N N 60  
ASP C   O    doub N N 61  
ASP C   OXT  sing N N 62  
ASP CB  CG   sing N N 63  
ASP CB  HB2  sing N N 64  
ASP CB  HB3  sing N N 65  
ASP CG  OD1  doub N N 66  
ASP CG  OD2  sing N N 67  
ASP OD2 HD2  sing N N 68  
ASP OXT HXT  sing N N 69  
CYS N   CA   sing N N 70  
CYS N   H    sing N N 71  
CYS N   H2   sing N N 72  
CYS CA  C    sing N N 73  
CYS CA  CB   sing N N 74  
CYS CA  HA   sing N N 75  
CYS C   O    doub N N 76  
CYS C   OXT  sing N N 77  
CYS CB  SG   sing N N 78  
CYS CB  HB2  sing N N 79  
CYS CB  HB3  sing N N 80  
CYS SG  HG   sing N N 81  
CYS OXT HXT  sing N N 82  
GLN N   CA   sing N N 83  
GLN N   H    sing N N 84  
GLN N   H2   sing N N 85  
GLN CA  C    sing N N 86  
GLN CA  CB   sing N N 87  
GLN CA  HA   sing N N 88  
GLN C   O    doub N N 89  
GLN C   OXT  sing N N 90  
GLN CB  CG   sing N N 91  
GLN CB  HB2  sing N N 92  
GLN CB  HB3  sing N N 93  
GLN CG  CD   sing N N 94  
GLN CG  HG2  sing N N 95  
GLN CG  HG3  sing N N 96  
GLN CD  OE1  doub N N 97  
GLN CD  NE2  sing N N 98  
GLN NE2 HE21 sing N N 99  
GLN NE2 HE22 sing N N 100 
GLN OXT HXT  sing N N 101 
GLU N   CA   sing N N 102 
GLU N   H    sing N N 103 
GLU N   H2   sing N N 104 
GLU CA  C    sing N N 105 
GLU CA  CB   sing N N 106 
GLU CA  HA   sing N N 107 
GLU C   O    doub N N 108 
GLU C   OXT  sing N N 109 
GLU CB  CG   sing N N 110 
GLU CB  HB2  sing N N 111 
GLU CB  HB3  sing N N 112 
GLU CG  CD   sing N N 113 
GLU CG  HG2  sing N N 114 
GLU CG  HG3  sing N N 115 
GLU CD  OE1  doub N N 116 
GLU CD  OE2  sing N N 117 
GLU OE2 HE2  sing N N 118 
GLU OXT HXT  sing N N 119 
GLY N   CA   sing N N 120 
GLY N   H    sing N N 121 
GLY N   H2   sing N N 122 
GLY CA  C    sing N N 123 
GLY CA  HA2  sing N N 124 
GLY CA  HA3  sing N N 125 
GLY C   O    doub N N 126 
GLY C   OXT  sing N N 127 
GLY OXT HXT  sing N N 128 
HIS N   CA   sing N N 129 
HIS N   H    sing N N 130 
HIS N   H2   sing N N 131 
HIS CA  C    sing N N 132 
HIS CA  CB   sing N N 133 
HIS CA  HA   sing N N 134 
HIS C   O    doub N N 135 
HIS C   OXT  sing N N 136 
HIS CB  CG   sing N N 137 
HIS CB  HB2  sing N N 138 
HIS CB  HB3  sing N N 139 
HIS CG  ND1  sing Y N 140 
HIS CG  CD2  doub Y N 141 
HIS ND1 CE1  doub Y N 142 
HIS ND1 HD1  sing N N 143 
HIS CD2 NE2  sing Y N 144 
HIS CD2 HD2  sing N N 145 
HIS CE1 NE2  sing Y N 146 
HIS CE1 HE1  sing N N 147 
HIS NE2 HE2  sing N N 148 
HIS OXT HXT  sing N N 149 
HOH O   H1   sing N N 150 
HOH O   H2   sing N N 151 
ILE N   CA   sing N N 152 
ILE N   H    sing N N 153 
ILE N   H2   sing N N 154 
ILE CA  C    sing N N 155 
ILE CA  CB   sing N N 156 
ILE CA  HA   sing N N 157 
ILE C   O    doub N N 158 
ILE C   OXT  sing N N 159 
ILE CB  CG1  sing N N 160 
ILE CB  CG2  sing N N 161 
ILE CB  HB   sing N N 162 
ILE CG1 CD1  sing N N 163 
ILE CG1 HG12 sing N N 164 
ILE CG1 HG13 sing N N 165 
ILE CG2 HG21 sing N N 166 
ILE CG2 HG22 sing N N 167 
ILE CG2 HG23 sing N N 168 
ILE CD1 HD11 sing N N 169 
ILE CD1 HD12 sing N N 170 
ILE CD1 HD13 sing N N 171 
ILE OXT HXT  sing N N 172 
LEU N   CA   sing N N 173 
LEU N   H    sing N N 174 
LEU N   H2   sing N N 175 
LEU CA  C    sing N N 176 
LEU CA  CB   sing N N 177 
LEU CA  HA   sing N N 178 
LEU C   O    doub N N 179 
LEU C   OXT  sing N N 180 
LEU CB  CG   sing N N 181 
LEU CB  HB2  sing N N 182 
LEU CB  HB3  sing N N 183 
LEU CG  CD1  sing N N 184 
LEU CG  CD2  sing N N 185 
LEU CG  HG   sing N N 186 
LEU CD1 HD11 sing N N 187 
LEU CD1 HD12 sing N N 188 
LEU CD1 HD13 sing N N 189 
LEU CD2 HD21 sing N N 190 
LEU CD2 HD22 sing N N 191 
LEU CD2 HD23 sing N N 192 
LEU OXT HXT  sing N N 193 
LYS N   CA   sing N N 194 
LYS N   H    sing N N 195 
LYS N   H2   sing N N 196 
LYS CA  C    sing N N 197 
LYS CA  CB   sing N N 198 
LYS CA  HA   sing N N 199 
LYS C   O    doub N N 200 
LYS C   OXT  sing N N 201 
LYS CB  CG   sing N N 202 
LYS CB  HB2  sing N N 203 
LYS CB  HB3  sing N N 204 
LYS CG  CD   sing N N 205 
LYS CG  HG2  sing N N 206 
LYS CG  HG3  sing N N 207 
LYS CD  CE   sing N N 208 
LYS CD  HD2  sing N N 209 
LYS CD  HD3  sing N N 210 
LYS CE  NZ   sing N N 211 
LYS CE  HE2  sing N N 212 
LYS CE  HE3  sing N N 213 
LYS NZ  HZ1  sing N N 214 
LYS NZ  HZ2  sing N N 215 
LYS NZ  HZ3  sing N N 216 
LYS OXT HXT  sing N N 217 
MET N   CA   sing N N 218 
MET N   H    sing N N 219 
MET N   H2   sing N N 220 
MET CA  C    sing N N 221 
MET CA  CB   sing N N 222 
MET CA  HA   sing N N 223 
MET C   O    doub N N 224 
MET C   OXT  sing N N 225 
MET CB  CG   sing N N 226 
MET CB  HB2  sing N N 227 
MET CB  HB3  sing N N 228 
MET CG  SD   sing N N 229 
MET CG  HG2  sing N N 230 
MET CG  HG3  sing N N 231 
MET SD  CE   sing N N 232 
MET CE  HE1  sing N N 233 
MET CE  HE2  sing N N 234 
MET CE  HE3  sing N N 235 
MET OXT HXT  sing N N 236 
PHE N   CA   sing N N 237 
PHE N   H    sing N N 238 
PHE N   H2   sing N N 239 
PHE CA  C    sing N N 240 
PHE CA  CB   sing N N 241 
PHE CA  HA   sing N N 242 
PHE C   O    doub N N 243 
PHE C   OXT  sing N N 244 
PHE CB  CG   sing N N 245 
PHE CB  HB2  sing N N 246 
PHE CB  HB3  sing N N 247 
PHE CG  CD1  doub Y N 248 
PHE CG  CD2  sing Y N 249 
PHE CD1 CE1  sing Y N 250 
PHE CD1 HD1  sing N N 251 
PHE CD2 CE2  doub Y N 252 
PHE CD2 HD2  sing N N 253 
PHE CE1 CZ   doub Y N 254 
PHE CE1 HE1  sing N N 255 
PHE CE2 CZ   sing Y N 256 
PHE CE2 HE2  sing N N 257 
PHE CZ  HZ   sing N N 258 
PHE OXT HXT  sing N N 259 
PLM C1  O1   sing N N 260 
PLM C1  O2   doub N N 261 
PLM C1  C2   sing N N 262 
PLM O1  H    sing N N 263 
PLM C2  C3   sing N N 264 
PLM C2  H21  sing N N 265 
PLM C2  H22  sing N N 266 
PLM C3  C4   sing N N 267 
PLM C3  H31  sing N N 268 
PLM C3  H32  sing N N 269 
PLM C4  C5   sing N N 270 
PLM C4  H41  sing N N 271 
PLM C4  H42  sing N N 272 
PLM C5  C6   sing N N 273 
PLM C5  H51  sing N N 274 
PLM C5  H52  sing N N 275 
PLM C6  C7   sing N N 276 
PLM C6  H61  sing N N 277 
PLM C6  H62  sing N N 278 
PLM C7  C8   sing N N 279 
PLM C7  H71  sing N N 280 
PLM C7  H72  sing N N 281 
PLM C8  C9   sing N N 282 
PLM C8  H81  sing N N 283 
PLM C8  H82  sing N N 284 
PLM C9  CA   sing N N 285 
PLM C9  H91  sing N N 286 
PLM C9  H92  sing N N 287 
PLM CA  CB   sing N N 288 
PLM CA  HA1  sing N N 289 
PLM CA  HA2  sing N N 290 
PLM CB  CC   sing N N 291 
PLM CB  HB1  sing N N 292 
PLM CB  HB2  sing N N 293 
PLM CC  CD   sing N N 294 
PLM CC  HC1  sing N N 295 
PLM CC  HC2  sing N N 296 
PLM CD  CE   sing N N 297 
PLM CD  HD1  sing N N 298 
PLM CD  HD2  sing N N 299 
PLM CE  CF   sing N N 300 
PLM CE  HE1  sing N N 301 
PLM CE  HE2  sing N N 302 
PLM CF  CG   sing N N 303 
PLM CF  HF1  sing N N 304 
PLM CF  HF2  sing N N 305 
PLM CG  HG1  sing N N 306 
PLM CG  HG2  sing N N 307 
PLM CG  HG3  sing N N 308 
PRO N   CA   sing N N 309 
PRO N   CD   sing N N 310 
PRO N   H    sing N N 311 
PRO CA  C    sing N N 312 
PRO CA  CB   sing N N 313 
PRO CA  HA   sing N N 314 
PRO C   O    doub N N 315 
PRO C   OXT  sing N N 316 
PRO CB  CG   sing N N 317 
PRO CB  HB2  sing N N 318 
PRO CB  HB3  sing N N 319 
PRO CG  CD   sing N N 320 
PRO CG  HG2  sing N N 321 
PRO CG  HG3  sing N N 322 
PRO CD  HD2  sing N N 323 
PRO CD  HD3  sing N N 324 
PRO OXT HXT  sing N N 325 
SER N   CA   sing N N 326 
SER N   H    sing N N 327 
SER N   H2   sing N N 328 
SER CA  C    sing N N 329 
SER CA  CB   sing N N 330 
SER CA  HA   sing N N 331 
SER C   O    doub N N 332 
SER C   OXT  sing N N 333 
SER CB  OG   sing N N 334 
SER CB  HB2  sing N N 335 
SER CB  HB3  sing N N 336 
SER OG  HG   sing N N 337 
SER OXT HXT  sing N N 338 
THR N   CA   sing N N 339 
THR N   H    sing N N 340 
THR N   H2   sing N N 341 
THR CA  C    sing N N 342 
THR CA  CB   sing N N 343 
THR CA  HA   sing N N 344 
THR C   O    doub N N 345 
THR C   OXT  sing N N 346 
THR CB  OG1  sing N N 347 
THR CB  CG2  sing N N 348 
THR CB  HB   sing N N 349 
THR OG1 HG1  sing N N 350 
THR CG2 HG21 sing N N 351 
THR CG2 HG22 sing N N 352 
THR CG2 HG23 sing N N 353 
THR OXT HXT  sing N N 354 
TRP N   CA   sing N N 355 
TRP N   H    sing N N 356 
TRP N   H2   sing N N 357 
TRP CA  C    sing N N 358 
TRP CA  CB   sing N N 359 
TRP CA  HA   sing N N 360 
TRP C   O    doub N N 361 
TRP C   OXT  sing N N 362 
TRP CB  CG   sing N N 363 
TRP CB  HB2  sing N N 364 
TRP CB  HB3  sing N N 365 
TRP CG  CD1  doub Y N 366 
TRP CG  CD2  sing Y N 367 
TRP CD1 NE1  sing Y N 368 
TRP CD1 HD1  sing N N 369 
TRP CD2 CE2  doub Y N 370 
TRP CD2 CE3  sing Y N 371 
TRP NE1 CE2  sing Y N 372 
TRP NE1 HE1  sing N N 373 
TRP CE2 CZ2  sing Y N 374 
TRP CE3 CZ3  doub Y N 375 
TRP CE3 HE3  sing N N 376 
TRP CZ2 CH2  doub Y N 377 
TRP CZ2 HZ2  sing N N 378 
TRP CZ3 CH2  sing Y N 379 
TRP CZ3 HZ3  sing N N 380 
TRP CH2 HH2  sing N N 381 
TRP OXT HXT  sing N N 382 
TYR N   CA   sing N N 383 
TYR N   H    sing N N 384 
TYR N   H2   sing N N 385 
TYR CA  C    sing N N 386 
TYR CA  CB   sing N N 387 
TYR CA  HA   sing N N 388 
TYR C   O    doub N N 389 
TYR C   OXT  sing N N 390 
TYR CB  CG   sing N N 391 
TYR CB  HB2  sing N N 392 
TYR CB  HB3  sing N N 393 
TYR CG  CD1  doub Y N 394 
TYR CG  CD2  sing Y N 395 
TYR CD1 CE1  sing Y N 396 
TYR CD1 HD1  sing N N 397 
TYR CD2 CE2  doub Y N 398 
TYR CD2 HD2  sing N N 399 
TYR CE1 CZ   doub Y N 400 
TYR CE1 HE1  sing N N 401 
TYR CE2 CZ   sing Y N 402 
TYR CE2 HE2  sing N N 403 
TYR CZ  OH   sing N N 404 
TYR OH  HH   sing N N 405 
TYR OXT HXT  sing N N 406 
VAL N   CA   sing N N 407 
VAL N   H    sing N N 408 
VAL N   H2   sing N N 409 
VAL CA  C    sing N N 410 
VAL CA  CB   sing N N 411 
VAL CA  HA   sing N N 412 
VAL C   O    doub N N 413 
VAL C   OXT  sing N N 414 
VAL CB  CG1  sing N N 415 
VAL CB  CG2  sing N N 416 
VAL CB  HB   sing N N 417 
VAL CG1 HG11 sing N N 418 
VAL CG1 HG12 sing N N 419 
VAL CG1 HG13 sing N N 420 
VAL CG2 HG21 sing N N 421 
VAL CG2 HG22 sing N N 422 
VAL CG2 HG23 sing N N 423 
VAL OXT HXT  sing N N 424 
# 
_atom_sites.entry_id                    2PFC 
_atom_sites.fract_transf_matrix[1][1]   -0.00219405 
_atom_sites.fract_transf_matrix[1][2]   -0.00728078 
_atom_sites.fract_transf_matrix[1][3]   0.00622307 
_atom_sites.fract_transf_matrix[2][1]   -0.00894853 
_atom_sites.fract_transf_matrix[2][2]   -0.00071786 
_atom_sites.fract_transf_matrix[2][3]   -0.00399483 
_atom_sites.fract_transf_matrix[3][1]   0.00341470 
_atom_sites.fract_transf_matrix[3][2]   -0.00655936 
_atom_sites.fract_transf_matrix[3][3]   -0.00647031 
_atom_sites.fract_transf_vector[1]      0.604783 
_atom_sites.fract_transf_vector[2]      0.179010 
_atom_sites.fract_transf_vector[3]      0.105313 
# 
loop_
_atom_type.symbol 
C 
N 
O 
S 
# 
loop_
_atom_site.group_PDB 
_atom_site.id 
_atom_site.type_symbol 
_atom_site.label_atom_id 
_atom_site.label_alt_id 
_atom_site.label_comp_id 
_atom_site.label_asym_id 
_atom_site.label_entity_id 
_atom_site.label_seq_id 
_atom_site.pdbx_PDB_ins_code 
_atom_site.Cartn_x 
_atom_site.Cartn_y 
_atom_site.Cartn_z 
_atom_site.occupancy 
_atom_site.B_iso_or_equiv 
_atom_site.pdbx_formal_charge 
_atom_site.auth_seq_id 
_atom_site.auth_comp_id 
_atom_site.auth_asym_id 
_atom_site.auth_atom_id 
_atom_site.pdbx_PDB_model_num 
ATOM   1    N N   . PRO A 1 20  ? -1.944  -10.345 11.276  1.00 58.09 ? 20  PRO A N   1 
ATOM   2    C CA  . PRO A 1 20  ? -2.662  -9.095  11.496  1.00 57.94 ? 20  PRO A CA  1 
ATOM   3    C C   . PRO A 1 20  ? -1.742  -7.971  11.905  1.00 58.05 ? 20  PRO A C   1 
ATOM   4    O O   . PRO A 1 20  ? -0.800  -8.190  12.690  1.00 58.15 ? 20  PRO A O   1 
ATOM   5    C CB  . PRO A 1 20  ? -3.631  -9.416  12.651  1.00 58.92 ? 20  PRO A CB  1 
ATOM   6    C CG  . PRO A 1 20  ? -3.324  -10.849 13.109  1.00 58.02 ? 20  PRO A CG  1 
ATOM   7    C CD  . PRO A 1 20  ? -2.019  -11.241 12.446  1.00 58.98 ? 20  PRO A CD  1 
ATOM   8    N N   . ILE A 1 21  ? -2.003  -6.776  11.364  1.00 57.37 ? 21  ILE A N   1 
ATOM   9    C CA  . ILE A 1 21  ? -1.202  -5.589  11.694  1.00 56.86 ? 21  ILE A CA  1 
ATOM   10   C C   . ILE A 1 21  ? -1.917  -4.727  12.722  1.00 56.32 ? 21  ILE A C   1 
ATOM   11   O O   . ILE A 1 21  ? -3.093  -4.425  12.583  1.00 56.11 ? 21  ILE A O   1 
ATOM   12   C CB  . ILE A 1 21  ? -0.796  -4.710  10.454  1.00 56.73 ? 21  ILE A CB  1 
ATOM   13   C CG1 . ILE A 1 21  ? -0.475  -5.566  9.228   1.00 56.35 ? 21  ILE A CG1 1 
ATOM   14   C CG2 . ILE A 1 21  ? 0.384   -3.782  10.817  1.00 55.83 ? 21  ILE A CG2 1 
ATOM   15   C CD1 . ILE A 1 21  ? 0.428   -4.848  8.229   1.00 54.28 ? 21  ILE A CD1 1 
ATOM   16   N N   . ALA A 1 22  ? -1.170  -4.316  13.735  1.00 56.63 ? 22  ALA A N   1 
ATOM   17   C CA  . ALA A 1 22  ? -1.717  -3.602  14.887  1.00 57.09 ? 22  ALA A CA  1 
ATOM   18   C C   . ALA A 1 22  ? -2.247  -2.242  14.440  1.00 57.34 ? 22  ALA A C   1 
ATOM   19   O O   . ALA A 1 22  ? -1.533  -1.522  13.751  1.00 57.78 ? 22  ALA A O   1 
ATOM   20   C CB  . ALA A 1 22  ? -0.622  -3.447  15.947  1.00 56.12 ? 22  ALA A CB  1 
ATOM   21   N N   . GLU A 1 23  ? -3.500  -1.916  14.783  1.00 57.77 ? 23  GLU A N   1 
ATOM   22   C CA  . GLU A 1 23  ? -4.060  -0.577  14.538  1.00 58.76 ? 23  GLU A CA  1 
ATOM   23   C C   . GLU A 1 23  ? -3.045  0.211   15.269  1.00 58.78 ? 23  GLU A C   1 
ATOM   24   O O   . GLU A 1 23  ? -2.382  -0.361  16.092  1.00 59.73 ? 23  GLU A O   1 
ATOM   25   C CB  . GLU A 1 23  ? -5.428  -0.446  15.215  1.00 58.82 ? 23  GLU A CB  1 
ATOM   26   C CG  . GLU A 1 23  ? -6.155  0.900   15.033  1.00 59.79 ? 23  GLU A CG  1 
ATOM   27   C CD  . GLU A 1 23  ? -6.335  1.332   13.555  1.00 61.14 ? 23  GLU A CD  1 
ATOM   28   O OE1 . GLU A 1 23  ? -6.068  2.525   13.255  1.00 59.84 ? 23  GLU A OE1 1 
ATOM   29   O OE2 . GLU A 1 23  ? -6.746  0.489   12.714  1.00 60.78 ? 23  GLU A OE2 1 
ATOM   30   N N   . GLU A 1 24  ? -2.832  1.486   14.995  1.00 59.08 ? 24  GLU A N   1 
ATOM   31   C CA  . GLU A 1 24  ? -1.747  2.165   15.748  1.00 58.18 ? 24  GLU A CA  1 
ATOM   32   C C   . GLU A 1 24  ? -0.373  1.988   15.100  1.00 55.58 ? 24  GLU A C   1 
ATOM   33   O O   . GLU A 1 24  ? 0.395   2.928   15.066  1.00 54.91 ? 24  GLU A O   1 
ATOM   34   C CB  . GLU A 1 24  ? -1.702  1.685   17.220  1.00 58.57 ? 24  GLU A CB  1 
ATOM   35   C CG  . GLU A 1 24  ? -3.065  1.804   18.001  1.00 61.31 ? 24  GLU A CG  1 
ATOM   36   C CD  . GLU A 1 24  ? -3.302  0.664   19.037  1.00 61.50 ? 24  GLU A CD  1 
ATOM   37   O OE1 . GLU A 1 24  ? -3.454  -0.542  18.670  1.00 62.30 ? 24  GLU A OE1 1 
ATOM   38   O OE2 . GLU A 1 24  ? -3.359  1.002   20.237  1.00 67.60 ? 24  GLU A OE2 1 
ATOM   39   N N   . LEU A 1 25  ? -0.030  0.799   14.603  1.00 54.05 ? 25  LEU A N   1 
ATOM   40   C CA  . LEU A 1 25  ? 1.062   0.746   13.618  1.00 52.55 ? 25  LEU A CA  1 
ATOM   41   C C   . LEU A 1 25  ? 0.430   1.271   12.328  1.00 51.13 ? 25  LEU A C   1 
ATOM   42   O O   . LEU A 1 25  ? 0.921   2.208   11.719  1.00 50.35 ? 25  LEU A O   1 
ATOM   43   C CB  . LEU A 1 25  ? 1.646   -0.651  13.401  1.00 53.18 ? 25  LEU A CB  1 
ATOM   44   C CG  . LEU A 1 25  ? 3.172   -0.826  13.190  1.00 53.36 ? 25  LEU A CG  1 
ATOM   45   C CD1 . LEU A 1 25  ? 3.476   -1.991  12.267  1.00 54.29 ? 25  LEU A CD1 1 
ATOM   46   C CD2 . LEU A 1 25  ? 3.964   0.426   12.744  1.00 54.94 ? 25  LEU A CD2 1 
ATOM   47   N N   . LEU A 1 26  ? -0.701  0.702   11.953  1.00 49.41 ? 26  LEU A N   1 
ATOM   48   C CA  . LEU A 1 26  ? -1.503  1.314   10.892  1.00 50.13 ? 26  LEU A CA  1 
ATOM   49   C C   . LEU A 1 26  ? -1.585  2.821   11.070  1.00 49.63 ? 26  LEU A C   1 
ATOM   50   O O   . LEU A 1 26  ? -1.285  3.575   10.154  1.00 49.82 ? 26  LEU A O   1 
ATOM   51   C CB  . LEU A 1 26  ? -2.906  0.726   10.844  1.00 48.69 ? 26  LEU A CB  1 
ATOM   52   C CG  . LEU A 1 26  ? -3.001  -0.436  9.896   1.00 51.46 ? 26  LEU A CG  1 
ATOM   53   C CD1 . LEU A 1 26  ? -1.606  -1.010  9.483   1.00 48.72 ? 26  LEU A CD1 1 
ATOM   54   C CD2 . LEU A 1 26  ? -3.903  -1.460  10.513  1.00 51.43 ? 26  LEU A CD2 1 
ATOM   55   N N   . ALA A 1 27  ? -1.976  3.262   12.264  1.00 49.44 ? 27  ALA A N   1 
ATOM   56   C CA  . ALA A 1 27  ? -2.377  4.655   12.401  1.00 48.69 ? 27  ALA A CA  1 
ATOM   57   C C   . ALA A 1 27  ? -1.204  5.595   12.286  1.00 47.78 ? 27  ALA A C   1 
ATOM   58   O O   . ALA A 1 27  ? -1.347  6.661   11.756  1.00 48.76 ? 27  ALA A O   1 
ATOM   59   C CB  . ALA A 1 27  ? -3.132  4.877   13.696  1.00 49.30 ? 27  ALA A CB  1 
ATOM   60   N N   . ARG A 1 28  ? -0.045  5.202   12.796  1.00 47.09 ? 28  ARG A N   1 
ATOM   61   C CA  . ARG A 1 28  ? 1.196   5.987   12.662  1.00 45.96 ? 28  ARG A CA  1 
ATOM   62   C C   . ARG A 1 28  ? 1.706   6.089   11.195  1.00 44.82 ? 28  ARG A C   1 
ATOM   63   O O   . ARG A 1 28  ? 2.171   7.121   10.746  1.00 44.01 ? 28  ARG A O   1 
ATOM   64   C CB  . ARG A 1 28  ? 2.286   5.359   13.537  1.00 45.41 ? 28  ARG A CB  1 
ATOM   65   C CG  . ARG A 1 28  ? 3.668   5.885   13.262  1.00 44.99 ? 28  ARG A CG  1 
ATOM   66   C CD  . ARG A 1 28  ? 4.772   5.073   13.994  1.00 46.30 ? 28  ARG A CD  1 
ATOM   67   N NE  . ARG A 1 28  ? 6.083   5.722   13.863  1.00 45.39 ? 28  ARG A NE  1 
ATOM   68   C CZ  . ARG A 1 28  ? 7.151   5.414   14.593  1.00 47.27 ? 28  ARG A CZ  1 
ATOM   69   N NH1 . ARG A 1 28  ? 7.091   4.474   15.524  1.00 48.25 ? 28  ARG A NH1 1 
ATOM   70   N NH2 . ARG A 1 28  ? 8.285   6.048   14.389  1.00 48.99 ? 28  ARG A NH2 1 
ATOM   71   N N   . VAL A 1 29  ? 1.617   4.969   10.493  1.00 44.20 ? 29  VAL A N   1 
ATOM   72   C CA  . VAL A 1 29  ? 2.100   4.804   9.137   1.00 43.55 ? 29  VAL A CA  1 
ATOM   73   C C   . VAL A 1 29  ? 1.179   5.546   8.170   1.00 43.73 ? 29  VAL A C   1 
ATOM   74   O O   . VAL A 1 29  ? 1.656   6.082   7.179   1.00 42.59 ? 29  VAL A O   1 
ATOM   75   C CB  . VAL A 1 29  ? 2.150   3.286   8.783   1.00 43.16 ? 29  VAL A CB  1 
ATOM   76   C CG1 . VAL A 1 29  ? 2.158   3.084   7.351   1.00 41.41 ? 29  VAL A CG1 1 
ATOM   77   C CG2 . VAL A 1 29  ? 3.372   2.652   9.390   1.00 42.23 ? 29  VAL A CG2 1 
ATOM   78   N N   . LEU A 1 30  ? -0.129  5.582   8.476   1.00 43.24 ? 30  LEU A N   1 
ATOM   79   C CA  . LEU A 1 30  ? -1.124  6.249   7.605   1.00 43.92 ? 30  LEU A CA  1 
ATOM   80   C C   . LEU A 1 30  ? -1.579  7.665   8.043   1.00 45.01 ? 30  LEU A C   1 
ATOM   81   O O   . LEU A 1 30  ? -2.545  8.272   7.492   1.00 44.54 ? 30  LEU A O   1 
ATOM   82   C CB  . LEU A 1 30  ? -2.308  5.325   7.377   1.00 42.76 ? 30  LEU A CB  1 
ATOM   83   C CG  . LEU A 1 30  ? -1.921  4.026   6.697   1.00 41.79 ? 30  LEU A CG  1 
ATOM   84   C CD1 . LEU A 1 30  ? -3.189  3.202   6.564   1.00 41.40 ? 30  LEU A CD1 1 
ATOM   85   C CD2 . LEU A 1 30  ? -1.186  4.306   5.289   1.00 38.14 ? 30  LEU A CD2 1 
ATOM   86   N N   . GLU A 1 31  ? -0.836  8.209   8.994   1.00 46.56 ? 31  GLU A N   1 
ATOM   87   C CA  . GLU A 1 31  ? -1.090  9.539   9.507   1.00 48.90 ? 31  GLU A CA  1 
ATOM   88   C C   . GLU A 1 31  ? -1.046  10.574  8.380   1.00 49.57 ? 31  GLU A C   1 
ATOM   89   O O   . GLU A 1 31  ? -1.849  11.547  8.397   1.00 49.92 ? 31  GLU A O   1 
ATOM   90   C CB  . GLU A 1 31  ? -0.097  9.865   10.626  1.00 50.02 ? 31  GLU A CB  1 
ATOM   91   C CG  . GLU A 1 31  ? -0.023  11.348  11.018  1.00 55.09 ? 31  GLU A CG  1 
ATOM   92   C CD  . GLU A 1 31  ? 1.048   12.086  10.226  1.00 62.25 ? 31  GLU A CD  1 
ATOM   93   O OE1 . GLU A 1 31  ? 2.163   11.522  10.017  1.00 66.08 ? 31  GLU A OE1 1 
ATOM   94   O OE2 . GLU A 1 31  ? 0.786   13.231  9.817   1.00 64.44 ? 31  GLU A OE2 1 
ATOM   95   N N   . PRO A 1 32  ? -0.113  10.404  7.407   1.00 49.42 ? 32  PRO A N   1 
ATOM   96   C CA  . PRO A 1 32  ? -0.147  11.371  6.314   1.00 49.69 ? 32  PRO A CA  1 
ATOM   97   C C   . PRO A 1 32  ? -1.480  11.557  5.587   1.00 49.04 ? 32  PRO A C   1 
ATOM   98   O O   . PRO A 1 32  ? -1.769  12.659  5.138   1.00 49.21 ? 32  PRO A O   1 
ATOM   99   C CB  . PRO A 1 32  ? 1.006   10.903  5.407   1.00 49.64 ? 32  PRO A CB  1 
ATOM   100  C CG  . PRO A 1 32  ? 2.013   10.386  6.420   1.00 49.51 ? 32  PRO A CG  1 
ATOM   101  C CD  . PRO A 1 32  ? 1.070   9.524   7.269   1.00 49.19 ? 32  PRO A CD  1 
ATOM   102  N N   . TYR A 1 33  ? -2.281  10.505  5.516   1.00 49.23 ? 33  TYR A N   1 
ATOM   103  C CA  . TYR A 1 33  ? -3.579  10.550  4.863   1.00 49.35 ? 33  TYR A CA  1 
ATOM   104  C C   . TYR A 1 33  ? -4.697  10.909  5.859   1.00 50.44 ? 33  TYR A C   1 
ATOM   105  O O   . TYR A 1 33  ? -5.664  11.568  5.473   1.00 49.64 ? 33  TYR A O   1 
ATOM   106  C CB  . TYR A 1 33  ? -3.921  9.200   4.210   1.00 48.28 ? 33  TYR A CB  1 
ATOM   107  C CG  . TYR A 1 33  ? -2.914  8.654   3.235   1.00 47.26 ? 33  TYR A CG  1 
ATOM   108  C CD1 . TYR A 1 33  ? -1.935  7.724   3.658   1.00 44.02 ? 33  TYR A CD1 1 
ATOM   109  C CD2 . TYR A 1 33  ? -2.942  9.030   1.880   1.00 45.82 ? 33  TYR A CD2 1 
ATOM   110  C CE1 . TYR A 1 33  ? -1.032  7.197   2.771   1.00 44.25 ? 33  TYR A CE1 1 
ATOM   111  C CE2 . TYR A 1 33  ? -2.006  8.490   0.952   1.00 42.79 ? 33  TYR A CE2 1 
ATOM   112  C CZ  . TYR A 1 33  ? -1.071  7.588   1.411   1.00 44.12 ? 33  TYR A CZ  1 
ATOM   113  O OH  . TYR A 1 33  ? -0.147  7.097   0.560   1.00 42.04 ? 33  TYR A OH  1 
ATOM   114  N N   . SER A 1 34  ? -4.580  10.434  7.110   1.00 52.23 ? 34  SER A N   1 
ATOM   115  C CA  . SER A 1 34  ? -5.559  10.718  8.198   1.00 54.68 ? 34  SER A CA  1 
ATOM   116  C C   . SER A 1 34  ? -5.726  12.221  8.499   1.00 55.85 ? 34  SER A C   1 
ATOM   117  O O   . SER A 1 34  ? -6.833  12.728  8.705   1.00 55.59 ? 34  SER A O   1 
ATOM   118  C CB  . SER A 1 34  ? -5.160  10.001  9.507   1.00 54.47 ? 34  SER A CB  1 
ATOM   119  O OG  . SER A 1 34  ? -5.406  8.609   9.434   1.00 57.16 ? 34  SER A OG  1 
ATOM   120  N N   . CYS A 1 35  ? -4.609  12.925  8.543   1.00 57.82 ? 35  CYS A N   1 
ATOM   121  C CA  . CYS A 1 35  ? -4.627  14.336  8.841   1.00 60.12 ? 35  CYS A CA  1 
ATOM   122  C C   . CYS A 1 35  ? -5.312  15.099  7.675   1.00 61.04 ? 35  CYS A C   1 
ATOM   123  O O   . CYS A 1 35  ? -5.258  16.349  7.593   1.00 61.73 ? 35  CYS A O   1 
ATOM   124  C CB  . CYS A 1 35  ? -3.183  14.813  9.090   1.00 60.22 ? 35  CYS A CB  1 
ATOM   125  S SG  . CYS A 1 35  ? -2.099  14.793  7.617   1.00 64.40 ? 35  CYS A SG  1 
ATOM   126  N N   . LYS A 1 36  ? -5.945  14.329  6.778   1.00 60.90 ? 36  LYS A N   1 
ATOM   127  C CA  . LYS A 1 36  ? -6.577  14.845  5.567   1.00 60.94 ? 36  LYS A CA  1 
ATOM   128  C C   . LYS A 1 36  ? -7.981  14.249  5.360   1.00 60.96 ? 36  LYS A C   1 
ATOM   129  O O   . LYS A 1 36  ? -8.674  14.610  4.395   1.00 61.48 ? 36  LYS A O   1 
ATOM   130  C CB  . LYS A 1 36  ? -5.689  14.559  4.340   1.00 61.29 ? 36  LYS A CB  1 
ATOM   131  C CG  . LYS A 1 36  ? -4.439  15.430  4.249   1.00 63.23 ? 36  LYS A CG  1 
ATOM   132  C CD  . LYS A 1 36  ? -4.695  16.693  3.421   1.00 65.56 ? 36  LYS A CD  1 
ATOM   133  C CE  . LYS A 1 36  ? -3.539  17.667  3.555   1.00 68.33 ? 36  LYS A CE  1 
ATOM   134  N NZ  . LYS A 1 36  ? -3.484  18.634  2.408   1.00 70.59 ? 36  LYS A NZ  1 
ATOM   135  N N   . GLY A 1 37  ? -8.390  13.338  6.254   1.00 59.88 ? 37  GLY A N   1 
ATOM   136  C CA  . GLY A 1 37  ? -9.658  12.617  6.119   1.00 59.04 ? 37  GLY A CA  1 
ATOM   137  C C   . GLY A 1 37  ? -9.653  11.556  5.025   1.00 58.56 ? 37  GLY A C   1 
ATOM   138  O O   . GLY A 1 37  ? -10.713 11.057  4.591   1.00 58.40 ? 37  GLY A O   1 
ATOM   139  N N   . CYS A 1 38  ? -8.451  11.195  4.585   1.00 57.65 ? 38  CYS A N   1 
ATOM   140  C CA  . CYS A 1 38  ? -8.302  10.273  3.448   1.00 56.40 ? 38  CYS A CA  1 
ATOM   141  C C   . CYS A 1 38  ? -7.706  8.901   3.803   1.00 54.06 ? 38  CYS A C   1 
ATOM   142  O O   . CYS A 1 38  ? -7.220  8.188   2.927   1.00 52.91 ? 38  CYS A O   1 
ATOM   143  C CB  . CYS A 1 38  ? -7.535  10.966  2.317   1.00 57.11 ? 38  CYS A CB  1 
ATOM   144  S SG  . CYS A 1 38  ? -8.300  12.561  1.904   1.00 61.93 ? 38  CYS A SG  1 
ATOM   145  N N   . ARG A 1 39  ? -7.753  8.531   5.082   1.00 51.48 ? 39  ARG A N   1 
ATOM   146  C CA  . ARG A 1 39  ? -7.436  7.158   5.437   1.00 50.14 ? 39  ARG A CA  1 
ATOM   147  C C   . ARG A 1 39  ? -8.595  6.250   5.032   1.00 49.06 ? 39  ARG A C   1 
ATOM   148  O O   . ARG A 1 39  ? -9.733  6.487   5.445   1.00 49.19 ? 39  ARG A O   1 
ATOM   149  C CB  . ARG A 1 39  ? -7.076  6.966   6.920   1.00 49.59 ? 39  ARG A CB  1 
ATOM   150  C CG  . ARG A 1 39  ? -6.829  5.498   7.201   1.00 47.77 ? 39  ARG A CG  1 
ATOM   151  C CD  . ARG A 1 39  ? -6.449  5.163   8.598   1.00 46.15 ? 39  ARG A CD  1 
ATOM   152  N NE  . ARG A 1 39  ? -6.581  3.724   8.750   1.00 49.25 ? 39  ARG A NE  1 
ATOM   153  C CZ  . ARG A 1 39  ? -6.337  3.024   9.858   1.00 49.49 ? 39  ARG A CZ  1 
ATOM   154  N NH1 . ARG A 1 39  ? -5.900  3.630   10.968  1.00 46.17 ? 39  ARG A NH1 1 
ATOM   155  N NH2 . ARG A 1 39  ? -6.533  1.698   9.836   1.00 46.15 ? 39  ARG A NH2 1 
ATOM   156  N N   . TYR A 1 40  ? -8.297  5.230   4.226   1.00 47.50 ? 40  TYR A N   1 
ATOM   157  C CA  . TYR A 1 40  ? -9.324  4.313   3.724   1.00 47.34 ? 40  TYR A CA  1 
ATOM   158  C C   . TYR A 1 40  ? -9.130  2.866   4.154   1.00 47.01 ? 40  TYR A C   1 
ATOM   159  O O   . TYR A 1 40  ? -10.078 2.095   4.119   1.00 46.78 ? 40  TYR A O   1 
ATOM   160  C CB  . TYR A 1 40  ? -9.455  4.330   2.185   1.00 46.86 ? 40  TYR A CB  1 
ATOM   161  C CG  . TYR A 1 40  ? -9.551  5.690   1.556   1.00 45.58 ? 40  TYR A CG  1 
ATOM   162  C CD1 . TYR A 1 40  ? -10.334 6.710   2.135   1.00 43.91 ? 40  TYR A CD1 1 
ATOM   163  C CD2 . TYR A 1 40  ? -8.871  5.958   0.363   1.00 45.41 ? 40  TYR A CD2 1 
ATOM   164  C CE1 . TYR A 1 40  ? -10.409 7.984   1.561   1.00 40.43 ? 40  TYR A CE1 1 
ATOM   165  C CE2 . TYR A 1 40  ? -8.945  7.234   -0.237  1.00 45.58 ? 40  TYR A CE2 1 
ATOM   166  C CZ  . TYR A 1 40  ? -9.713  8.237   0.374   1.00 44.24 ? 40  TYR A CZ  1 
ATOM   167  O OH  . TYR A 1 40  ? -9.777  9.478   -0.220  1.00 44.66 ? 40  TYR A OH  1 
ATOM   168  N N   . LEU A 1 41  ? -7.896  2.494   4.491   1.00 47.30 ? 41  LEU A N   1 
ATOM   169  C CA  . LEU A 1 41  ? -7.604  1.134   4.966   1.00 48.31 ? 41  LEU A CA  1 
ATOM   170  C C   . LEU A 1 41  ? -8.140  0.982   6.401   1.00 49.53 ? 41  LEU A C   1 
ATOM   171  O O   . LEU A 1 41  ? -7.751  1.734   7.327   1.00 49.42 ? 41  LEU A O   1 
ATOM   172  C CB  . LEU A 1 41  ? -6.110  0.815   4.871   1.00 47.45 ? 41  LEU A CB  1 
ATOM   173  C CG  . LEU A 1 41  ? -5.715  -0.629  5.191   1.00 48.48 ? 41  LEU A CG  1 
ATOM   174  C CD1 . LEU A 1 41  ? -6.289  -1.638  4.190   1.00 43.39 ? 41  LEU A CD1 1 
ATOM   175  C CD2 . LEU A 1 41  ? -4.213  -0.759  5.289   1.00 46.56 ? 41  LEU A CD2 1 
ATOM   176  N N   . ILE A 1 42  ? -9.075  0.050   6.555   1.00 50.41 ? 42  ILE A N   1 
ATOM   177  C CA  . ILE A 1 42  ? -9.701  -0.221  7.852   1.00 51.54 ? 42  ILE A CA  1 
ATOM   178  C C   . ILE A 1 42  ? -8.814  -1.113  8.670   1.00 51.35 ? 42  ILE A C   1 
ATOM   179  O O   . ILE A 1 42  ? -8.516  -0.802  9.804   1.00 52.70 ? 42  ILE A O   1 
ATOM   180  C CB  . ILE A 1 42  ? -11.127 -0.863  7.702   1.00 52.22 ? 42  ILE A CB  1 
ATOM   181  C CG1 . ILE A 1 42  ? -12.114 0.190   7.205   1.00 50.92 ? 42  ILE A CG1 1 
ATOM   182  C CG2 . ILE A 1 42  ? -11.614 -1.521  9.036   1.00 52.32 ? 42  ILE A CG2 1 
ATOM   183  C CD1 . ILE A 1 42  ? -13.113 -0.427  6.242   1.00 57.01 ? 42  ILE A CD1 1 
ATOM   184  N N   . ASP A 1 43  ? -8.369  -2.211  8.086   1.00 51.43 ? 43  ASP A N   1 
ATOM   185  C CA  . ASP A 1 43  ? -7.551  -3.177  8.795   1.00 52.09 ? 43  ASP A CA  1 
ATOM   186  C C   . ASP A 1 43  ? -6.813  -3.936  7.738   1.00 51.64 ? 43  ASP A C   1 
ATOM   187  O O   . ASP A 1 43  ? -7.307  -4.030  6.612   1.00 51.15 ? 43  ASP A O   1 
ATOM   188  C CB  . ASP A 1 43  ? -8.410  -4.148  9.640   1.00 52.55 ? 43  ASP A CB  1 
ATOM   189  C CG  . ASP A 1 43  ? -9.165  -5.156  8.794   1.00 54.82 ? 43  ASP A CG  1 
ATOM   190  O OD1 . ASP A 1 43  ? -10.400 -5.046  8.673   1.00 59.14 ? 43  ASP A OD1 1 
ATOM   191  O OD2 . ASP A 1 43  ? -8.538  -6.068  8.213   1.00 60.56 ? 43  ASP A OD2 1 
ATOM   192  N N   . ALA A 1 44  ? -5.644  -4.462  8.113   1.00 51.12 ? 44  ALA A N   1 
ATOM   193  C CA  . ALA A 1 44  ? -4.788  -5.202  7.233   1.00 52.11 ? 44  ALA A CA  1 
ATOM   194  C C   . ALA A 1 44  ? -4.137  -6.402  7.958   1.00 52.47 ? 44  ALA A C   1 
ATOM   195  O O   . ALA A 1 44  ? -4.035  -6.429  9.172   1.00 51.63 ? 44  ALA A O   1 
ATOM   196  C CB  . ALA A 1 44  ? -3.693  -4.269  6.654   1.00 51.43 ? 44  ALA A CB  1 
ATOM   197  N N   . GLN A 1 45  ? -3.677  -7.390  7.200   1.00 53.19 ? 45  GLN A N   1 
ATOM   198  C CA  . GLN A 1 45  ? -2.921  -8.496  7.797   1.00 54.71 ? 45  GLN A CA  1 
ATOM   199  C C   . GLN A 1 45  ? -1.816  -8.768  6.829   1.00 54.61 ? 45  GLN A C   1 
ATOM   200  O O   . GLN A 1 45  ? -2.013  -8.607  5.643   1.00 55.28 ? 45  GLN A O   1 
ATOM   201  C CB  . GLN A 1 45  ? -3.792  -9.760  7.984   1.00 54.57 ? 45  GLN A CB  1 
ATOM   202  C CG  . GLN A 1 45  ? -5.200  -9.489  8.581   1.00 57.25 ? 45  GLN A CG  1 
ATOM   203  C CD  . GLN A 1 45  ? -6.306  -9.554  7.540   1.00 61.01 ? 45  GLN A CD  1 
ATOM   204  O OE1 . GLN A 1 45  ? -6.486  -10.592 6.901   1.00 63.09 ? 45  GLN A OE1 1 
ATOM   205  N NE2 . GLN A 1 45  ? -7.071  -8.455  7.380   1.00 61.44 ? 45  GLN A NE2 1 
ATOM   206  N N   . TYR A 1 46  ? -0.663  -9.199  7.315   1.00 55.01 ? 46  TYR A N   1 
ATOM   207  C CA  . TYR A 1 46  ? 0.444   -9.457  6.421   1.00 55.41 ? 46  TYR A CA  1 
ATOM   208  C C   . TYR A 1 46  ? 1.211   -10.776 6.675   1.00 56.32 ? 46  TYR A C   1 
ATOM   209  O O   . TYR A 1 46  ? 1.102   -11.366 7.737   1.00 55.84 ? 46  TYR A O   1 
ATOM   210  C CB  . TYR A 1 46  ? 1.405   -8.281  6.497   1.00 54.68 ? 46  TYR A CB  1 
ATOM   211  C CG  . TYR A 1 46  ? 2.541   -8.503  7.463   1.00 53.37 ? 46  TYR A CG  1 
ATOM   212  C CD1 . TYR A 1 46  ? 2.337   -8.526  8.862   1.00 52.01 ? 46  TYR A CD1 1 
ATOM   213  C CD2 . TYR A 1 46  ? 3.819   -8.677  6.983   1.00 50.68 ? 46  TYR A CD2 1 
ATOM   214  C CE1 . TYR A 1 46  ? 3.422   -8.735  9.730   1.00 48.62 ? 46  TYR A CE1 1 
ATOM   215  C CE2 . TYR A 1 46  ? 4.870   -8.876  7.826   1.00 49.43 ? 46  TYR A CE2 1 
ATOM   216  C CZ  . TYR A 1 46  ? 4.668   -8.916  9.184   1.00 50.02 ? 46  TYR A CZ  1 
ATOM   217  O OH  . TYR A 1 46  ? 5.799   -9.126  9.963   1.00 55.95 ? 46  TYR A OH  1 
ATOM   218  N N   . SER A 1 47  ? 2.001   -11.184 5.679   1.00 57.35 ? 47  SER A N   1 
ATOM   219  C CA  . SER A 1 47  ? 3.025   -12.221 5.806   1.00 58.95 ? 47  SER A CA  1 
ATOM   220  C C   . SER A 1 47  ? 4.276   -11.785 5.043   1.00 59.17 ? 47  SER A C   1 
ATOM   221  O O   . SER A 1 47  ? 4.160   -11.178 3.985   1.00 59.74 ? 47  SER A O   1 
ATOM   222  C CB  . SER A 1 47  ? 2.502   -13.555 5.245   1.00 59.61 ? 47  SER A CB  1 
ATOM   223  O OG  . SER A 1 47  ? 3.517   -14.547 5.279   1.00 61.43 ? 47  SER A OG  1 
ATOM   224  N N   . ALA A 1 48  ? 5.465   -12.087 5.566   1.00 59.95 ? 48  ALA A N   1 
ATOM   225  C CA  . ALA A 1 48  ? 6.740   -11.657 4.949   1.00 60.43 ? 48  ALA A CA  1 
ATOM   226  C C   . ALA A 1 48  ? 7.812   -12.760 4.849   1.00 61.20 ? 48  ALA A C   1 
ATOM   227  O O   . ALA A 1 48  ? 7.784   -13.711 5.598   1.00 62.17 ? 48  ALA A O   1 
ATOM   228  C CB  . ALA A 1 48  ? 7.319   -10.443 5.721   1.00 60.64 ? 48  ALA A CB  1 
ATOM   229  N N   . THR A 1 49  ? 8.751   -12.630 3.919   1.00 61.72 ? 49  THR A N   1 
ATOM   230  C CA  . THR A 1 49  ? 9.969   -13.426 3.927   1.00 63.03 ? 49  THR A CA  1 
ATOM   231  C C   . THR A 1 49  ? 11.147  -12.469 3.703   1.00 64.14 ? 49  THR A C   1 
ATOM   232  O O   . THR A 1 49  ? 10.982  -11.235 3.741   1.00 64.63 ? 49  THR A O   1 
ATOM   233  C CB  . THR A 1 49  ? 9.981   -14.564 2.835   1.00 63.13 ? 49  THR A CB  1 
ATOM   234  O OG1 . THR A 1 49  ? 10.121  -14.003 1.523   1.00 63.45 ? 49  THR A OG1 1 
ATOM   235  C CG2 . THR A 1 49  ? 8.732   -15.437 2.896   1.00 63.40 ? 49  THR A CG2 1 
ATOM   236  N N   . GLU A 1 50  ? 12.329  -13.020 3.452   1.00 64.71 ? 50  GLU A N   1 
ATOM   237  C CA  . GLU A 1 50  ? 13.532  -12.212 3.258   1.00 65.34 ? 50  GLU A CA  1 
ATOM   238  C C   . GLU A 1 50  ? 13.422  -11.295 2.016   1.00 64.72 ? 50  GLU A C   1 
ATOM   239  O O   . GLU A 1 50  ? 14.152  -10.302 1.887   1.00 65.58 ? 50  GLU A O   1 
ATOM   240  C CB  . GLU A 1 50  ? 14.750  -13.131 3.130   1.00 65.77 ? 50  GLU A CB  1 
ATOM   241  C CG  . GLU A 1 50  ? 16.014  -12.652 3.847   1.00 69.54 ? 50  GLU A CG  1 
ATOM   242  C CD  . GLU A 1 50  ? 16.440  -13.564 5.006   1.00 73.89 ? 50  GLU A CD  1 
ATOM   243  O OE1 . GLU A 1 50  ? 15.998  -14.735 5.026   1.00 75.34 ? 50  GLU A OE1 1 
ATOM   244  O OE2 . GLU A 1 50  ? 17.240  -13.120 5.879   1.00 75.11 ? 50  GLU A OE2 1 
ATOM   245  N N   . ASP A 1 51  ? 12.531  -11.627 1.093   1.00 63.69 ? 51  ASP A N   1 
ATOM   246  C CA  . ASP A 1 51  ? 12.432  -10.853 -0.155  1.00 63.24 ? 51  ASP A CA  1 
ATOM   247  C C   . ASP A 1 51  ? 11.016  -10.730 -0.737  1.00 61.33 ? 51  ASP A C   1 
ATOM   248  O O   . ASP A 1 51  ? 10.861  -10.424 -1.912  1.00 60.91 ? 51  ASP A O   1 
ATOM   249  C CB  . ASP A 1 51  ? 13.424  -11.382 -1.215  1.00 64.26 ? 51  ASP A CB  1 
ATOM   250  C CG  . ASP A 1 51  ? 13.683  -12.873 -1.081  1.00 66.31 ? 51  ASP A CG  1 
ATOM   251  O OD1 . ASP A 1 51  ? 12.729  -13.659 -1.302  1.00 69.18 ? 51  ASP A OD1 1 
ATOM   252  O OD2 . ASP A 1 51  ? 14.832  -13.253 -0.738  1.00 69.62 ? 51  ASP A OD2 1 
ATOM   253  N N   . SER A 1 52  ? 10.009  -10.937 0.110   1.00 59.89 ? 52  SER A N   1 
ATOM   254  C CA  . SER A 1 52  ? 8.600   -10.948 -0.279  1.00 58.94 ? 52  SER A CA  1 
ATOM   255  C C   . SER A 1 52  ? 7.758   -10.447 0.849   1.00 57.67 ? 52  SER A C   1 
ATOM   256  O O   . SER A 1 52  ? 8.079   -10.692 2.009   1.00 56.59 ? 52  SER A O   1 
ATOM   257  C CB  . SER A 1 52  ? 8.111   -12.369 -0.579  1.00 59.04 ? 52  SER A CB  1 
ATOM   258  O OG  . SER A 1 52  ? 8.228   -12.648 -1.953  1.00 61.06 ? 52  SER A OG  1 
ATOM   259  N N   . VAL A 1 53  ? 6.671   -9.766  0.487   1.00 56.62 ? 53  VAL A N   1 
ATOM   260  C CA  . VAL A 1 53  ? 5.590   -9.410  1.404   1.00 56.14 ? 53  VAL A CA  1 
ATOM   261  C C   . VAL A 1 53  ? 4.253   -9.822  0.774   1.00 56.05 ? 53  VAL A C   1 
ATOM   262  O O   . VAL A 1 53  ? 4.094   -9.786  -0.435  1.00 57.15 ? 53  VAL A O   1 
ATOM   263  C CB  . VAL A 1 53  ? 5.566   -7.884  1.699   1.00 55.50 ? 53  VAL A CB  1 
ATOM   264  C CG1 . VAL A 1 53  ? 4.440   -7.518  2.648   1.00 55.56 ? 53  VAL A CG1 1 
ATOM   265  C CG2 . VAL A 1 53  ? 6.833   -7.466  2.285   1.00 55.03 ? 53  VAL A CG2 1 
ATOM   266  N N   . LEU A 1 54  ? 3.292   -10.195 1.599   1.00 55.89 ? 54  LEU A N   1 
ATOM   267  C CA  . LEU A 1 54  ? 1.946   -10.499 1.141   1.00 55.82 ? 54  LEU A CA  1 
ATOM   268  C C   . LEU A 1 54  ? 0.990   -9.870  2.150   1.00 55.01 ? 54  LEU A C   1 
ATOM   269  O O   . LEU A 1 54  ? 1.152   -10.062 3.346   1.00 55.24 ? 54  LEU A O   1 
ATOM   270  C CB  . LEU A 1 54  ? 1.758   -12.032 1.044   1.00 55.61 ? 54  LEU A CB  1 
ATOM   271  C CG  . LEU A 1 54  ? 0.338   -12.542 0.771   1.00 57.12 ? 54  LEU A CG  1 
ATOM   272  C CD1 . LEU A 1 54  ? 0.000   -12.431 -0.694  1.00 55.76 ? 54  LEU A CD1 1 
ATOM   273  C CD2 . LEU A 1 54  ? 0.150   -13.991 1.268   1.00 56.96 ? 54  LEU A CD2 1 
ATOM   274  N N   . ALA A 1 55  ? 0.010   -9.095  1.694   1.00 54.57 ? 55  ALA A N   1 
ATOM   275  C CA  . ALA A 1 55  ? -0.920  -8.460  2.644   1.00 53.67 ? 55  ALA A CA  1 
ATOM   276  C C   . ALA A 1 55  ? -2.341  -8.433  2.108   1.00 53.55 ? 55  ALA A C   1 
ATOM   277  O O   . ALA A 1 55  ? -2.546  -8.622  0.911   1.00 53.23 ? 55  ALA A O   1 
ATOM   278  C CB  . ALA A 1 55  ? -0.457  -7.029  3.002   1.00 53.45 ? 55  ALA A CB  1 
ATOM   279  N N   . TYR A 1 56  ? -3.297  -8.200  3.015   1.00 53.38 ? 56  TYR A N   1 
ATOM   280  C CA  . TYR A 1 56  ? -4.736  -8.161  2.746   1.00 53.48 ? 56  TYR A CA  1 
ATOM   281  C C   . TYR A 1 56  ? -5.219  -6.936  3.494   1.00 52.54 ? 56  TYR A C   1 
ATOM   282  O O   . TYR A 1 56  ? -4.759  -6.691  4.598   1.00 52.29 ? 56  TYR A O   1 
ATOM   283  C CB  . TYR A 1 56  ? -5.451  -9.377  3.348   1.00 54.43 ? 56  TYR A CB  1 
ATOM   284  C CG  . TYR A 1 56  ? -5.203  -10.678 2.636   1.00 57.81 ? 56  TYR A CG  1 
ATOM   285  C CD1 . TYR A 1 56  ? -4.096  -11.468 2.946   1.00 59.08 ? 56  TYR A CD1 1 
ATOM   286  C CD2 . TYR A 1 56  ? -6.080  -11.135 1.648   1.00 60.09 ? 56  TYR A CD2 1 
ATOM   287  C CE1 . TYR A 1 56  ? -3.852  -12.663 2.275   1.00 59.62 ? 56  TYR A CE1 1 
ATOM   288  C CE2 . TYR A 1 56  ? -5.843  -12.347 0.971   1.00 60.13 ? 56  TYR A CE2 1 
ATOM   289  C CZ  . TYR A 1 56  ? -4.730  -13.095 1.293   1.00 59.67 ? 56  TYR A CZ  1 
ATOM   290  O OH  . TYR A 1 56  ? -4.496  -14.289 0.636   1.00 60.74 ? 56  TYR A OH  1 
ATOM   291  N N   . GLY A 1 57  ? -6.131  -6.164  2.909   1.00 51.40 ? 57  GLY A N   1 
ATOM   292  C CA  . GLY A 1 57  ? -6.703  -5.020  3.613   1.00 49.99 ? 57  GLY A CA  1 
ATOM   293  C C   . GLY A 1 57  ? -8.201  -4.950  3.418   1.00 49.74 ? 57  GLY A C   1 
ATOM   294  O O   . GLY A 1 57  ? -8.727  -5.480  2.430   1.00 49.78 ? 57  GLY A O   1 
ATOM   295  N N   . ASN A 1 58  ? -8.893  -4.320  4.360   1.00 48.69 ? 58  ASN A N   1 
ATOM   296  C CA  . ASN A 1 58  ? -10.304 -3.995  4.187   1.00 48.37 ? 58  ASN A CA  1 
ATOM   297  C C   . ASN A 1 58  ? -10.400 -2.495  4.146   1.00 47.33 ? 58  ASN A C   1 
ATOM   298  O O   . ASN A 1 58  ? -9.663  -1.825  4.884   1.00 45.62 ? 58  ASN A O   1 
ATOM   299  C CB  . ASN A 1 58  ? -11.139 -4.567  5.347   1.00 48.71 ? 58  ASN A CB  1 
ATOM   300  C CG  . ASN A 1 58  ? -10.974 -6.085  5.484   1.00 52.90 ? 58  ASN A CG  1 
ATOM   301  O OD1 . ASN A 1 58  ? -10.436 -6.586  6.506   1.00 54.84 ? 58  ASN A OD1 1 
ATOM   302  N ND2 . ASN A 1 58  ? -11.368 -6.828  4.424   1.00 50.08 ? 58  ASN A ND2 1 
ATOM   303  N N   . PHE A 1 59  ? -11.314 -1.976  3.310   1.00 47.40 ? 59  PHE A N   1 
ATOM   304  C CA  . PHE A 1 59  ? -11.331 -0.548  2.900   1.00 48.43 ? 59  PHE A CA  1 
ATOM   305  C C   . PHE A 1 59  ? -12.735 0.072   2.881   1.00 49.56 ? 59  PHE A C   1 
ATOM   306  O O   . PHE A 1 59  ? -13.702 -0.596  2.539   1.00 50.04 ? 59  PHE A O   1 
ATOM   307  C CB  . PHE A 1 59  ? -10.798 -0.393  1.456   1.00 46.57 ? 59  PHE A CB  1 
ATOM   308  C CG  . PHE A 1 59  ? -9.353  -0.746  1.257   1.00 44.95 ? 59  PHE A CG  1 
ATOM   309  C CD1 . PHE A 1 59  ? -8.345  0.226   1.444   1.00 43.76 ? 59  PHE A CD1 1 
ATOM   310  C CD2 . PHE A 1 59  ? -8.987  -2.020  0.805   1.00 41.23 ? 59  PHE A CD2 1 
ATOM   311  C CE1 . PHE A 1 59  ? -6.987  -0.077  1.235   1.00 40.32 ? 59  PHE A CE1 1 
ATOM   312  C CE2 . PHE A 1 59  ? -7.643  -2.332  0.597   1.00 39.83 ? 59  PHE A CE2 1 
ATOM   313  C CZ  . PHE A 1 59  ? -6.635  -1.341  0.807   1.00 39.48 ? 59  PHE A CZ  1 
ATOM   314  N N   . THR A 1 60  ? -12.831 1.364   3.190   1.00 51.75 ? 60  THR A N   1 
ATOM   315  C CA  . THR A 1 60  ? -14.095 2.108   3.061   1.00 52.98 ? 60  THR A CA  1 
ATOM   316  C C   . THR A 1 60  ? -13.769 3.526   2.638   1.00 53.71 ? 60  THR A C   1 
ATOM   317  O O   . THR A 1 60  ? -12.804 4.097   3.132   1.00 53.28 ? 60  THR A O   1 
ATOM   318  C CB  . THR A 1 60  ? -15.018 2.065   4.362   1.00 52.81 ? 60  THR A CB  1 
ATOM   319  O OG1 . THR A 1 60  ? -16.368 2.469   4.048   1.00 52.76 ? 60  THR A OG1 1 
ATOM   320  C CG2 . THR A 1 60  ? -14.495 2.955   5.473   1.00 54.08 ? 60  THR A CG2 1 
ATOM   321  N N   . ILE A 1 61  ? -14.553 4.062   1.696   1.00 55.47 ? 61  ILE A N   1 
ATOM   322  C CA  . ILE A 1 61  ? -14.388 5.436   1.209   1.00 57.64 ? 61  ILE A CA  1 
ATOM   323  C C   . ILE A 1 61  ? -15.667 6.259   1.448   1.00 59.12 ? 61  ILE A C   1 
ATOM   324  O O   . ILE A 1 61  ? -16.714 6.020   0.831   1.00 59.74 ? 61  ILE A O   1 
ATOM   325  C CB  . ILE A 1 61  ? -13.926 5.485   -0.285  1.00 57.45 ? 61  ILE A CB  1 
ATOM   326  C CG1 . ILE A 1 61  ? -12.631 4.688   -0.475  1.00 57.09 ? 61  ILE A CG1 1 
ATOM   327  C CG2 . ILE A 1 61  ? -13.730 6.944   -0.762  1.00 57.08 ? 61  ILE A CG2 1 
ATOM   328  C CD1 . ILE A 1 61  ? -12.235 4.476   -1.929  1.00 57.55 ? 61  ILE A CD1 1 
ATOM   329  N N   . GLY A 1 62  ? -15.570 7.230   2.349   1.00 60.75 ? 62  GLY A N   1 
ATOM   330  C CA  . GLY A 1 62  ? -16.731 8.000   2.766   1.00 62.72 ? 62  GLY A CA  1 
ATOM   331  C C   . GLY A 1 62  ? -17.212 9.011   1.746   1.00 64.10 ? 62  GLY A C   1 
ATOM   332  O O   . GLY A 1 62  ? -18.389 9.389   1.731   1.00 64.79 ? 62  GLY A O   1 
ATOM   333  N N   . GLU A 1 63  ? -16.300 9.446   0.893   1.00 65.03 ? 63  GLU A N   1 
ATOM   334  C CA  . GLU A 1 63  ? -16.541 10.551  -0.028  1.00 66.22 ? 63  GLU A CA  1 
ATOM   335  C C   . GLU A 1 63  ? -15.192 10.840  -0.638  1.00 65.13 ? 63  GLU A C   1 
ATOM   336  O O   . GLU A 1 63  ? -14.169 10.449  -0.075  1.00 66.31 ? 63  GLU A O   1 
ATOM   337  C CB  . GLU A 1 63  ? -17.048 11.787  0.734   1.00 66.23 ? 63  GLU A CB  1 
ATOM   338  C CG  . GLU A 1 63  ? -17.444 12.962  -0.142  1.00 68.06 ? 63  GLU A CG  1 
ATOM   339  C CD  . GLU A 1 63  ? -18.031 14.111  0.651   1.00 69.32 ? 63  GLU A CD  1 
ATOM   340  O OE1 . GLU A 1 63  ? -18.932 14.805  0.101   1.00 72.82 ? 63  GLU A OE1 1 
ATOM   341  O OE2 . GLU A 1 63  ? -17.594 14.320  1.817   1.00 72.53 ? 63  GLU A OE2 1 
ATOM   342  N N   . SER A 1 64  ? -15.186 11.528  -1.771  1.00 63.99 ? 64  SER A N   1 
ATOM   343  C CA  . SER A 1 64  ? -13.951 11.866  -2.471  1.00 62.57 ? 64  SER A CA  1 
ATOM   344  C C   . SER A 1 64  ? -13.344 13.184  -2.011  1.00 61.13 ? 64  SER A C   1 
ATOM   345  O O   . SER A 1 64  ? -14.032 14.193  -1.877  1.00 60.69 ? 64  SER A O   1 
ATOM   346  C CB  . SER A 1 64  ? -14.197 11.905  -3.987  1.00 62.50 ? 64  SER A CB  1 
ATOM   347  O OG  . SER A 1 64  ? -14.459 10.606  -4.483  1.00 63.28 ? 64  SER A OG  1 
ATOM   348  N N   . ALA A 1 65  ? -12.035 13.173  -1.806  1.00 60.02 ? 65  ALA A N   1 
ATOM   349  C CA  . ALA A 1 65  ? -11.301 14.403  -1.489  1.00 58.77 ? 65  ALA A CA  1 
ATOM   350  C C   . ALA A 1 65  ? -11.176 15.408  -2.643  1.00 57.83 ? 65  ALA A C   1 
ATOM   351  O O   . ALA A 1 65  ? -11.086 16.605  -2.394  1.00 58.82 ? 65  ALA A O   1 
ATOM   352  C CB  . ALA A 1 65  ? -9.938  14.062  -0.960  1.00 58.77 ? 65  ALA A CB  1 
ATOM   353  N N   . TYR A 1 66  ? -11.159 14.945  -3.891  1.00 56.30 ? 66  TYR A N   1 
ATOM   354  C CA  . TYR A 1 66  ? -10.725 15.802  -5.028  1.00 54.64 ? 66  TYR A CA  1 
ATOM   355  C C   . TYR A 1 66  ? -11.820 16.166  -6.038  1.00 53.85 ? 66  TYR A C   1 
ATOM   356  O O   . TYR A 1 66  ? -11.597 16.974  -6.933  1.00 53.55 ? 66  TYR A O   1 
ATOM   357  C CB  . TYR A 1 66  ? -9.554  15.136  -5.767  1.00 53.39 ? 66  TYR A CB  1 
ATOM   358  C CG  . TYR A 1 66  ? -9.974  13.843  -6.398  1.00 52.48 ? 66  TYR A CG  1 
ATOM   359  C CD1 . TYR A 1 66  ? -10.440 13.814  -7.734  1.00 52.13 ? 66  TYR A CD1 1 
ATOM   360  C CD2 . TYR A 1 66  ? -9.974  12.644  -5.660  1.00 49.65 ? 66  TYR A CD2 1 
ATOM   361  C CE1 . TYR A 1 66  ? -10.857 12.631  -8.328  1.00 47.08 ? 66  TYR A CE1 1 
ATOM   362  C CE2 . TYR A 1 66  ? -10.413 11.468  -6.232  1.00 48.25 ? 66  TYR A CE2 1 
ATOM   363  C CZ  . TYR A 1 66  ? -10.846 11.470  -7.575  1.00 51.03 ? 66  TYR A CZ  1 
ATOM   364  O OH  . TYR A 1 66  ? -11.267 10.304  -8.171  1.00 52.07 ? 66  TYR A OH  1 
ATOM   365  N N   . ILE A 1 67  ? -12.999 15.591  -5.876  1.00 54.59 ? 67  ILE A N   1 
ATOM   366  C CA  . ILE A 1 67  ? -14.089 15.737  -6.851  1.00 55.25 ? 67  ILE A CA  1 
ATOM   367  C C   . ILE A 1 67  ? -15.431 15.598  -6.122  1.00 57.74 ? 67  ILE A C   1 
ATOM   368  O O   . ILE A 1 67  ? -15.514 14.846  -5.155  1.00 56.13 ? 67  ILE A O   1 
ATOM   369  C CB  . ILE A 1 67  ? -13.953 14.663  -7.979  1.00 55.15 ? 67  ILE A CB  1 
ATOM   370  C CG1 . ILE A 1 67  ? -14.866 14.963  -9.173  1.00 54.37 ? 67  ILE A CG1 1 
ATOM   371  C CG2 . ILE A 1 67  ? -14.086 13.207  -7.421  1.00 52.94 ? 67  ILE A CG2 1 
ATOM   372  C CD1 . ILE A 1 67  ? -14.505 14.161  -10.431 1.00 52.36 ? 67  ILE A CD1 1 
ATOM   373  N N   . ARG A 1 68  ? -16.477 16.308  -6.574  1.00 60.82 ? 68  ARG A N   1 
ATOM   374  C CA  . ARG A 1 68  ? -17.799 16.122  -5.953  1.00 63.84 ? 68  ARG A CA  1 
ATOM   375  C C   . ARG A 1 68  ? -18.116 14.669  -5.664  1.00 65.13 ? 68  ARG A C   1 
ATOM   376  O O   . ARG A 1 68  ? -17.993 14.219  -4.525  1.00 66.45 ? 68  ARG A O   1 
ATOM   377  C CB  . ARG A 1 68  ? -18.964 16.788  -6.686  1.00 63.99 ? 68  ARG A CB  1 
ATOM   378  C CG  . ARG A 1 68  ? -18.624 17.514  -7.945  1.00 68.10 ? 68  ARG A CG  1 
ATOM   379  C CD  . ARG A 1 68  ? -19.361 18.874  -8.000  1.00 71.04 ? 68  ARG A CD  1 
ATOM   380  N NE  . ARG A 1 68  ? -20.807 18.746  -8.049  1.00 72.97 ? 68  ARG A NE  1 
ATOM   381  C CZ  . ARG A 1 68  ? -21.515 18.492  -9.154  1.00 75.70 ? 68  ARG A CZ  1 
ATOM   382  N NH1 . ARG A 1 68  ? -20.918 18.341  -10.336 1.00 73.85 ? 68  ARG A NH1 1 
ATOM   383  N NH2 . ARG A 1 68  ? -22.844 18.401  -9.076  1.00 76.72 ? 68  ARG A NH2 1 
ATOM   384  N N   . SER A 1 69  ? -18.518 13.914  -6.665  1.00 66.37 ? 69  SER A N   1 
ATOM   385  C CA  . SER A 1 69  ? -19.067 12.594  -6.338  1.00 67.74 ? 69  SER A CA  1 
ATOM   386  C C   . SER A 1 69  ? -19.630 11.903  -7.569  1.00 68.31 ? 69  SER A C   1 
ATOM   387  O O   . SER A 1 69  ? -20.632 12.321  -8.174  1.00 68.14 ? 69  SER A O   1 
ATOM   388  C CB  . SER A 1 69  ? -20.121 12.683  -5.223  1.00 67.63 ? 69  SER A CB  1 
ATOM   389  O OG  . SER A 1 69  ? -20.422 11.409  -4.696  1.00 67.80 ? 69  SER A OG  1 
ATOM   390  N N   . THR A 1 70  ? -18.934 10.832  -7.913  1.00 69.46 ? 70  THR A N   1 
ATOM   391  C CA  . THR A 1 70  ? -19.164 10.056  -9.115  1.00 69.84 ? 70  THR A CA  1 
ATOM   392  C C   . THR A 1 70  ? -20.163 8.913   -8.840  1.00 70.23 ? 70  THR A C   1 
ATOM   393  O O   . THR A 1 70  ? -20.699 8.298   -9.768  1.00 70.81 ? 70  THR A O   1 
ATOM   394  C CB  . THR A 1 70  ? -17.816 9.503   -9.598  1.00 69.70 ? 70  THR A CB  1 
ATOM   395  O OG1 . THR A 1 70  ? -17.370 8.469   -8.711  1.00 68.59 ? 70  THR A OG1 1 
ATOM   396  C CG2 . THR A 1 70  ? -16.779 10.607  -9.619  1.00 68.92 ? 70  THR A CG2 1 
ATOM   397  N N   . GLY A 1 71  ? -20.409 8.647   -7.561  1.00 70.51 ? 71  GLY A N   1 
ATOM   398  C CA  . GLY A 1 71  ? -21.185 7.483   -7.131  1.00 71.33 ? 71  GLY A CA  1 
ATOM   399  C C   . GLY A 1 71  ? -20.533 6.134   -7.437  1.00 71.43 ? 71  GLY A C   1 
ATOM   400  O O   . GLY A 1 71  ? -21.236 5.136   -7.575  1.00 72.18 ? 71  GLY A O   1 
ATOM   401  N N   . HIS A 1 72  ? -19.203 6.098   -7.553  1.00 71.02 ? 72  HIS A N   1 
ATOM   402  C CA  . HIS A 1 72  ? -18.467 4.854   -7.819  1.00 70.80 ? 72  HIS A CA  1 
ATOM   403  C C   . HIS A 1 72  ? -16.969 4.965   -7.493  1.00 70.42 ? 72  HIS A C   1 
ATOM   404  O O   . HIS A 1 72  ? -16.506 5.985   -6.981  1.00 70.38 ? 72  HIS A O   1 
ATOM   405  C CB  . HIS A 1 72  ? -18.679 4.370   -9.271  1.00 71.33 ? 72  HIS A CB  1 
ATOM   406  C CG  . HIS A 1 72  ? -18.185 5.328   -10.315 1.00 71.98 ? 72  HIS A CG  1 
ATOM   407  N ND1 . HIS A 1 72  ? -18.980 6.320   -10.857 1.00 73.18 ? 72  HIS A ND1 1 
ATOM   408  C CD2 . HIS A 1 72  ? -16.976 5.448   -10.912 1.00 71.86 ? 72  HIS A CD2 1 
ATOM   409  C CE1 . HIS A 1 72  ? -18.278 7.015   -11.733 1.00 72.09 ? 72  HIS A CE1 1 
ATOM   410  N NE2 . HIS A 1 72  ? -17.060 6.507   -11.786 1.00 71.88 ? 72  HIS A NE2 1 
ATOM   411  N N   . PHE A 1 73  ? -16.214 3.919   -7.827  1.00 69.90 ? 73  PHE A N   1 
ATOM   412  C CA  . PHE A 1 73  ? -14.829 3.795   -7.395  1.00 69.27 ? 73  PHE A CA  1 
ATOM   413  C C   . PHE A 1 73  ? -13.901 4.950   -7.804  1.00 68.33 ? 73  PHE A C   1 
ATOM   414  O O   . PHE A 1 73  ? -13.408 5.661   -6.931  1.00 69.05 ? 73  PHE A O   1 
ATOM   415  C CB  . PHE A 1 73  ? -14.230 2.432   -7.779  1.00 69.56 ? 73  PHE A CB  1 
ATOM   416  C CG  . PHE A 1 73  ? -13.021 2.049   -6.963  1.00 69.69 ? 73  PHE A CG  1 
ATOM   417  C CD1 . PHE A 1 73  ? -12.980 2.293   -5.590  1.00 69.60 ? 73  PHE A CD1 1 
ATOM   418  C CD2 . PHE A 1 73  ? -11.927 1.411   -7.564  1.00 70.93 ? 73  PHE A CD2 1 
ATOM   419  C CE1 . PHE A 1 73  ? -11.860 1.929   -4.832  1.00 69.22 ? 73  PHE A CE1 1 
ATOM   420  C CE2 . PHE A 1 73  ? -10.791 1.034   -6.806  1.00 69.61 ? 73  PHE A CE2 1 
ATOM   421  C CZ  . PHE A 1 73  ? -10.761 1.295   -5.447  1.00 69.71 ? 73  PHE A CZ  1 
ATOM   422  N N   . ASN A 1 74  ? -13.674 5.148   -9.101  1.00 66.32 ? 74  ASN A N   1 
ATOM   423  C CA  . ASN A 1 74  ? -12.627 6.077   -9.582  1.00 63.57 ? 74  ASN A CA  1 
ATOM   424  C C   . ASN A 1 74  ? -11.257 5.471   -9.374  1.00 61.78 ? 74  ASN A C   1 
ATOM   425  O O   . ASN A 1 74  ? -10.915 5.079   -8.255  1.00 61.36 ? 74  ASN A O   1 
ATOM   426  C CB  . ASN A 1 74  ? -12.685 7.457   -8.900  1.00 63.33 ? 74  ASN A CB  1 
ATOM   427  C CG  . ASN A 1 74  ? -14.045 8.103   -8.998  1.00 63.38 ? 74  ASN A CG  1 
ATOM   428  O OD1 . ASN A 1 74  ? -14.854 7.735   -9.842  1.00 65.66 ? 74  ASN A OD1 1 
ATOM   429  N ND2 . ASN A 1 74  ? -14.302 9.085   -8.141  1.00 62.59 ? 74  ASN A ND2 1 
ATOM   430  N N   . ALA A 1 75  ? -10.488 5.417   -10.463 1.00 59.42 ? 75  ALA A N   1 
ATOM   431  C CA  . ALA A 1 75  ? -9.147  4.837   -10.524 1.00 57.06 ? 75  ALA A CA  1 
ATOM   432  C C   . ALA A 1 75  ? -8.123  5.513   -9.615  1.00 55.70 ? 75  ALA A C   1 
ATOM   433  O O   . ALA A 1 75  ? -7.204  4.869   -9.121  1.00 56.11 ? 75  ALA A O   1 
ATOM   434  C CB  . ALA A 1 75  ? -8.654  4.887   -11.941 1.00 57.50 ? 75  ALA A CB  1 
ATOM   435  N N   . VAL A 1 76  ? -8.253  6.824   -9.448  1.00 53.46 ? 76  VAL A N   1 
ATOM   436  C CA  . VAL A 1 76  ? -7.484  7.565   -8.473  1.00 51.13 ? 76  VAL A CA  1 
ATOM   437  C C   . VAL A 1 76  ? -7.541  6.863   -7.101  1.00 49.86 ? 76  VAL A C   1 
ATOM   438  O O   . VAL A 1 76  ? -6.534  6.749   -6.435  1.00 48.25 ? 76  VAL A O   1 
ATOM   439  C CB  . VAL A 1 76  ? -7.954  9.028   -8.406  1.00 50.51 ? 76  VAL A CB  1 
ATOM   440  C CG1 . VAL A 1 76  ? -7.343  9.772   -7.213  1.00 49.76 ? 76  VAL A CG1 1 
ATOM   441  C CG2 . VAL A 1 76  ? -7.492  9.705   -9.625  1.00 50.70 ? 76  VAL A CG2 1 
ATOM   442  N N   . GLU A 1 77  ? -8.707  6.330   -6.749  1.00 48.66 ? 77  GLU A N   1 
ATOM   443  C CA  . GLU A 1 77  ? -8.908  5.649   -5.483  1.00 48.48 ? 77  GLU A CA  1 
ATOM   444  C C   . GLU A 1 77  ? -8.299  4.249   -5.403  1.00 47.06 ? 77  GLU A C   1 
ATOM   445  O O   . GLU A 1 77  ? -7.944  3.808   -4.335  1.00 47.99 ? 77  GLU A O   1 
ATOM   446  C CB  . GLU A 1 77  ? -10.401 5.726   -5.080  1.00 48.34 ? 77  GLU A CB  1 
ATOM   447  C CG  . GLU A 1 77  ? -10.735 7.163   -4.597  1.00 49.30 ? 77  GLU A CG  1 
ATOM   448  C CD  . GLU A 1 77  ? -12.203 7.617   -4.733  1.00 52.28 ? 77  GLU A CD  1 
ATOM   449  O OE1 . GLU A 1 77  ? -12.526 8.642   -4.089  1.00 56.20 ? 77  GLU A OE1 1 
ATOM   450  O OE2 . GLU A 1 77  ? -13.039 6.998   -5.461  1.00 55.67 ? 77  GLU A OE2 1 
ATOM   451  N N   . LEU A 1 78  ? -8.152  3.567   -6.531  1.00 46.41 ? 78  LEU A N   1 
ATOM   452  C CA  . LEU A 1 78  ? -7.361  2.332   -6.607  1.00 45.74 ? 78  LEU A CA  1 
ATOM   453  C C   . LEU A 1 78  ? -5.921  2.550   -6.158  1.00 44.35 ? 78  LEU A C   1 
ATOM   454  O O   . LEU A 1 78  ? -5.442  1.826   -5.292  1.00 45.14 ? 78  LEU A O   1 
ATOM   455  C CB  . LEU A 1 78  ? -7.406  1.680   -8.023  1.00 45.52 ? 78  LEU A CB  1 
ATOM   456  C CG  . LEU A 1 78  ? -6.663  0.334   -8.207  1.00 47.20 ? 78  LEU A CG  1 
ATOM   457  C CD1 . LEU A 1 78  ? -7.460  -0.632  -9.029  1.00 49.89 ? 78  LEU A CD1 1 
ATOM   458  C CD2 . LEU A 1 78  ? -5.199  0.421   -8.764  1.00 46.88 ? 78  LEU A CD2 1 
ATOM   459  N N   . ILE A 1 79  ? -5.241  3.531   -6.744  1.00 42.69 ? 79  ILE A N   1 
ATOM   460  C CA  . ILE A 1 79  ? -3.860  3.868   -6.370  1.00 42.75 ? 79  ILE A CA  1 
ATOM   461  C C   . ILE A 1 79  ? -3.759  4.216   -4.881  1.00 42.05 ? 79  ILE A C   1 
ATOM   462  O O   . ILE A 1 79  ? -2.868  3.778   -4.207  1.00 41.13 ? 79  ILE A O   1 
ATOM   463  C CB  . ILE A 1 79  ? -3.323  5.099   -7.167  1.00 42.62 ? 79  ILE A CB  1 
ATOM   464  C CG1 . ILE A 1 79  ? -3.554  4.918   -8.669  1.00 44.98 ? 79  ILE A CG1 1 
ATOM   465  C CG2 . ILE A 1 79  ? -1.827  5.405   -6.813  1.00 41.30 ? 79  ILE A CG2 1 
ATOM   466  C CD1 . ILE A 1 79  ? -2.620  3.822   -9.329  1.00 49.63 ? 79  ILE A CD1 1 
ATOM   467  N N   . LEU A 1 80  ? -4.652  5.073   -4.405  1.00 42.16 ? 80  LEU A N   1 
ATOM   468  C CA  . LEU A 1 80  ? -4.628  5.542   -3.008  1.00 43.46 ? 80  LEU A CA  1 
ATOM   469  C C   . LEU A 1 80  ? -4.761  4.350   -2.061  1.00 42.99 ? 80  LEU A C   1 
ATOM   470  O O   . LEU A 1 80  ? -4.145  4.315   -1.008  1.00 43.90 ? 80  LEU A O   1 
ATOM   471  C CB  . LEU A 1 80  ? -5.790  6.511   -2.765  1.00 43.20 ? 80  LEU A CB  1 
ATOM   472  C CG  . LEU A 1 80  ? -5.596  8.016   -2.803  1.00 47.30 ? 80  LEU A CG  1 
ATOM   473  C CD1 . LEU A 1 80  ? -4.335  8.402   -3.552  1.00 51.24 ? 80  LEU A CD1 1 
ATOM   474  C CD2 . LEU A 1 80  ? -6.835  8.725   -3.376  1.00 48.02 ? 80  LEU A CD2 1 
ATOM   475  N N   . CYS A 1 81  ? -5.587  3.389   -2.431  1.00 42.25 ? 81  CYS A N   1 
ATOM   476  C CA  . CYS A 1 81  ? -5.748  2.195   -1.610  1.00 42.57 ? 81  CYS A CA  1 
ATOM   477  C C   . CYS A 1 81  ? -4.576  1.223   -1.693  1.00 41.78 ? 81  CYS A C   1 
ATOM   478  O O   . CYS A 1 81  ? -4.195  0.610   -0.677  1.00 41.03 ? 81  CYS A O   1 
ATOM   479  C CB  . CYS A 1 81  ? -7.054  1.488   -1.951  1.00 42.21 ? 81  CYS A CB  1 
ATOM   480  S SG  . CYS A 1 81  ? -8.462  2.409   -1.362  1.00 44.65 ? 81  CYS A SG  1 
ATOM   481  N N   . PHE A 1 82  ? -4.045  1.036   -2.900  1.00 41.74 ? 82  PHE A N   1 
ATOM   482  C CA  . PHE A 1 82  ? -2.740  0.360   -3.051  1.00 41.34 ? 82  PHE A CA  1 
ATOM   483  C C   . PHE A 1 82  ? -1.659  1.053   -2.209  1.00 40.24 ? 82  PHE A C   1 
ATOM   484  O O   . PHE A 1 82  ? -0.922  0.378   -1.488  1.00 40.39 ? 82  PHE A O   1 
ATOM   485  C CB  . PHE A 1 82  ? -2.298  0.251   -4.524  1.00 41.25 ? 82  PHE A CB  1 
ATOM   486  C CG  . PHE A 1 82  ? -0.826  -0.015  -4.690  1.00 42.47 ? 82  PHE A CG  1 
ATOM   487  C CD1 . PHE A 1 82  ? 0.081   1.045   -4.834  1.00 40.42 ? 82  PHE A CD1 1 
ATOM   488  C CD2 . PHE A 1 82  ? -0.331  -1.317  -4.647  1.00 43.15 ? 82  PHE A CD2 1 
ATOM   489  C CE1 . PHE A 1 82  ? 1.441   0.800   -4.945  1.00 42.04 ? 82  PHE A CE1 1 
ATOM   490  C CE2 . PHE A 1 82  ? 1.059   -1.576  -4.784  1.00 40.55 ? 82  PHE A CE2 1 
ATOM   491  C CZ  . PHE A 1 82  ? 1.928   -0.548  -4.919  1.00 39.91 ? 82  PHE A CZ  1 
ATOM   492  N N   . ASN A 1 83  ? -1.551  2.377   -2.293  1.00 38.88 ? 83  ASN A N   1 
ATOM   493  C CA  . ASN A 1 83  ? -0.474  3.084   -1.518  1.00 39.13 ? 83  ASN A CA  1 
ATOM   494  C C   . ASN A 1 83  ? -0.591  2.855   -0.017  1.00 39.40 ? 83  ASN A C   1 
ATOM   495  O O   . ASN A 1 83  ? 0.397   2.601   0.653   1.00 40.36 ? 83  ASN A O   1 
ATOM   496  C CB  . ASN A 1 83  ? -0.407  4.614   -1.738  1.00 36.84 ? 83  ASN A CB  1 
ATOM   497  C CG  . ASN A 1 83  ? -0.136  5.015   -3.192  1.00 39.19 ? 83  ASN A CG  1 
ATOM   498  O OD1 . ASN A 1 83  ? -0.387  6.161   -3.565  1.00 34.95 ? 83  ASN A OD1 1 
ATOM   499  N ND2 . ASN A 1 83  ? 0.363   4.076   -4.021  1.00 35.94 ? 83  ASN A ND2 1 
ATOM   500  N N   . GLN A 1 84  ? -1.796  3.007   0.512   1.00 39.20 ? 84  GLN A N   1 
ATOM   501  C CA  . GLN A 1 84  ? -2.045  2.800   1.926   1.00 40.08 ? 84  GLN A CA  1 
ATOM   502  C C   . GLN A 1 84  ? -1.696  1.358   2.411   1.00 39.58 ? 84  GLN A C   1 
ATOM   503  O O   . GLN A 1 84  ? -0.997  1.194   3.411   1.00 39.52 ? 84  GLN A O   1 
ATOM   504  C CB  . GLN A 1 84  ? -3.496  3.175   2.256   1.00 39.77 ? 84  GLN A CB  1 
ATOM   505  C CG  . GLN A 1 84  ? -3.651  4.674   2.209   1.00 42.16 ? 84  GLN A CG  1 
ATOM   506  C CD  . GLN A 1 84  ? -5.038  5.167   2.495   1.00 44.99 ? 84  GLN A CD  1 
ATOM   507  O OE1 . GLN A 1 84  ? -5.445  6.227   2.002   1.00 49.95 ? 84  GLN A OE1 1 
ATOM   508  N NE2 . GLN A 1 84  ? -5.770  4.428   3.292   1.00 43.99 ? 84  GLN A NE2 1 
ATOM   509  N N   . LEU A 1 85  ? -2.161  0.360   1.669   1.00 38.93 ? 85  LEU A N   1 
ATOM   510  C CA  . LEU A 1 85  ? -1.928  -1.048  1.964   1.00 39.37 ? 85  LEU A CA  1 
ATOM   511  C C   . LEU A 1 85  ? -0.466  -1.433  1.867   1.00 39.99 ? 85  LEU A C   1 
ATOM   512  O O   . LEU A 1 85  ? -0.011  -2.251  2.636   1.00 41.27 ? 85  LEU A O   1 
ATOM   513  C CB  . LEU A 1 85  ? -2.732  -1.969  1.017   1.00 39.16 ? 85  LEU A CB  1 
ATOM   514  C CG  . LEU A 1 85  ? -2.565  -3.474  1.247   1.00 37.56 ? 85  LEU A CG  1 
ATOM   515  C CD1 . LEU A 1 85  ? -2.797  -3.855  2.752   1.00 37.03 ? 85  LEU A CD1 1 
ATOM   516  C CD2 . LEU A 1 85  ? -3.477  -4.256  0.324   1.00 38.37 ? 85  LEU A CD2 1 
ATOM   517  N N   . ALA A 1 86  ? 0.245   -0.882  0.891   1.00 40.24 ? 86  ALA A N   1 
ATOM   518  C CA  . ALA A 1 86  ? 1.662   -1.164  0.722   1.00 40.49 ? 86  ALA A CA  1 
ATOM   519  C C   . ALA A 1 86  ? 2.436   -0.504  1.824   1.00 40.41 ? 86  ALA A C   1 
ATOM   520  O O   . ALA A 1 86  ? 3.309   -1.133  2.395   1.00 41.66 ? 86  ALA A O   1 
ATOM   521  C CB  . ALA A 1 86  ? 2.192   -0.696  -0.683  1.00 39.59 ? 86  ALA A CB  1 
ATOM   522  N N   . TYR A 1 87  ? 2.161   0.762   2.142   1.00 40.04 ? 87  TYR A N   1 
ATOM   523  C CA  . TYR A 1 87  ? 2.948   1.371   3.210   1.00 39.53 ? 87  TYR A CA  1 
ATOM   524  C C   . TYR A 1 87  ? 2.689   0.520   4.468   1.00 40.95 ? 87  TYR A C   1 
ATOM   525  O O   . TYR A 1 87  ? 3.588   0.262   5.247   1.00 40.20 ? 87  TYR A O   1 
ATOM   526  C CB  . TYR A 1 87  ? 2.522   2.798   3.521   1.00 38.25 ? 87  TYR A CB  1 
ATOM   527  C CG  . TYR A 1 87  ? 3.077   3.961   2.726   1.00 36.30 ? 87  TYR A CG  1 
ATOM   528  C CD1 . TYR A 1 87  ? 2.205   4.848   2.110   1.00 32.89 ? 87  TYR A CD1 1 
ATOM   529  C CD2 . TYR A 1 87  ? 4.444   4.243   2.665   1.00 35.07 ? 87  TYR A CD2 1 
ATOM   530  C CE1 . TYR A 1 87  ? 2.665   5.953   1.391   1.00 31.72 ? 87  TYR A CE1 1 
ATOM   531  C CE2 . TYR A 1 87  ? 4.924   5.380   1.961   1.00 33.62 ? 87  TYR A CE2 1 
ATOM   532  C CZ  . TYR A 1 87  ? 4.004   6.245   1.360   1.00 34.51 ? 87  TYR A CZ  1 
ATOM   533  O OH  . TYR A 1 87  ? 4.391   7.359   0.643   1.00 35.51 ? 87  TYR A OH  1 
ATOM   534  N N   . SER A 1 88  ? 1.425   0.146   4.675   1.00 42.94 ? 88  SER A N   1 
ATOM   535  C CA  . SER A 1 88  ? 1.010   -0.619  5.843   1.00 44.35 ? 88  SER A CA  1 
ATOM   536  C C   . SER A 1 88  ? 1.648   -2.026  5.918   1.00 44.48 ? 88  SER A C   1 
ATOM   537  O O   . SER A 1 88  ? 1.989   -2.472  6.977   1.00 44.67 ? 88  SER A O   1 
ATOM   538  C CB  . SER A 1 88  ? -0.509  -0.728  5.873   1.00 44.40 ? 88  SER A CB  1 
ATOM   539  O OG  . SER A 1 88  ? -1.090  0.528   6.174   1.00 45.54 ? 88  SER A OG  1 
ATOM   540  N N   . ALA A 1 89  ? 1.819   -2.704  4.791   1.00 45.08 ? 89  ALA A N   1 
ATOM   541  C CA  . ALA A 1 89  ? 2.381   -4.067  4.752   1.00 44.96 ? 89  ALA A CA  1 
ATOM   542  C C   . ALA A 1 89  ? 3.879   -4.143  5.051   1.00 45.08 ? 89  ALA A C   1 
ATOM   543  O O   . ALA A 1 89  ? 4.354   -5.102  5.670   1.00 44.59 ? 89  ALA A O   1 
ATOM   544  C CB  . ALA A 1 89  ? 2.102   -4.690  3.381   1.00 45.68 ? 89  ALA A CB  1 
ATOM   545  N N   . PHE A 1 90  ? 4.630   -3.128  4.609   1.00 44.88 ? 90  PHE A N   1 
ATOM   546  C CA  . PHE A 1 90  ? 6.073   -3.104  4.842   1.00 44.18 ? 90  PHE A CA  1 
ATOM   547  C C   . PHE A 1 90  ? 6.459   -2.695  6.242   1.00 43.93 ? 90  PHE A C   1 
ATOM   548  O O   . PHE A 1 90  ? 7.593   -2.936  6.683   1.00 43.33 ? 90  PHE A O   1 
ATOM   549  C CB  . PHE A 1 90  ? 6.767   -2.232  3.815   1.00 43.17 ? 90  PHE A CB  1 
ATOM   550  C CG  . PHE A 1 90  ? 7.121   -2.977  2.581   1.00 45.80 ? 90  PHE A CG  1 
ATOM   551  C CD1 . PHE A 1 90  ? 6.164   -3.168  1.562   1.00 45.68 ? 90  PHE A CD1 1 
ATOM   552  C CD2 . PHE A 1 90  ? 8.389   -3.554  2.443   1.00 45.43 ? 90  PHE A CD2 1 
ATOM   553  C CE1 . PHE A 1 90  ? 6.480   -3.875  0.413   1.00 45.95 ? 90  PHE A CE1 1 
ATOM   554  C CE2 . PHE A 1 90  ? 8.713   -4.275  1.292   1.00 47.85 ? 90  PHE A CE2 1 
ATOM   555  C CZ  . PHE A 1 90  ? 7.766   -4.446  0.280   1.00 46.63 ? 90  PHE A CZ  1 
ATOM   556  N N   . ALA A 1 91  ? 5.517   -2.075  6.943   1.00 44.00 ? 91  ALA A N   1 
ATOM   557  C CA  . ALA A 1 91  ? 5.840   -1.492  8.225   1.00 44.52 ? 91  ALA A CA  1 
ATOM   558  C C   . ALA A 1 91  ? 6.289   -2.570  9.230   1.00 45.09 ? 91  ALA A C   1 
ATOM   559  O O   . ALA A 1 91  ? 7.390   -2.470  9.784   1.00 45.14 ? 91  ALA A O   1 
ATOM   560  C CB  . ALA A 1 91  ? 4.660   -0.673  8.764   1.00 43.78 ? 91  ALA A CB  1 
ATOM   561  N N   . PRO A 1 92  ? 5.421   -3.566  9.504   1.00 46.08 ? 92  PRO A N   1 
ATOM   562  C CA  . PRO A 1 92  ? 5.760   -4.642  10.462  1.00 46.94 ? 92  PRO A CA  1 
ATOM   563  C C   . PRO A 1 92  ? 6.846   -5.578  9.967   1.00 47.80 ? 92  PRO A C   1 
ATOM   564  O O   . PRO A 1 92  ? 7.544   -6.155  10.795  1.00 49.00 ? 92  PRO A O   1 
ATOM   565  C CB  . PRO A 1 92  ? 4.439   -5.393  10.656  1.00 46.67 ? 92  PRO A CB  1 
ATOM   566  C CG  . PRO A 1 92  ? 3.693   -5.166  9.379   1.00 47.14 ? 92  PRO A CG  1 
ATOM   567  C CD  . PRO A 1 92  ? 4.054   -3.720  8.981   1.00 45.29 ? 92  PRO A CD  1 
ATOM   568  N N   . ALA A 1 93  ? 7.007   -5.704  8.648   1.00 48.12 ? 93  ALA A N   1 
ATOM   569  C CA  . ALA A 1 93  ? 8.200   -6.319  8.058   1.00 48.52 ? 93  ALA A CA  1 
ATOM   570  C C   . ALA A 1 93  ? 9.488   -5.556  8.392   1.00 49.35 ? 93  ALA A C   1 
ATOM   571  O O   . ALA A 1 93  ? 10.513  -6.156  8.742   1.00 49.75 ? 93  ALA A O   1 
ATOM   572  C CB  . ALA A 1 93  ? 8.042   -6.445  6.580   1.00 48.50 ? 93  ALA A CB  1 
ATOM   573  N N   . VAL A 1 94  ? 9.467   -4.233  8.266   1.00 50.15 ? 94  VAL A N   1 
ATOM   574  C CA  . VAL A 1 94  ? 10.611  -3.436  8.716   1.00 50.22 ? 94  VAL A CA  1 
ATOM   575  C C   . VAL A 1 94  ? 10.766  -3.499  10.232  1.00 50.52 ? 94  VAL A C   1 
ATOM   576  O O   . VAL A 1 94  ? 11.897  -3.669  10.748  1.00 50.56 ? 94  VAL A O   1 
ATOM   577  C CB  . VAL A 1 94  ? 10.548  -1.974  8.273   1.00 50.18 ? 94  VAL A CB  1 
ATOM   578  C CG1 . VAL A 1 94  ? 11.818  -1.257  8.719   1.00 49.28 ? 94  VAL A CG1 1 
ATOM   579  C CG2 . VAL A 1 94  ? 10.434  -1.886  6.769   1.00 50.79 ? 94  VAL A CG2 1 
ATOM   580  N N   . LEU A 1 95  ? 9.645   -3.364  10.936  1.00 50.62 ? 95  LEU A N   1 
ATOM   581  C CA  . LEU A 1 95  ? 9.671   -3.401  12.390  1.00 52.28 ? 95  LEU A CA  1 
ATOM   582  C C   . LEU A 1 95  ? 10.327  -4.705  12.860  1.00 53.91 ? 95  LEU A C   1 
ATOM   583  O O   . LEU A 1 95  ? 11.171  -4.717  13.759  1.00 54.55 ? 95  LEU A O   1 
ATOM   584  C CB  . LEU A 1 95  ? 8.270   -3.266  13.003  1.00 50.74 ? 95  LEU A CB  1 
ATOM   585  C CG  . LEU A 1 95  ? 8.281   -3.341  14.541  1.00 52.05 ? 95  LEU A CG  1 
ATOM   586  C CD1 . LEU A 1 95  ? 8.864   -2.075  15.217  1.00 47.56 ? 95  LEU A CD1 1 
ATOM   587  C CD2 . LEU A 1 95  ? 6.896   -3.649  15.115  1.00 51.64 ? 95  LEU A CD2 1 
ATOM   588  N N   . ASN A 1 96  ? 9.943   -5.798  12.219  1.00 55.90 ? 96  ASN A N   1 
ATOM   589  C CA  . ASN A 1 96  ? 10.346  -7.114  12.674  1.00 57.37 ? 96  ASN A CA  1 
ATOM   590  C C   . ASN A 1 96  ? 11.590  -7.613  11.979  1.00 58.00 ? 96  ASN A C   1 
ATOM   591  O O   . ASN A 1 96  ? 12.020  -8.723  12.234  1.00 57.81 ? 96  ASN A O   1 
ATOM   592  C CB  . ASN A 1 96  ? 9.183   -8.083  12.510  1.00 57.85 ? 96  ASN A CB  1 
ATOM   593  C CG  . ASN A 1 96  ? 8.096   -7.818  13.499  1.00 58.99 ? 96  ASN A CG  1 
ATOM   594  O OD1 . ASN A 1 96  ? 8.355   -7.736  14.698  1.00 60.60 ? 96  ASN A OD1 1 
ATOM   595  N ND2 . ASN A 1 96  ? 6.874   -7.649  13.016  1.00 62.53 ? 96  ASN A ND2 1 
ATOM   596  N N   . GLU A 1 97  ? 12.169  -6.765  11.121  1.00 58.95 ? 97  GLU A N   1 
ATOM   597  C CA  . GLU A 1 97  ? 13.442  -7.041  10.447  1.00 60.01 ? 97  GLU A CA  1 
ATOM   598  C C   . GLU A 1 97  ? 13.354  -8.298  9.598   1.00 59.67 ? 97  GLU A C   1 
ATOM   599  O O   . GLU A 1 97  ? 14.249  -9.150  9.649   1.00 59.60 ? 97  GLU A O   1 
ATOM   600  C CB  . GLU A 1 97  ? 14.571  -7.206  11.466  1.00 59.96 ? 97  GLU A CB  1 
ATOM   601  C CG  . GLU A 1 97  ? 15.164  -5.933  12.056  1.00 61.01 ? 97  GLU A CG  1 
ATOM   602  C CD  . GLU A 1 97  ? 16.352  -6.264  12.962  1.00 62.40 ? 97  GLU A CD  1 
ATOM   603  O OE1 . GLU A 1 97  ? 17.494  -5.839  12.647  1.00 65.81 ? 97  GLU A OE1 1 
ATOM   604  O OE2 . GLU A 1 97  ? 16.153  -6.998  13.962  1.00 63.11 ? 97  GLU A OE2 1 
ATOM   605  N N   . GLU A 1 98  ? 12.276  -8.414  8.826   1.00 59.37 ? 98  GLU A N   1 
ATOM   606  C CA  . GLU A 1 98  ? 12.000  -9.627  8.059   1.00 59.55 ? 98  GLU A CA  1 
ATOM   607  C C   . GLU A 1 98  ? 12.524  -9.565  6.638   1.00 59.62 ? 98  GLU A C   1 
ATOM   608  O O   . GLU A 1 98  ? 12.710  -10.606 6.009   1.00 60.79 ? 98  GLU A O   1 
ATOM   609  C CB  . GLU A 1 98  ? 10.502  -9.951  8.072   1.00 59.67 ? 98  GLU A CB  1 
ATOM   610  C CG  . GLU A 1 98  ? 10.083  -10.762 9.311   1.00 61.76 ? 98  GLU A CG  1 
ATOM   611  C CD  . GLU A 1 98  ? 8.633   -10.623 9.676   1.00 62.92 ? 98  GLU A CD  1 
ATOM   612  O OE1 . GLU A 1 98  ? 7.791   -11.340 9.106   1.00 65.61 ? 98  GLU A OE1 1 
ATOM   613  O OE2 . GLU A 1 98  ? 8.332   -9.815  10.570  1.00 65.86 ? 98  GLU A OE2 1 
ATOM   614  N N   . ILE A 1 99  ? 12.772  -8.353  6.141   1.00 58.95 ? 99  ILE A N   1 
ATOM   615  C CA  . ILE A 1 99  ? 13.224  -8.130  4.777   1.00 57.88 ? 99  ILE A CA  1 
ATOM   616  C C   . ILE A 1 99  ? 14.720  -7.959  4.841   1.00 58.32 ? 99  ILE A C   1 
ATOM   617  O O   . ILE A 1 99  ? 15.201  -6.970  5.418   1.00 57.60 ? 99  ILE A O   1 
ATOM   618  C CB  . ILE A 1 99  ? 12.607  -6.830  4.129   1.00 57.99 ? 99  ILE A CB  1 
ATOM   619  C CG1 . ILE A 1 99  ? 11.093  -6.726  4.343   1.00 56.41 ? 99  ILE A CG1 1 
ATOM   620  C CG2 . ILE A 1 99  ? 12.989  -6.718  2.646   1.00 56.19 ? 99  ILE A CG2 1 
ATOM   621  C CD1 . ILE A 1 99  ? 10.262  -7.800  3.608   1.00 55.91 ? 99  ILE A CD1 1 
ATOM   622  N N   . ARG A 1 100 ? 15.449  -8.900  4.217   1.00 58.56 ? 100 ARG A N   1 
ATOM   623  C CA  . ARG A 1 100 ? 16.918  -8.910  4.289   1.00 58.58 ? 100 ARG A CA  1 
ATOM   624  C C   . ARG A 1 100 ? 17.483  -7.548  3.953   1.00 57.40 ? 100 ARG A C   1 
ATOM   625  O O   . ARG A 1 100 ? 18.169  -6.960  4.771   1.00 57.94 ? 100 ARG A O   1 
ATOM   626  C CB  . ARG A 1 100 ? 17.559  -10.003 3.394   1.00 58.88 ? 100 ARG A CB  1 
ATOM   627  C CG  . ARG A 1 100 ? 19.057  -10.293 3.723   1.00 60.58 ? 100 ARG A CG  1 
ATOM   628  C CD  . ARG A 1 100 ? 19.826  -11.061 2.625   1.00 59.89 ? 100 ARG A CD  1 
ATOM   629  N NE  . ARG A 1 100 ? 19.667  -10.415 1.326   1.00 63.95 ? 100 ARG A NE  1 
ATOM   630  C CZ  . ARG A 1 100 ? 18.809  -10.822 0.384   1.00 66.02 ? 100 ARG A CZ  1 
ATOM   631  N NH1 . ARG A 1 100 ? 18.701  -10.139 -0.757  1.00 64.23 ? 100 ARG A NH1 1 
ATOM   632  N NH2 . ARG A 1 100 ? 18.056  -11.913 0.578   1.00 66.68 ? 100 ARG A NH2 1 
ATOM   633  N N   . VAL A 1 101 ? 17.168  -7.043  2.766   1.00 57.33 ? 101 VAL A N   1 
ATOM   634  C CA  . VAL A 1 101 ? 17.691  -5.750  2.252   1.00 56.49 ? 101 VAL A CA  1 
ATOM   635  C C   . VAL A 1 101 ? 17.337  -4.498  3.087   1.00 56.35 ? 101 VAL A C   1 
ATOM   636  O O   . VAL A 1 101 ? 17.973  -3.438  2.902   1.00 56.09 ? 101 VAL A O   1 
ATOM   637  C CB  . VAL A 1 101 ? 17.263  -5.525  0.757   1.00 56.36 ? 101 VAL A CB  1 
ATOM   638  C CG1 . VAL A 1 101 ? 15.773  -5.746  0.566   1.00 55.95 ? 101 VAL A CG1 1 
ATOM   639  C CG2 . VAL A 1 101 ? 17.623  -4.129  0.262   1.00 56.81 ? 101 VAL A CG2 1 
ATOM   640  N N   . LEU A 1 102 ? 16.325  -4.598  3.971   1.00 55.52 ? 102 LEU A N   1 
ATOM   641  C CA  . LEU A 1 102 ? 15.903  -3.422  4.783   1.00 55.34 ? 102 LEU A CA  1 
ATOM   642  C C   . LEU A 1 102 ? 16.388  -3.441  6.242   1.00 55.69 ? 102 LEU A C   1 
ATOM   643  O O   . LEU A 1 102 ? 16.097  -2.526  7.022   1.00 55.21 ? 102 LEU A O   1 
ATOM   644  C CB  . LEU A 1 102 ? 14.383  -3.175  4.707   1.00 54.18 ? 102 LEU A CB  1 
ATOM   645  C CG  . LEU A 1 102 ? 13.907  -2.752  3.314   1.00 53.43 ? 102 LEU A CG  1 
ATOM   646  C CD1 . LEU A 1 102 ? 12.387  -2.649  3.242   1.00 50.20 ? 102 LEU A CD1 1 
ATOM   647  C CD2 . LEU A 1 102 ? 14.620  -1.470  2.829   1.00 51.18 ? 102 LEU A CD2 1 
ATOM   648  N N   . ARG A 1 103 ? 17.118  -4.484  6.617   1.00 55.93 ? 103 ARG A N   1 
ATOM   649  C CA  . ARG A 1 103 ? 17.726  -4.497  7.942   1.00 56.80 ? 103 ARG A CA  1 
ATOM   650  C C   . ARG A 1 103 ? 18.743  -3.347  8.022   1.00 56.93 ? 103 ARG A C   1 
ATOM   651  O O   . ARG A 1 103 ? 19.525  -3.120  7.114   1.00 58.41 ? 103 ARG A O   1 
ATOM   652  C CB  . ARG A 1 103 ? 18.341  -5.862  8.232   1.00 56.98 ? 103 ARG A CB  1 
ATOM   653  C CG  . ARG A 1 103 ? 17.336  -6.906  8.673   1.00 56.35 ? 103 ARG A CG  1 
ATOM   654  C CD  . ARG A 1 103 ? 17.895  -8.279  8.309   1.00 61.74 ? 103 ARG A CD  1 
ATOM   655  N NE  . ARG A 1 103 ? 16.900  -9.351  8.345   1.00 64.18 ? 103 ARG A NE  1 
ATOM   656  C CZ  . ARG A 1 103 ? 17.065  -10.546 7.770   1.00 64.45 ? 103 ARG A CZ  1 
ATOM   657  N NH1 . ARG A 1 103 ? 16.106  -11.466 7.856   1.00 63.70 ? 103 ARG A NH1 1 
ATOM   658  N NH2 . ARG A 1 103 ? 18.181  -10.823 7.102   1.00 64.26 ? 103 ARG A NH2 1 
ATOM   659  N N   . GLY A 1 104 ? 18.715  -2.577  9.084   1.00 57.37 ? 104 GLY A N   1 
ATOM   660  C CA  . GLY A 1 104 ? 19.499  -1.331  9.052   1.00 56.51 ? 104 GLY A CA  1 
ATOM   661  C C   . GLY A 1 104 ? 18.549  -0.158  9.080   1.00 55.57 ? 104 GLY A C   1 
ATOM   662  O O   . GLY A 1 104 ? 18.960  0.991   9.235   1.00 55.62 ? 104 GLY A O   1 
ATOM   663  N N   . TRP A 1 105 ? 17.268  -0.471  8.893   1.00 54.34 ? 105 TRP A N   1 
ATOM   664  C CA  . TRP A 1 105 ? 16.186  0.477   9.058   1.00 52.43 ? 105 TRP A CA  1 
ATOM   665  C C   . TRP A 1 105 ? 15.373  0.005   10.260  1.00 52.59 ? 105 TRP A C   1 
ATOM   666  O O   . TRP A 1 105 ? 15.022  -1.180  10.389  1.00 53.48 ? 105 TRP A O   1 
ATOM   667  C CB  . TRP A 1 105 ? 15.288  0.490   7.817   1.00 51.16 ? 105 TRP A CB  1 
ATOM   668  C CG  . TRP A 1 105 ? 15.550  1.573   6.785   1.00 49.40 ? 105 TRP A CG  1 
ATOM   669  C CD1 . TRP A 1 105 ? 16.614  2.429   6.729   1.00 48.41 ? 105 TRP A CD1 1 
ATOM   670  C CD2 . TRP A 1 105 ? 14.722  1.892   5.653   1.00 48.14 ? 105 TRP A CD2 1 
ATOM   671  N NE1 . TRP A 1 105 ? 16.497  3.256   5.640   1.00 48.92 ? 105 TRP A NE1 1 
ATOM   672  C CE2 . TRP A 1 105 ? 15.348  2.935   4.957   1.00 48.99 ? 105 TRP A CE2 1 
ATOM   673  C CE3 . TRP A 1 105 ? 13.516  1.374   5.147   1.00 48.83 ? 105 TRP A CE3 1 
ATOM   674  C CZ2 . TRP A 1 105 ? 14.789  3.497   3.789   1.00 49.77 ? 105 TRP A CZ2 1 
ATOM   675  C CZ3 . TRP A 1 105 ? 12.978  1.928   3.986   1.00 47.59 ? 105 TRP A CZ3 1 
ATOM   676  C CH2 . TRP A 1 105 ? 13.614  2.967   3.323   1.00 46.58 ? 105 TRP A CH2 1 
ATOM   677  N N   . SER A 1 106 ? 15.101  0.919   11.159  1.00 51.28 ? 106 SER A N   1 
ATOM   678  C CA  . SER A 1 106 ? 14.061  0.691   12.133  1.00 50.71 ? 106 SER A CA  1 
ATOM   679  C C   . SER A 1 106 ? 12.725  1.126   11.514  1.00 49.84 ? 106 SER A C   1 
ATOM   680  O O   . SER A 1 106 ? 12.690  1.588   10.385  1.00 50.27 ? 106 SER A O   1 
ATOM   681  C CB  . SER A 1 106 ? 14.358  1.551   13.363  1.00 49.62 ? 106 SER A CB  1 
ATOM   682  O OG  . SER A 1 106 ? 14.586  2.898   12.965  1.00 50.66 ? 106 SER A OG  1 
ATOM   683  N N   . ILE A 1 107 ? 11.640  1.010   12.272  1.00 48.85 ? 107 ILE A N   1 
ATOM   684  C CA  . ILE A 1 107 ? 10.396  1.628   11.904  1.00 48.53 ? 107 ILE A CA  1 
ATOM   685  C C   . ILE A 1 107 ? 10.483  3.158   11.824  1.00 48.67 ? 107 ILE A C   1 
ATOM   686  O O   . ILE A 1 107 ? 9.827   3.759   10.989  1.00 48.84 ? 107 ILE A O   1 
ATOM   687  C CB  . ILE A 1 107 ? 9.183   1.148   12.783  1.00 48.66 ? 107 ILE A CB  1 
ATOM   688  C CG1 . ILE A 1 107 ? 7.867   1.552   12.112  1.00 45.98 ? 107 ILE A CG1 1 
ATOM   689  C CG2 . ILE A 1 107 ? 9.272   1.673   14.219  1.00 47.24 ? 107 ILE A CG2 1 
ATOM   690  C CD1 . ILE A 1 107 ? 7.582   0.772   10.820  1.00 44.99 ? 107 ILE A CD1 1 
ATOM   691  N N   . ASP A 1 108 ? 11.301  3.771   12.671  1.00 48.79 ? 108 ASP A N   1 
ATOM   692  C CA  . ASP A 1 108 ? 11.590  5.222   12.613  1.00 49.15 ? 108 ASP A CA  1 
ATOM   693  C C   . ASP A 1 108 ? 12.176  5.686   11.270  1.00 47.92 ? 108 ASP A C   1 
ATOM   694  O O   . ASP A 1 108 ? 11.721  6.665   10.674  1.00 47.22 ? 108 ASP A O   1 
ATOM   695  C CB  . ASP A 1 108 ? 12.581  5.583   13.730  1.00 49.91 ? 108 ASP A CB  1 
ATOM   696  C CG  . ASP A 1 108 ? 12.068  5.222   15.108  1.00 53.77 ? 108 ASP A CG  1 
ATOM   697  O OD1 . ASP A 1 108 ? 12.778  4.449   15.797  1.00 61.25 ? 108 ASP A OD1 1 
ATOM   698  O OD2 . ASP A 1 108 ? 10.963  5.690   15.503  1.00 53.60 ? 108 ASP A OD2 1 
ATOM   699  N N   . ASP A 1 109 ? 13.215  4.996   10.819  1.00 47.24 ? 109 ASP A N   1 
ATOM   700  C CA  . ASP A 1 109 ? 13.769  5.222   9.478   1.00 47.39 ? 109 ASP A CA  1 
ATOM   701  C C   . ASP A 1 109 ? 12.674  5.070   8.425   1.00 46.66 ? 109 ASP A C   1 
ATOM   702  O O   . ASP A 1 109 ? 12.488  5.970   7.595   1.00 47.41 ? 109 ASP A O   1 
ATOM   703  C CB  . ASP A 1 109 ? 14.864  4.207   9.168   1.00 47.77 ? 109 ASP A CB  1 
ATOM   704  C CG  . ASP A 1 109 ? 16.067  4.337   10.080  1.00 49.13 ? 109 ASP A CG  1 
ATOM   705  O OD1 . ASP A 1 109 ? 16.794  5.347   10.004  1.00 50.22 ? 109 ASP A OD1 1 
ATOM   706  O OD2 . ASP A 1 109 ? 16.295  3.397   10.849  1.00 51.56 ? 109 ASP A OD2 1 
ATOM   707  N N   . TYR A 1 110 ? 11.938  3.955   8.479   1.00 44.65 ? 110 TYR A N   1 
ATOM   708  C CA  . TYR A 1 110 ? 10.895  3.684   7.492   1.00 44.15 ? 110 TYR A CA  1 
ATOM   709  C C   . TYR A 1 110 ? 9.932   4.885   7.477   1.00 44.53 ? 110 TYR A C   1 
ATOM   710  O O   . TYR A 1 110 ? 9.808   5.559   6.444   1.00 44.65 ? 110 TYR A O   1 
ATOM   711  C CB  . TYR A 1 110 ? 10.208  2.355   7.780   1.00 43.21 ? 110 TYR A CB  1 
ATOM   712  C CG  . TYR A 1 110 ? 9.063   1.985   6.868   1.00 42.63 ? 110 TYR A CG  1 
ATOM   713  C CD1 . TYR A 1 110 ? 9.294   1.384   5.622   1.00 42.48 ? 110 TYR A CD1 1 
ATOM   714  C CD2 . TYR A 1 110 ? 7.747   2.230   7.239   1.00 41.65 ? 110 TYR A CD2 1 
ATOM   715  C CE1 . TYR A 1 110 ? 8.275   1.068   4.797   1.00 38.02 ? 110 TYR A CE1 1 
ATOM   716  C CE2 . TYR A 1 110 ? 6.714   1.919   6.380   1.00 41.99 ? 110 TYR A CE2 1 
ATOM   717  C CZ  . TYR A 1 110 ? 6.995   1.316   5.173   1.00 40.55 ? 110 TYR A CZ  1 
ATOM   718  O OH  . TYR A 1 110 ? 5.971   0.942   4.345   1.00 40.94 ? 110 TYR A OH  1 
ATOM   719  N N   . CYS A 1 111 ? 9.340   5.209   8.628   1.00 43.62 ? 111 CYS A N   1 
ATOM   720  C CA  . CYS A 1 111 ? 8.439   6.348   8.693   1.00 44.75 ? 111 CYS A CA  1 
ATOM   721  C C   . CYS A 1 111 ? 9.035   7.662   8.233   1.00 44.30 ? 111 CYS A C   1 
ATOM   722  O O   . CYS A 1 111 ? 8.345   8.402   7.596   1.00 44.19 ? 111 CYS A O   1 
ATOM   723  C CB  . CYS A 1 111 ? 7.752   6.489   10.053  1.00 43.63 ? 111 CYS A CB  1 
ATOM   724  S SG  . CYS A 1 111 ? 6.877   5.015   10.580  1.00 47.94 ? 111 CYS A SG  1 
ATOM   725  N N   . GLN A 1 112 ? 10.301  7.947   8.548   1.00 46.24 ? 112 GLN A N   1 
ATOM   726  C CA  . GLN A 1 112 ? 11.016  9.124   7.975   1.00 48.19 ? 112 GLN A CA  1 
ATOM   727  C C   . GLN A 1 112 ? 11.129  9.134   6.440   1.00 47.26 ? 112 GLN A C   1 
ATOM   728  O O   . GLN A 1 112 ? 11.318  10.196  5.828   1.00 46.95 ? 112 GLN A O   1 
ATOM   729  C CB  . GLN A 1 112 ? 12.452  9.263   8.527   1.00 48.08 ? 112 GLN A CB  1 
ATOM   730  C CG  . GLN A 1 112 ? 12.589  9.603   10.044  1.00 51.54 ? 112 GLN A CG  1 
ATOM   731  C CD  . GLN A 1 112 ? 13.961  9.166   10.628  1.00 52.72 ? 112 GLN A CD  1 
ATOM   732  O OE1 . GLN A 1 112 ? 14.082  8.834   11.820  1.00 60.50 ? 112 GLN A OE1 1 
ATOM   733  N NE2 . GLN A 1 112 ? 14.991  9.145   9.772   1.00 58.60 ? 112 GLN A NE2 1 
ATOM   734  N N   . HIS A 1 113 ? 11.085  7.958   5.818   1.00 47.24 ? 113 HIS A N   1 
ATOM   735  C CA  . HIS A 1 113 ? 11.291  7.911   4.378   1.00 47.69 ? 113 HIS A CA  1 
ATOM   736  C C   . HIS A 1 113 ? 10.018  7.843   3.550   1.00 46.44 ? 113 HIS A C   1 
ATOM   737  O O   . HIS A 1 113 ? 10.053  8.113   2.355   1.00 45.46 ? 113 HIS A O   1 
ATOM   738  C CB  . HIS A 1 113 ? 12.307  6.827   3.999   1.00 48.44 ? 113 HIS A CB  1 
ATOM   739  C CG  . HIS A 1 113 ? 13.682  7.119   4.511   1.00 52.05 ? 113 HIS A CG  1 
ATOM   740  N ND1 . HIS A 1 113 ? 14.330  8.310   4.250   1.00 58.74 ? 113 HIS A ND1 1 
ATOM   741  C CD2 . HIS A 1 113 ? 14.509  6.409   5.309   1.00 55.49 ? 113 HIS A CD2 1 
ATOM   742  C CE1 . HIS A 1 113 ? 15.509  8.307   4.846   1.00 60.17 ? 113 HIS A CE1 1 
ATOM   743  N NE2 . HIS A 1 113 ? 15.648  7.159   5.486   1.00 58.35 ? 113 HIS A NE2 1 
ATOM   744  N N   . GLN A 1 114 ? 8.911   7.502   4.200   1.00 45.27 ? 114 GLN A N   1 
ATOM   745  C CA  . GLN A 1 114 ? 7.619   7.337   3.531   1.00 45.75 ? 114 GLN A CA  1 
ATOM   746  C C   . GLN A 1 114 ? 7.272   8.334   2.431   1.00 46.22 ? 114 GLN A C   1 
ATOM   747  O O   . GLN A 1 114 ? 7.024   7.931   1.284   1.00 46.60 ? 114 GLN A O   1 
ATOM   748  C CB  . GLN A 1 114 ? 6.489   7.326   4.559   1.00 45.83 ? 114 GLN A CB  1 
ATOM   749  C CG  . GLN A 1 114 ? 6.232   5.939   5.112   1.00 44.93 ? 114 GLN A CG  1 
ATOM   750  C CD  . GLN A 1 114 ? 4.984   5.894   5.954   1.00 45.19 ? 114 GLN A CD  1 
ATOM   751  O OE1 . GLN A 1 114 ? 5.051   5.963   7.173   1.00 49.87 ? 114 GLN A OE1 1 
ATOM   752  N NE2 . GLN A 1 114 ? 3.858   5.767   5.321   1.00 41.33 ? 114 GLN A NE2 1 
ATOM   753  N N   . LEU A 1 115 ? 7.258   9.623   2.769   1.00 46.55 ? 115 LEU A N   1 
ATOM   754  C CA  . LEU A 1 115 ? 6.766   10.650  1.830   1.00 47.33 ? 115 LEU A CA  1 
ATOM   755  C C   . LEU A 1 115 ? 7.763   11.025  0.741   1.00 47.61 ? 115 LEU A C   1 
ATOM   756  O O   . LEU A 1 115 ? 7.440   10.988  -0.452  1.00 48.34 ? 115 LEU A O   1 
ATOM   757  C CB  . LEU A 1 115 ? 6.226   11.900  2.575   1.00 47.08 ? 115 LEU A CB  1 
ATOM   758  C CG  . LEU A 1 115 ? 5.153   11.673  3.665   1.00 47.26 ? 115 LEU A CG  1 
ATOM   759  C CD1 . LEU A 1 115 ? 4.614   12.998  4.325   1.00 46.82 ? 115 LEU A CD1 1 
ATOM   760  C CD2 . LEU A 1 115 ? 4.022   10.800  3.184   1.00 45.82 ? 115 LEU A CD2 1 
ATOM   761  N N   . SER A 1 116 ? 8.980   11.356  1.147   1.00 48.10 ? 116 SER A N   1 
ATOM   762  C CA  . SER A 1 116 ? 10.019  11.816  0.213   1.00 48.97 ? 116 SER A CA  1 
ATOM   763  C C   . SER A 1 116 ? 10.753  10.727  -0.639  1.00 48.47 ? 116 SER A C   1 
ATOM   764  O O   . SER A 1 116 ? 11.277  11.044  -1.697  1.00 48.51 ? 116 SER A O   1 
ATOM   765  C CB  . SER A 1 116 ? 11.065  12.629  1.005   1.00 48.66 ? 116 SER A CB  1 
ATOM   766  O OG  . SER A 1 116 ? 11.639  11.786  2.004   1.00 51.03 ? 116 SER A OG  1 
ATOM   767  N N   . SER A 1 117 ? 10.790  9.477   -0.169  1.00 47.37 ? 117 SER A N   1 
ATOM   768  C CA  . SER A 1 117 ? 11.696  8.451   -0.701  1.00 47.50 ? 117 SER A CA  1 
ATOM   769  C C   . SER A 1 117 ? 11.052  7.161   -1.221  1.00 46.82 ? 117 SER A C   1 
ATOM   770  O O   . SER A 1 117 ? 11.771  6.225   -1.600  1.00 48.19 ? 117 SER A O   1 
ATOM   771  C CB  . SER A 1 117 ? 12.737  8.046   0.370   1.00 47.88 ? 117 SER A CB  1 
ATOM   772  O OG  . SER A 1 117 ? 13.431  9.165   0.910   1.00 49.61 ? 117 SER A OG  1 
ATOM   773  N N   . MET A 1 118 ? 9.722   7.090   -1.227  1.00 44.94 ? 118 MET A N   1 
ATOM   774  C CA  . MET A 1 118 ? 9.022   5.897   -1.695  1.00 41.94 ? 118 MET A CA  1 
ATOM   775  C C   . MET A 1 118 ? 8.154   6.283   -2.879  1.00 42.16 ? 118 MET A C   1 
ATOM   776  O O   . MET A 1 118 ? 7.164   7.000   -2.743  1.00 41.71 ? 118 MET A O   1 
ATOM   777  C CB  . MET A 1 118 ? 8.256   5.178   -0.564  1.00 41.11 ? 118 MET A CB  1 
ATOM   778  C CG  . MET A 1 118 ? 9.220   4.595   0.580   1.00 38.67 ? 118 MET A CG  1 
ATOM   779  S SD  . MET A 1 118 ? 8.347   3.794   1.968   1.00 40.62 ? 118 MET A SD  1 
ATOM   780  C CE  . MET A 1 118 ? 9.616   4.035   3.235   1.00 36.91 ? 118 MET A CE  1 
ATOM   781  N N   . LEU A 1 119 ? 8.547   5.809   -4.062  1.00 41.01 ? 119 LEU A N   1 
ATOM   782  C CA  . LEU A 1 119 ? 7.965   6.322   -5.293  1.00 40.91 ? 119 LEU A CA  1 
ATOM   783  C C   . LEU A 1 119 ? 7.353   5.215   -6.128  1.00 39.84 ? 119 LEU A C   1 
ATOM   784  O O   . LEU A 1 119 ? 7.769   4.052   -6.063  1.00 38.21 ? 119 LEU A O   1 
ATOM   785  C CB  . LEU A 1 119 ? 9.003   7.094   -6.129  1.00 41.22 ? 119 LEU A CB  1 
ATOM   786  C CG  . LEU A 1 119 ? 10.032  8.067   -5.515  1.00 44.37 ? 119 LEU A CG  1 
ATOM   787  C CD1 . LEU A 1 119 ? 11.145  8.395   -6.495  1.00 46.40 ? 119 LEU A CD1 1 
ATOM   788  C CD2 . LEU A 1 119 ? 9.371   9.356   -5.071  1.00 46.05 ? 119 LEU A CD2 1 
ATOM   789  N N   . ILE A 1 120 ? 6.390   5.605   -6.949  1.00 39.69 ? 120 ILE A N   1 
ATOM   790  C CA  . ILE A 1 120 ? 5.870   4.738   -8.008  1.00 40.41 ? 120 ILE A CA  1 
ATOM   791  C C   . ILE A 1 120 ? 6.615   5.023   -9.305  1.00 41.12 ? 120 ILE A C   1 
ATOM   792  O O   . ILE A 1 120 ? 6.436   6.093   -9.849  1.00 40.03 ? 120 ILE A O   1 
ATOM   793  C CB  . ILE A 1 120 ? 4.343   4.996   -8.235  1.00 38.35 ? 120 ILE A CB  1 
ATOM   794  C CG1 . ILE A 1 120 ? 3.562   4.504   -7.043  1.00 37.47 ? 120 ILE A CG1 1 
ATOM   795  C CG2 . ILE A 1 120 ? 3.834   4.278   -9.500  1.00 39.07 ? 120 ILE A CG2 1 
ATOM   796  C CD1 . ILE A 1 120 ? 2.137   5.091   -6.952  1.00 38.63 ? 120 ILE A CD1 1 
ATOM   797  N N   . ARG A 1 121 ? 7.395   4.062   -9.815  1.00 43.52 ? 121 ARG A N   1 
ATOM   798  C CA  . ARG A 1 121 ? 8.080   4.180   -11.139 1.00 46.17 ? 121 ARG A CA  1 
ATOM   799  C C   . ARG A 1 121 ? 7.188   3.907   -12.367 1.00 46.20 ? 121 ARG A C   1 
ATOM   800  O O   . ARG A 1 121 ? 7.257   4.633   -13.384 1.00 45.14 ? 121 ARG A O   1 
ATOM   801  C CB  . ARG A 1 121 ? 9.268   3.218   -11.214 1.00 46.03 ? 121 ARG A CB  1 
ATOM   802  C CG  . ARG A 1 121 ? 10.238  3.363   -10.037 1.00 50.40 ? 121 ARG A CG  1 
ATOM   803  C CD  . ARG A 1 121 ? 11.581  2.626   -10.297 1.00 51.07 ? 121 ARG A CD  1 
ATOM   804  N NE  . ARG A 1 121 ? 12.377  3.302   -11.329 1.00 58.01 ? 121 ARG A NE  1 
ATOM   805  C CZ  . ARG A 1 121 ? 13.343  4.193   -11.098 1.00 61.25 ? 121 ARG A CZ  1 
ATOM   806  N NH1 . ARG A 1 121 ? 13.977  4.732   -12.133 1.00 64.71 ? 121 ARG A NH1 1 
ATOM   807  N NH2 . ARG A 1 121 ? 13.693  4.554   -9.858  1.00 62.26 ? 121 ARG A NH2 1 
ATOM   808  N N   . LYS A 1 122 ? 6.402   2.834   -12.276 1.00 46.68 ? 122 LYS A N   1 
ATOM   809  C CA  . LYS A 1 122 ? 5.397   2.489   -13.276 1.00 48.60 ? 122 LYS A CA  1 
ATOM   810  C C   . LYS A 1 122 ? 4.172   1.782   -12.646 1.00 48.74 ? 122 LYS A C   1 
ATOM   811  O O   . LYS A 1 122 ? 4.242   1.192   -11.573 1.00 48.07 ? 122 LYS A O   1 
ATOM   812  C CB  . LYS A 1 122 ? 5.996   1.687   -14.460 1.00 48.83 ? 122 LYS A CB  1 
ATOM   813  C CG  . LYS A 1 122 ? 7.149   0.668   -14.137 1.00 51.64 ? 122 LYS A CG  1 
ATOM   814  C CD  . LYS A 1 122 ? 7.183   -0.443  -15.199 1.00 52.18 ? 122 LYS A CD  1 
ATOM   815  C CE  . LYS A 1 122 ? 8.604   -1.012  -15.429 1.00 57.55 ? 122 LYS A CE  1 
ATOM   816  N NZ  . LYS A 1 122 ? 8.615   -2.374  -16.124 1.00 57.16 ? 122 LYS A NZ  1 
ATOM   817  N N   . ALA A 1 123 ? 3.016   1.911   -13.286 1.00 49.67 ? 123 ALA A N   1 
ATOM   818  C CA  . ALA A 1 123 ? 1.831   1.252   -12.781 1.00 49.81 ? 123 ALA A CA  1 
ATOM   819  C C   . ALA A 1 123 ? 0.880   0.899   -13.908 1.00 50.21 ? 123 ALA A C   1 
ATOM   820  O O   . ALA A 1 123 ? 0.727   1.646   -14.886 1.00 50.47 ? 123 ALA A O   1 
ATOM   821  C CB  . ALA A 1 123 ? 1.134   2.100   -11.710 1.00 49.54 ? 123 ALA A CB  1 
ATOM   822  N N   . SER A 1 124 ? 0.231   -0.242  -13.732 1.00 50.33 ? 124 SER A N   1 
ATOM   823  C CA  . SER A 1 124 ? -0.737  -0.756  -14.659 1.00 51.16 ? 124 SER A CA  1 
ATOM   824  C C   . SER A 1 124 ? -2.018  -1.111  -13.903 1.00 51.46 ? 124 SER A C   1 
ATOM   825  O O   . SER A 1 124 ? -1.960  -1.784  -12.897 1.00 51.95 ? 124 SER A O   1 
ATOM   826  C CB  . SER A 1 124 ? -0.175  -1.995  -15.337 1.00 50.91 ? 124 SER A CB  1 
ATOM   827  O OG  . SER A 1 124 ? -0.495  -1.933  -16.701 1.00 51.92 ? 124 SER A OG  1 
ATOM   828  N N   . SER A 1 125 ? -3.166  -0.649  -14.395 1.00 51.88 ? 125 SER A N   1 
ATOM   829  C CA  . SER A 1 125 ? -4.480  -0.889  -13.774 1.00 51.99 ? 125 SER A CA  1 
ATOM   830  C C   . SER A 1 125 ? -5.535  -1.428  -14.737 1.00 51.86 ? 125 SER A C   1 
ATOM   831  O O   . SER A 1 125 ? -5.529  -1.082  -15.929 1.00 51.26 ? 125 SER A O   1 
ATOM   832  C CB  . SER A 1 125 ? -5.014  0.425   -13.217 1.00 51.85 ? 125 SER A CB  1 
ATOM   833  O OG  . SER A 1 125 ? -4.761  0.485   -11.847 1.00 54.95 ? 125 SER A OG  1 
ATOM   834  N N   . ARG A 1 126 ? -6.469  -2.197  -14.185 1.00 52.55 ? 126 ARG A N   1 
ATOM   835  C CA  . ARG A 1 126 ? -7.615  -2.741  -14.908 1.00 54.77 ? 126 ARG A CA  1 
ATOM   836  C C   . ARG A 1 126 ? -8.846  -2.657  -13.992 1.00 54.11 ? 126 ARG A C   1 
ATOM   837  O O   . ARG A 1 126 ? -8.758  -2.950  -12.814 1.00 53.33 ? 126 ARG A O   1 
ATOM   838  C CB  . ARG A 1 126 ? -7.347  -4.214  -15.290 1.00 54.41 ? 126 ARG A CB  1 
ATOM   839  C CG  . ARG A 1 126 ? -7.834  -4.604  -16.648 1.00 56.56 ? 126 ARG A CG  1 
ATOM   840  C CD  . ARG A 1 126 ? -7.671  -6.139  -16.943 1.00 59.56 ? 126 ARG A CD  1 
ATOM   841  N NE  . ARG A 1 126 ? -6.293  -6.608  -17.199 1.00 68.41 ? 126 ARG A NE  1 
ATOM   842  C CZ  . ARG A 1 126 ? -5.965  -7.771  -17.790 1.00 70.86 ? 126 ARG A CZ  1 
ATOM   843  N NH1 . ARG A 1 126 ? -6.901  -8.620  -18.223 1.00 73.05 ? 126 ARG A NH1 1 
ATOM   844  N NH2 . ARG A 1 126 ? -4.688  -8.090  -17.965 1.00 71.86 ? 126 ARG A NH2 1 
ATOM   845  N N   . PHE A 1 127 ? -9.990  -2.292  -14.556 1.00 55.01 ? 127 PHE A N   1 
ATOM   846  C CA  . PHE A 1 127 ? -11.240 -2.126  -13.823 1.00 56.54 ? 127 PHE A CA  1 
ATOM   847  C C   . PHE A 1 127 ? -12.363 -2.947  -14.469 1.00 58.35 ? 127 PHE A C   1 
ATOM   848  O O   . PHE A 1 127 ? -12.653 -2.800  -15.670 1.00 57.77 ? 127 PHE A O   1 
ATOM   849  C CB  . PHE A 1 127 ? -11.621 -0.627  -13.752 1.00 55.78 ? 127 PHE A CB  1 
ATOM   850  C CG  . PHE A 1 127 ? -10.583 0.207   -13.049 1.00 56.12 ? 127 PHE A CG  1 
ATOM   851  C CD1 . PHE A 1 127 ? -9.463  0.669   -13.725 1.00 55.17 ? 127 PHE A CD1 1 
ATOM   852  C CD2 . PHE A 1 127 ? -10.690 0.468   -11.698 1.00 55.77 ? 127 PHE A CD2 1 
ATOM   853  C CE1 . PHE A 1 127 ? -8.473  1.388   -13.071 1.00 55.29 ? 127 PHE A CE1 1 
ATOM   854  C CE2 . PHE A 1 127 ? -9.707  1.184   -11.049 1.00 56.76 ? 127 PHE A CE2 1 
ATOM   855  C CZ  . PHE A 1 127 ? -8.595  1.632   -11.738 1.00 55.65 ? 127 PHE A CZ  1 
ATOM   856  N N   . ARG A 1 128 ? -12.980 -3.819  -13.665 1.00 60.67 ? 128 ARG A N   1 
ATOM   857  C CA  . ARG A 1 128 ? -14.162 -4.602  -14.097 1.00 62.59 ? 128 ARG A CA  1 
ATOM   858  C C   . ARG A 1 128 ? -15.455 -4.059  -13.483 1.00 63.11 ? 128 ARG A C   1 
ATOM   859  O O   . ARG A 1 128 ? -15.694 -2.846  -13.524 1.00 62.88 ? 128 ARG A O   1 
ATOM   860  C CB  . ARG A 1 128 ? -13.972 -6.097  -13.830 1.00 62.44 ? 128 ARG A CB  1 
ATOM   861  C CG  . ARG A 1 128 ? -13.307 -6.826  -14.982 1.00 65.69 ? 128 ARG A CG  1 
ATOM   862  C CD  . ARG A 1 128 ? -12.518 -8.033  -14.494 1.00 70.18 ? 128 ARG A CD  1 
ATOM   863  N NE  . ARG A 1 128 ? -11.481 -7.619  -13.555 1.00 73.11 ? 128 ARG A NE  1 
ATOM   864  C CZ  . ARG A 1 128 ? -10.194 -7.452  -13.864 1.00 74.45 ? 128 ARG A CZ  1 
ATOM   865  N NH1 . ARG A 1 128 ? -9.770  -7.701  -15.105 1.00 73.61 ? 128 ARG A NH1 1 
ATOM   866  N NH2 . ARG A 1 128 ? -9.336  -7.058  -12.917 1.00 72.15 ? 128 ARG A NH2 1 
ATOM   867  N N   . LYS A 1 129 ? -16.303 -4.930  -12.938 1.00 64.64 ? 129 LYS A N   1 
ATOM   868  C CA  . LYS A 1 129 ? -17.514 -4.430  -12.287 1.00 65.65 ? 129 LYS A CA  1 
ATOM   869  C C   . LYS A 1 129 ? -17.034 -3.397  -11.309 1.00 65.74 ? 129 LYS A C   1 
ATOM   870  O O   . LYS A 1 129 ? -16.201 -3.701  -10.456 1.00 66.27 ? 129 LYS A O   1 
ATOM   871  C CB  . LYS A 1 129 ? -18.317 -5.524  -11.580 1.00 66.13 ? 129 LYS A CB  1 
ATOM   872  C CG  . LYS A 1 129 ? -19.498 -4.991  -10.742 1.00 67.42 ? 129 LYS A CG  1 
ATOM   873  C CD  . LYS A 1 129 ? -20.772 -5.853  -10.871 1.00 68.42 ? 129 LYS A CD  1 
ATOM   874  C CE  . LYS A 1 129 ? -21.540 -5.963  -9.534  1.00 70.27 ? 129 LYS A CE  1 
ATOM   875  N NZ  . LYS A 1 129 ? -21.892 -4.674  -8.846  1.00 70.18 ? 129 LYS A NZ  1 
ATOM   876  N N   . PRO A 1 130 ? -17.518 -2.157  -11.451 1.00 65.89 ? 130 PRO A N   1 
ATOM   877  C CA  . PRO A 1 130 ? -17.089 -1.139  -10.525 1.00 65.86 ? 130 PRO A CA  1 
ATOM   878  C C   . PRO A 1 130 ? -17.109 -1.667  -9.089  1.00 65.61 ? 130 PRO A C   1 
ATOM   879  O O   . PRO A 1 130 ? -17.783 -2.668  -8.809  1.00 66.27 ? 130 PRO A O   1 
ATOM   880  C CB  . PRO A 1 130 ? -18.121 -0.041  -10.746 1.00 65.85 ? 130 PRO A CB  1 
ATOM   881  C CG  . PRO A 1 130 ? -18.359 -0.132  -12.225 1.00 66.09 ? 130 PRO A CG  1 
ATOM   882  C CD  . PRO A 1 130 ? -18.460 -1.612  -12.448 1.00 66.20 ? 130 PRO A CD  1 
ATOM   883  N N   . LEU A 1 131 ? -16.351 -1.025  -8.209  1.00 64.73 ? 131 LEU A N   1 
ATOM   884  C CA  . LEU A 1 131 ? -16.271 -1.452  -6.839  1.00 64.60 ? 131 LEU A CA  1 
ATOM   885  C C   . LEU A 1 131 ? -17.213 -0.645  -5.967  1.00 64.66 ? 131 LEU A C   1 
ATOM   886  O O   . LEU A 1 131 ? -17.466 0.541   -6.200  1.00 64.27 ? 131 LEU A O   1 
ATOM   887  C CB  . LEU A 1 131 ? -14.828 -1.340  -6.311  1.00 64.72 ? 131 LEU A CB  1 
ATOM   888  C CG  . LEU A 1 131 ? -13.884 -2.555  -6.420  1.00 65.53 ? 131 LEU A CG  1 
ATOM   889  C CD1 . LEU A 1 131 ? -14.197 -3.632  -5.417  1.00 64.10 ? 131 LEU A CD1 1 
ATOM   890  C CD2 . LEU A 1 131 ? -13.843 -3.154  -7.813  1.00 67.46 ? 131 LEU A CD2 1 
ATOM   891  N N   . ASN A 1 132 ? -17.737 -1.323  -4.958  1.00 64.82 ? 132 ASN A N   1 
ATOM   892  C CA  . ASN A 1 132 ? -18.493 -0.702  -3.906  1.00 64.61 ? 132 ASN A CA  1 
ATOM   893  C C   . ASN A 1 132 ? -17.521 0.137   -3.044  1.00 64.67 ? 132 ASN A C   1 
ATOM   894  O O   . ASN A 1 132 ? -16.830 -0.410  -2.179  1.00 64.26 ? 132 ASN A O   1 
ATOM   895  C CB  . ASN A 1 132 ? -19.195 -1.800  -3.088  1.00 64.13 ? 132 ASN A CB  1 
ATOM   896  C CG  . ASN A 1 132 ? -20.147 -1.241  -2.028  1.00 64.41 ? 132 ASN A CG  1 
ATOM   897  O OD1 . ASN A 1 132 ? -20.346 -0.026  -1.911  1.00 61.01 ? 132 ASN A OD1 1 
ATOM   898  N ND2 . ASN A 1 132 ? -20.710 -2.138  -1.224  1.00 65.25 ? 132 ASN A ND2 1 
ATOM   899  N N   . PRO A 1 133 ? -17.483 1.476   -3.258  1.00 64.43 ? 133 PRO A N   1 
ATOM   900  C CA  . PRO A 1 133 ? -16.462 2.242   -2.550  1.00 64.14 ? 133 PRO A CA  1 
ATOM   901  C C   . PRO A 1 133 ? -16.629 2.053   -1.043  1.00 63.91 ? 133 PRO A C   1 
ATOM   902  O O   . PRO A 1 133 ? -15.668 2.140   -0.282  1.00 63.86 ? 133 PRO A O   1 
ATOM   903  C CB  . PRO A 1 133 ? -16.778 3.688   -2.946  1.00 64.40 ? 133 PRO A CB  1 
ATOM   904  C CG  . PRO A 1 133 ? -18.251 3.673   -3.303  1.00 64.41 ? 133 PRO A CG  1 
ATOM   905  C CD  . PRO A 1 133 ? -18.369 2.361   -4.038  1.00 64.35 ? 133 PRO A CD  1 
ATOM   906  N N   . GLN A 1 134 ? -17.851 1.732   -0.639  1.00 63.68 ? 134 GLN A N   1 
ATOM   907  C CA  . GLN A 1 134 ? -18.251 1.750   0.758   1.00 62.92 ? 134 GLN A CA  1 
ATOM   908  C C   . GLN A 1 134 ? -17.714 0.583   1.564   1.00 61.53 ? 134 GLN A C   1 
ATOM   909  O O   . GLN A 1 134 ? -17.601 0.689   2.795   1.00 61.19 ? 134 GLN A O   1 
ATOM   910  C CB  . GLN A 1 134 ? -19.771 1.769   0.844   1.00 63.81 ? 134 GLN A CB  1 
ATOM   911  C CG  . GLN A 1 134 ? -20.289 2.897   1.707   1.00 66.50 ? 134 GLN A CG  1 
ATOM   912  C CD  . GLN A 1 134 ? -20.123 4.245   1.034   1.00 70.09 ? 134 GLN A CD  1 
ATOM   913  O OE1 . GLN A 1 134 ? -19.523 5.160   1.614   1.00 71.39 ? 134 GLN A OE1 1 
ATOM   914  N NE2 . GLN A 1 134 ? -20.656 4.383   -0.201  1.00 70.06 ? 134 GLN A NE2 1 
ATOM   915  N N   . LYS A 1 135 ? -17.391 -0.509  0.861   1.00 59.83 ? 135 LYS A N   1 
ATOM   916  C CA  . LYS A 1 135 ? -16.951 -1.760  1.455   1.00 58.53 ? 135 LYS A CA  1 
ATOM   917  C C   . LYS A 1 135 ? -16.253 -2.677  0.447   1.00 57.48 ? 135 LYS A C   1 
ATOM   918  O O   . LYS A 1 135 ? -16.896 -3.324  -0.399  1.00 57.77 ? 135 LYS A O   1 
ATOM   919  C CB  . LYS A 1 135 ? -18.132 -2.513  2.095   1.00 59.32 ? 135 LYS A CB  1 
ATOM   920  C CG  . LYS A 1 135 ? -17.896 -4.051  2.425   1.00 60.18 ? 135 LYS A CG  1 
ATOM   921  C CD  . LYS A 1 135 ? -16.494 -4.436  2.984   1.00 61.95 ? 135 LYS A CD  1 
ATOM   922  C CE  . LYS A 1 135 ? -15.913 -3.474  4.083   1.00 64.28 ? 135 LYS A CE  1 
ATOM   923  N NZ  . LYS A 1 135 ? -14.388 -3.420  4.109   1.00 58.98 ? 135 LYS A NZ  1 
ATOM   924  N N   . PHE A 1 136 ? -14.931 -2.772  0.562   1.00 55.38 ? 136 PHE A N   1 
ATOM   925  C CA  . PHE A 1 136 ? -14.166 -3.611  -0.357  1.00 52.59 ? 136 PHE A CA  1 
ATOM   926  C C   . PHE A 1 136 ? -12.876 -4.018  0.262   1.00 51.16 ? 136 PHE A C   1 
ATOM   927  O O   . PHE A 1 136 ? -12.483 -3.441  1.247   1.00 50.58 ? 136 PHE A O   1 
ATOM   928  C CB  . PHE A 1 136 ? -13.937 -2.889  -1.690  1.00 51.95 ? 136 PHE A CB  1 
ATOM   929  C CG  . PHE A 1 136 ? -13.163 -1.596  -1.586  1.00 51.81 ? 136 PHE A CG  1 
ATOM   930  C CD1 . PHE A 1 136 ? -11.833 -1.533  -2.024  1.00 49.10 ? 136 PHE A CD1 1 
ATOM   931  C CD2 . PHE A 1 136 ? -13.773 -0.425  -1.108  1.00 50.42 ? 136 PHE A CD2 1 
ATOM   932  C CE1 . PHE A 1 136 ? -11.133 -0.346  -1.990  1.00 46.53 ? 136 PHE A CE1 1 
ATOM   933  C CE2 . PHE A 1 136 ? -13.063 0.777   -1.056  1.00 49.61 ? 136 PHE A CE2 1 
ATOM   934  C CZ  . PHE A 1 136 ? -11.739 0.818   -1.505  1.00 48.93 ? 136 PHE A CZ  1 
ATOM   935  N N   . SER A 1 137 ? -12.228 -5.013  -0.329  1.00 50.87 ? 137 SER A N   1 
ATOM   936  C CA  . SER A 1 137 ? -10.974 -5.558  0.160   1.00 51.15 ? 137 SER A CA  1 
ATOM   937  C C   . SER A 1 137 ? -9.941  -5.685  -0.970  1.00 51.07 ? 137 SER A C   1 
ATOM   938  O O   . SER A 1 137 ? -10.319 -5.567  -2.162  1.00 50.03 ? 137 SER A O   1 
ATOM   939  C CB  . SER A 1 137 ? -11.232 -6.932  0.761   1.00 50.89 ? 137 SER A CB  1 
ATOM   940  O OG  . SER A 1 137 ? -12.028 -6.790  1.918   1.00 54.62 ? 137 SER A OG  1 
ATOM   941  N N   . ALA A 1 138 ? -8.674  -5.946  -0.586  1.00 50.14 ? 138 ALA A N   1 
ATOM   942  C CA  . ALA A 1 138 ? -7.555  -6.126  -1.522  1.00 50.33 ? 138 ALA A CA  1 
ATOM   943  C C   . ALA A 1 138 ? -6.531  -7.169  -1.098  1.00 50.61 ? 138 ALA A C   1 
ATOM   944  O O   . ALA A 1 138 ? -6.397  -7.463  0.077   1.00 49.98 ? 138 ALA A O   1 
ATOM   945  C CB  . ALA A 1 138 ? -6.837  -4.789  -1.780  1.00 50.80 ? 138 ALA A CB  1 
ATOM   946  N N   . ARG A 1 139 ? -5.820  -7.728  -2.083  1.00 51.32 ? 139 ARG A N   1 
ATOM   947  C CA  . ARG A 1 139 ? -4.679  -8.610  -1.855  1.00 52.51 ? 139 ARG A CA  1 
ATOM   948  C C   . ARG A 1 139 ? -3.429  -8.092  -2.533  1.00 50.67 ? 139 ARG A C   1 
ATOM   949  O O   . ARG A 1 139 ? -3.379  -8.005  -3.736  1.00 50.21 ? 139 ARG A O   1 
ATOM   950  C CB  . ARG A 1 139 ? -4.956  -10.016 -2.420  1.00 52.87 ? 139 ARG A CB  1 
ATOM   951  C CG  . ARG A 1 139 ? -4.094  -11.099 -1.812  1.00 55.11 ? 139 ARG A CG  1 
ATOM   952  C CD  . ARG A 1 139 ? -4.107  -12.391 -2.667  1.00 56.27 ? 139 ARG A CD  1 
ATOM   953  N NE  . ARG A 1 139 ? -3.255  -12.244 -3.853  1.00 65.52 ? 139 ARG A NE  1 
ATOM   954  C CZ  . ARG A 1 139 ? -2.221  -13.022 -4.198  1.00 67.97 ? 139 ARG A CZ  1 
ATOM   955  N NH1 . ARG A 1 139 ? -1.539  -12.739 -5.313  1.00 68.92 ? 139 ARG A NH1 1 
ATOM   956  N NH2 . ARG A 1 139 ? -1.867  -14.075 -3.458  1.00 68.76 ? 139 ARG A NH2 1 
ATOM   957  N N   . LEU A 1 140 ? -2.388  -7.840  -1.762  1.00 50.55 ? 140 LEU A N   1 
ATOM   958  C CA  . LEU A 1 140 ? -1.135  -7.335  -2.302  1.00 49.56 ? 140 LEU A CA  1 
ATOM   959  C C   . LEU A 1 140 ? 0.037   -8.317  -2.207  1.00 50.28 ? 140 LEU A C   1 
ATOM   960  O O   . LEU A 1 140 ? 0.298   -8.877  -1.169  1.00 50.36 ? 140 LEU A O   1 
ATOM   961  C CB  . LEU A 1 140 ? -0.769  -6.030  -1.575  1.00 49.80 ? 140 LEU A CB  1 
ATOM   962  C CG  . LEU A 1 140 ? 0.605   -5.393  -1.775  1.00 48.53 ? 140 LEU A CG  1 
ATOM   963  C CD1 . LEU A 1 140 ? 0.653   -4.790  -3.151  1.00 51.42 ? 140 LEU A CD1 1 
ATOM   964  C CD2 . LEU A 1 140 ? 0.889   -4.348  -0.698  1.00 46.98 ? 140 LEU A CD2 1 
ATOM   965  N N   . LEU A 1 141 ? 0.785   -8.475  -3.286  1.00 51.37 ? 141 LEU A N   1 
ATOM   966  C CA  . LEU A 1 141 ? 1.983   -9.253  -3.210  1.00 51.91 ? 141 LEU A CA  1 
ATOM   967  C C   . LEU A 1 141 ? 3.135   -8.547  -3.910  1.00 52.45 ? 141 LEU A C   1 
ATOM   968  O O   . LEU A 1 141 ? 3.011   -8.095  -5.061  1.00 52.40 ? 141 LEU A O   1 
ATOM   969  C CB  . LEU A 1 141 ? 1.728   -10.653 -3.771  1.00 52.81 ? 141 LEU A CB  1 
ATOM   970  C CG  . LEU A 1 141 ? 2.749   -11.813 -3.813  1.00 52.73 ? 141 LEU A CG  1 
ATOM   971  C CD1 . LEU A 1 141 ? 3.519   -11.750 -5.131  1.00 55.80 ? 141 LEU A CD1 1 
ATOM   972  C CD2 . LEU A 1 141 ? 3.676   -11.897 -2.629  1.00 50.72 ? 141 LEU A CD2 1 
ATOM   973  N N   . CYS A 1 142 ? 4.253   -8.457  -3.191  1.00 53.16 ? 142 CYS A N   1 
ATOM   974  C CA  . CYS A 1 142 ? 5.459   -7.803  -3.677  1.00 54.56 ? 142 CYS A CA  1 
ATOM   975  C C   . CYS A 1 142 ? 6.586   -8.826  -3.655  1.00 55.22 ? 142 CYS A C   1 
ATOM   976  O O   . CYS A 1 142 ? 6.796   -9.472  -2.647  1.00 55.14 ? 142 CYS A O   1 
ATOM   977  C CB  . CYS A 1 142 ? 5.768   -6.518  -2.862  1.00 54.04 ? 142 CYS A CB  1 
ATOM   978  S SG  . CYS A 1 142 ? 4.388   -5.247  -2.813  1.00 53.84 ? 142 CYS A SG  1 
ATOM   979  N N   . ARG A 1 143 ? 7.266   -9.001  -4.789  1.00 57.04 ? 143 ARG A N   1 
ATOM   980  C CA  . ARG A 1 143 ? 8.265   -10.078 -4.970  1.00 58.98 ? 143 ARG A CA  1 
ATOM   981  C C   . ARG A 1 143 ? 9.450   -9.597  -5.772  1.00 58.60 ? 143 ARG A C   1 
ATOM   982  O O   . ARG A 1 143 ? 9.360   -8.580  -6.447  1.00 59.02 ? 143 ARG A O   1 
ATOM   983  C CB  . ARG A 1 143 ? 7.663   -11.265 -5.732  1.00 59.22 ? 143 ARG A CB  1 
ATOM   984  C CG  . ARG A 1 143 ? 6.823   -12.214 -4.898  1.00 62.28 ? 143 ARG A CG  1 
ATOM   985  C CD  . ARG A 1 143 ? 6.695   -13.612 -5.558  1.00 62.59 ? 143 ARG A CD  1 
ATOM   986  N NE  . ARG A 1 143 ? 5.974   -13.640 -6.839  1.00 67.81 ? 143 ARG A NE  1 
ATOM   987  C CZ  . ARG A 1 143 ? 5.451   -14.750 -7.381  1.00 68.02 ? 143 ARG A CZ  1 
ATOM   988  N NH1 . ARG A 1 143 ? 5.543   -15.920 -6.754  1.00 67.35 ? 143 ARG A NH1 1 
ATOM   989  N NH2 . ARG A 1 143 ? 4.819   -14.694 -8.546  1.00 68.53 ? 143 ARG A NH2 1 
ATOM   990  N N   . ASP A 1 144 ? 10.546  -10.353 -5.739  1.00 58.64 ? 144 ASP A N   1 
ATOM   991  C CA  . ASP A 1 144 ? 11.719  -10.042 -6.544  1.00 58.85 ? 144 ASP A CA  1 
ATOM   992  C C   . ASP A 1 144 ? 12.207  -8.578  -6.309  1.00 57.75 ? 144 ASP A C   1 
ATOM   993  O O   . ASP A 1 144 ? 12.511  -7.837  -7.245  1.00 57.24 ? 144 ASP A O   1 
ATOM   994  C CB  . ASP A 1 144 ? 11.450  -10.361 -8.030  1.00 59.95 ? 144 ASP A CB  1 
ATOM   995  C CG  . ASP A 1 144 ? 10.858  -11.772 -8.239  1.00 63.78 ? 144 ASP A CG  1 
ATOM   996  O OD1 . ASP A 1 144 ? 11.620  -12.773 -8.185  1.00 67.62 ? 144 ASP A OD1 1 
ATOM   997  O OD2 . ASP A 1 144 ? 9.630   -11.885 -8.461  1.00 66.41 ? 144 ASP A OD2 1 
ATOM   998  N N   . LEU A 1 145 ? 12.260  -8.187  -5.038  1.00 56.97 ? 145 LEU A N   1 
ATOM   999  C CA  . LEU A 1 145 ? 12.933  -6.970  -4.623  1.00 57.48 ? 145 LEU A CA  1 
ATOM   1000 C C   . LEU A 1 145 ? 14.403  -7.035  -5.024  1.00 58.23 ? 145 LEU A C   1 
ATOM   1001 O O   . LEU A 1 145 ? 15.024  -8.107  -4.965  1.00 59.21 ? 145 LEU A O   1 
ATOM   1002 C CB  . LEU A 1 145 ? 12.854  -6.787  -3.106  1.00 56.68 ? 145 LEU A CB  1 
ATOM   1003 C CG  . LEU A 1 145 ? 11.552  -6.921  -2.310  1.00 56.99 ? 145 LEU A CG  1 
ATOM   1004 C CD1 . LEU A 1 145 ? 11.593  -5.936  -1.122  1.00 57.34 ? 145 LEU A CD1 1 
ATOM   1005 C CD2 . LEU A 1 145 ? 10.226  -6.756  -3.118  1.00 53.37 ? 145 LEU A CD2 1 
ATOM   1006 N N   . GLN A 1 146 ? 14.961  -5.905  -5.446  1.00 58.01 ? 146 GLN A N   1 
ATOM   1007 C CA  . GLN A 1 146 ? 16.384  -5.847  -5.686  1.00 57.45 ? 146 GLN A CA  1 
ATOM   1008 C C   . GLN A 1 146 ? 16.912  -4.437  -5.765  1.00 56.18 ? 146 GLN A C   1 
ATOM   1009 O O   . GLN A 1 146 ? 16.238  -3.527  -6.258  1.00 55.95 ? 146 GLN A O   1 
ATOM   1010 C CB  . GLN A 1 146 ? 16.728  -6.584  -6.973  1.00 58.76 ? 146 GLN A CB  1 
ATOM   1011 C CG  . GLN A 1 146 ? 16.190  -5.939  -8.226  1.00 60.96 ? 146 GLN A CG  1 
ATOM   1012 C CD  . GLN A 1 146 ? 16.283  -6.880  -9.384  1.00 65.90 ? 146 GLN A CD  1 
ATOM   1013 O OE1 . GLN A 1 146 ? 15.630  -7.928  -9.394  1.00 67.41 ? 146 GLN A OE1 1 
ATOM   1014 N NE2 . GLN A 1 146 ? 17.110  -6.531  -10.370 1.00 67.40 ? 146 GLN A NE2 1 
ATOM   1015 N N   . VAL A 1 147 ? 18.132  -4.279  -5.274  1.00 54.39 ? 147 VAL A N   1 
ATOM   1016 C CA  . VAL A 1 147 ? 18.812  -3.012  -5.253  1.00 53.10 ? 147 VAL A CA  1 
ATOM   1017 C C   . VAL A 1 147 ? 19.331  -2.676  -6.650  1.00 53.40 ? 147 VAL A C   1 
ATOM   1018 O O   . VAL A 1 147 ? 19.640  -3.572  -7.450  1.00 53.93 ? 147 VAL A O   1 
ATOM   1019 C CB  . VAL A 1 147 ? 19.959  -3.067  -4.259  1.00 52.98 ? 147 VAL A CB  1 
ATOM   1020 C CG1 . VAL A 1 147 ? 20.616  -1.701  -4.117  1.00 51.58 ? 147 VAL A CG1 1 
ATOM   1021 C CG2 . VAL A 1 147 ? 19.436  -3.573  -2.923  1.00 52.74 ? 147 VAL A CG2 1 
ATOM   1022 N N   . ILE A 1 148 ? 19.454  -1.391  -6.954  1.00 52.38 ? 148 ILE A N   1 
ATOM   1023 C CA  . ILE A 1 148 ? 19.780  -1.019  -8.304  1.00 52.24 ? 148 ILE A CA  1 
ATOM   1024 C C   . ILE A 1 148 ? 20.499  0.309   -8.308  1.00 51.91 ? 148 ILE A C   1 
ATOM   1025 O O   . ILE A 1 148 ? 20.170  1.172   -7.500  1.00 52.38 ? 148 ILE A O   1 
ATOM   1026 C CB  . ILE A 1 148 ? 18.502  -0.955  -9.177  1.00 51.15 ? 148 ILE A CB  1 
ATOM   1027 C CG1 . ILE A 1 148 ? 17.701  -2.255  -8.989  1.00 51.80 ? 148 ILE A CG1 1 
ATOM   1028 C CG2 . ILE A 1 148 ? 18.886  -0.706  -10.613 1.00 48.90 ? 148 ILE A CG2 1 
ATOM   1029 C CD1 . ILE A 1 148 ? 16.448  -2.379  -9.818  1.00 53.35 ? 148 ILE A CD1 1 
ATOM   1030 N N   . TRP A 1 152 ? 20.788  7.536   -8.721  1.00 47.94 ? 152 TRP A N   1 
ATOM   1031 C CA  . TRP A 1 152 ? 20.400  7.021   -7.436  1.00 47.85 ? 152 TRP A CA  1 
ATOM   1032 C C   . TRP A 1 152 ? 20.567  5.507   -7.242  1.00 47.29 ? 152 TRP A C   1 
ATOM   1033 O O   . TRP A 1 152 ? 20.485  4.724   -8.176  1.00 46.83 ? 152 TRP A O   1 
ATOM   1034 C CB  . TRP A 1 152 ? 18.945  7.369   -7.155  1.00 48.78 ? 152 TRP A CB  1 
ATOM   1035 C CG  . TRP A 1 152 ? 18.639  8.797   -6.748  1.00 49.10 ? 152 TRP A CG  1 
ATOM   1036 C CD1 . TRP A 1 152 ? 18.340  9.244   -5.499  1.00 49.16 ? 152 TRP A CD1 1 
ATOM   1037 C CD2 . TRP A 1 152 ? 18.534  9.930   -7.616  1.00 48.90 ? 152 TRP A CD2 1 
ATOM   1038 N NE1 . TRP A 1 152 ? 18.089  10.598  -5.530  1.00 48.24 ? 152 TRP A NE1 1 
ATOM   1039 C CE2 . TRP A 1 152 ? 18.184  11.035  -6.822  1.00 46.93 ? 152 TRP A CE2 1 
ATOM   1040 C CE3 . TRP A 1 152 ? 18.704  10.115  -8.990  1.00 48.83 ? 152 TRP A CE3 1 
ATOM   1041 C CZ2 . TRP A 1 152 ? 18.013  12.308  -7.350  1.00 46.93 ? 152 TRP A CZ2 1 
ATOM   1042 C CZ3 . TRP A 1 152 ? 18.527  11.402  -9.511  1.00 50.34 ? 152 TRP A CZ3 1 
ATOM   1043 C CH2 . TRP A 1 152 ? 18.189  12.470  -8.695  1.00 46.62 ? 152 TRP A CH2 1 
ATOM   1044 N N   . ARG A 1 153 ? 20.726  5.132   -5.977  1.00 47.57 ? 153 ARG A N   1 
ATOM   1045 C CA  . ARG A 1 153 ? 20.595  3.769   -5.474  1.00 47.46 ? 153 ARG A CA  1 
ATOM   1046 C C   . ARG A 1 153 ? 19.214  3.585   -4.819  1.00 46.84 ? 153 ARG A C   1 
ATOM   1047 O O   . ARG A 1 153 ? 18.841  4.357   -3.935  1.00 47.79 ? 153 ARG A O   1 
ATOM   1048 C CB  . ARG A 1 153 ? 21.698  3.505   -4.447  1.00 47.24 ? 153 ARG A CB  1 
ATOM   1049 C CG  . ARG A 1 153 ? 21.715  2.075   -3.927  1.00 47.09 ? 153 ARG A CG  1 
ATOM   1050 C CD  . ARG A 1 153 ? 22.992  1.838   -3.105  1.00 49.01 ? 153 ARG A CD  1 
ATOM   1051 N NE  . ARG A 1 153 ? 22.950  0.558   -2.407  1.00 45.40 ? 153 ARG A NE  1 
ATOM   1052 C CZ  . ARG A 1 153 ? 22.387  0.390   -1.218  1.00 46.54 ? 153 ARG A CZ  1 
ATOM   1053 N NH1 . ARG A 1 153 ? 22.384  -0.812  -0.659  1.00 45.17 ? 153 ARG A NH1 1 
ATOM   1054 N NH2 . ARG A 1 153 ? 21.821  1.426   -0.595  1.00 45.98 ? 153 ARG A NH2 1 
ATOM   1055 N N   . TYR A 1 154 ? 18.463  2.586   -5.273  1.00 46.28 ? 154 TYR A N   1 
ATOM   1056 C CA  . TYR A 1 154 ? 17.033  2.358   -4.871  1.00 46.53 ? 154 TYR A CA  1 
ATOM   1057 C C   . TYR A 1 154 ? 16.889  0.835   -4.673  1.00 45.40 ? 154 TYR A C   1 
ATOM   1058 O O   . TYR A 1 154 ? 17.449  0.072   -5.437  1.00 44.88 ? 154 TYR A O   1 
ATOM   1059 C CB  . TYR A 1 154 ? 16.018  3.039   -5.808  1.00 46.23 ? 154 TYR A CB  1 
ATOM   1060 C CG  . TYR A 1 154 ? 16.019  2.548   -7.217  1.00 47.87 ? 154 TYR A CG  1 
ATOM   1061 C CD1 . TYR A 1 154 ? 15.102  1.595   -7.630  1.00 49.36 ? 154 TYR A CD1 1 
ATOM   1062 C CD2 . TYR A 1 154 ? 16.904  3.056   -8.156  1.00 46.91 ? 154 TYR A CD2 1 
ATOM   1063 C CE1 . TYR A 1 154 ? 15.085  1.149   -8.929  1.00 50.34 ? 154 TYR A CE1 1 
ATOM   1064 C CE2 . TYR A 1 154 ? 16.890  2.606   -9.466  1.00 47.35 ? 154 TYR A CE2 1 
ATOM   1065 C CZ  . TYR A 1 154 ? 15.987  1.650   -9.837  1.00 48.50 ? 154 TYR A CZ  1 
ATOM   1066 O OH  . TYR A 1 154 ? 15.932  1.187   -11.140 1.00 52.03 ? 154 TYR A OH  1 
ATOM   1067 N N   . LEU A 1 155 ? 16.074  0.357   -3.751  1.00 44.81 ? 155 LEU A N   1 
ATOM   1068 C CA  . LEU A 1 155 ? 14.963  -0.591  -3.949  1.00 44.01 ? 155 LEU A CA  1 
ATOM   1069 C C   . LEU A 1 155 ? 13.789  -0.539  -4.913  1.00 44.52 ? 155 LEU A C   1 
ATOM   1070 O O   . LEU A 1 155 ? 12.754  0.077   -4.634  1.00 44.49 ? 155 LEU A O   1 
ATOM   1071 C CB  . LEU A 1 155 ? 14.535  -1.090  -2.568  1.00 44.02 ? 155 LEU A CB  1 
ATOM   1072 C CG  . LEU A 1 155 ? 13.945  -2.481  -2.362  1.00 44.87 ? 155 LEU A CG  1 
ATOM   1073 C CD1 . LEU A 1 155 ? 14.931  -3.549  -2.822  1.00 45.15 ? 155 LEU A CD1 1 
ATOM   1074 C CD2 . LEU A 1 155 ? 13.568  -2.634  -0.891  1.00 42.06 ? 155 LEU A CD2 1 
ATOM   1075 N N   . LYS A 1 156 ? 13.962  -1.264  -6.024  1.00 44.42 ? 156 LYS A N   1 
ATOM   1076 C CA  . LYS A 1 156 ? 12.894  -1.616  -6.929  1.00 45.09 ? 156 LYS A CA  1 
ATOM   1077 C C   . LYS A 1 156 ? 12.084  -2.722  -6.289  1.00 44.91 ? 156 LYS A C   1 
ATOM   1078 O O   . LYS A 1 156 ? 12.662  -3.676  -5.760  1.00 43.81 ? 156 LYS A O   1 
ATOM   1079 C CB  . LYS A 1 156 ? 13.434  -2.093  -8.252  1.00 46.29 ? 156 LYS A CB  1 
ATOM   1080 C CG  . LYS A 1 156 ? 12.418  -2.188  -9.348  1.00 50.46 ? 156 LYS A CG  1 
ATOM   1081 C CD  . LYS A 1 156 ? 13.001  -2.920  -10.577 1.00 55.91 ? 156 LYS A CD  1 
ATOM   1082 C CE  . LYS A 1 156 ? 12.636  -4.401  -10.558 1.00 58.25 ? 156 LYS A CE  1 
ATOM   1083 N NZ  . LYS A 1 156 ? 12.871  -5.029  -11.916 1.00 60.26 ? 156 LYS A NZ  1 
ATOM   1084 N N   . VAL A 1 157 ? 10.743  -2.563  -6.359  1.00 43.82 ? 157 VAL A N   1 
ATOM   1085 C CA  . VAL A 1 157 ? 9.769   -3.349  -5.606  1.00 43.60 ? 157 VAL A CA  1 
ATOM   1086 C C   . VAL A 1 157 ? 8.580   -3.584  -6.531  1.00 44.96 ? 157 VAL A C   1 
ATOM   1087 O O   . VAL A 1 157 ? 7.691   -2.715  -6.627  1.00 44.18 ? 157 VAL A O   1 
ATOM   1088 C CB  . VAL A 1 157 ? 9.256   -2.618  -4.317  1.00 42.52 ? 157 VAL A CB  1 
ATOM   1089 C CG1 . VAL A 1 157 ? 8.306   -3.470  -3.622  1.00 41.34 ? 157 VAL A CG1 1 
ATOM   1090 C CG2 . VAL A 1 157 ? 10.401  -2.264  -3.378  1.00 40.41 ? 157 VAL A CG2 1 
ATOM   1091 N N   . PRO A 1 158 ? 8.596   -4.725  -7.283  1.00 46.23 ? 158 PRO A N   1 
ATOM   1092 C CA  . PRO A 1 158 ? 7.475   -5.109  -8.158  1.00 46.16 ? 158 PRO A CA  1 
ATOM   1093 C C   . PRO A 1 158 ? 6.313   -5.566  -7.310  1.00 46.80 ? 158 PRO A C   1 
ATOM   1094 O O   . PRO A 1 158 ? 6.510   -6.375  -6.409  1.00 46.99 ? 158 PRO A O   1 
ATOM   1095 C CB  . PRO A 1 158 ? 8.015   -6.328  -8.932  1.00 46.62 ? 158 PRO A CB  1 
ATOM   1096 C CG  . PRO A 1 158 ? 9.501   -6.367  -8.685  1.00 45.71 ? 158 PRO A CG  1 
ATOM   1097 C CD  . PRO A 1 158 ? 9.711   -5.696  -7.356  1.00 45.95 ? 158 PRO A CD  1 
ATOM   1098 N N   . CYS A 1 159 ? 5.111   -5.072  -7.592  1.00 46.63 ? 159 CYS A N   1 
ATOM   1099 C CA  . CYS A 1 159 ? 3.951   -5.406  -6.780  1.00 47.74 ? 159 CYS A CA  1 
ATOM   1100 C C   . CYS A 1 159 ? 2.736   -5.823  -7.639  1.00 47.56 ? 159 CYS A C   1 
ATOM   1101 O O   . CYS A 1 159 ? 2.531   -5.336  -8.756  1.00 45.95 ? 159 CYS A O   1 
ATOM   1102 C CB  . CYS A 1 159 ? 3.552   -4.221  -5.853  1.00 47.88 ? 159 CYS A CB  1 
ATOM   1103 S SG  . CYS A 1 159 ? 4.649   -3.778  -4.426  1.00 52.53 ? 159 CYS A SG  1 
ATOM   1104 N N   . VAL A 1 160 ? 1.894   -6.694  -7.082  1.00 47.81 ? 160 VAL A N   1 
ATOM   1105 C CA  . VAL A 1 160 ? 0.651   -7.056  -7.759  1.00 48.41 ? 160 VAL A CA  1 
ATOM   1106 C C   . VAL A 1 160 ? -0.465  -6.873  -6.728  1.00 47.68 ? 160 VAL A C   1 
ATOM   1107 O O   . VAL A 1 160 ? -0.283  -7.203  -5.567  1.00 47.59 ? 160 VAL A O   1 
ATOM   1108 C CB  . VAL A 1 160 ? 0.755   -8.516  -8.425  1.00 48.13 ? 160 VAL A CB  1 
ATOM   1109 C CG1 . VAL A 1 160 ? 0.416   -9.627  -7.423  1.00 49.45 ? 160 VAL A CG1 1 
ATOM   1110 C CG2 . VAL A 1 160 ? -0.123  -8.643  -9.618  1.00 49.21 ? 160 VAL A CG2 1 
ATOM   1111 N N   . ILE A 1 161 ? -1.606  -6.306  -7.127  1.00 47.47 ? 161 ILE A N   1 
ATOM   1112 C CA  . ILE A 1 161 ? -2.716  -6.154  -6.190  1.00 45.93 ? 161 ILE A CA  1 
ATOM   1113 C C   . ILE A 1 161 ? -4.042  -6.476  -6.904  1.00 48.48 ? 161 ILE A C   1 
ATOM   1114 O O   . ILE A 1 161 ? -4.119  -6.325  -8.119  1.00 47.72 ? 161 ILE A O   1 
ATOM   1115 C CB  . ILE A 1 161 ? -2.721  -4.751  -5.534  1.00 45.89 ? 161 ILE A CB  1 
ATOM   1116 C CG1 . ILE A 1 161 ? -3.782  -4.644  -4.432  1.00 44.28 ? 161 ILE A CG1 1 
ATOM   1117 C CG2 . ILE A 1 161 ? -2.869  -3.620  -6.594  1.00 42.81 ? 161 ILE A CG2 1 
ATOM   1118 C CD1 . ILE A 1 161 ? -3.595  -3.424  -3.507  1.00 41.68 ? 161 ILE A CD1 1 
ATOM   1119 N N   . GLU A 1 162 ? -5.070  -6.882  -6.140  1.00 49.51 ? 162 GLU A N   1 
ATOM   1120 C CA  . GLU A 1 162 ? -6.386  -7.249  -6.684  1.00 52.68 ? 162 GLU A CA  1 
ATOM   1121 C C   . GLU A 1 162 ? -7.457  -6.781  -5.714  1.00 51.81 ? 162 GLU A C   1 
ATOM   1122 O O   . GLU A 1 162 ? -7.340  -7.052  -4.539  1.00 51.23 ? 162 GLU A O   1 
ATOM   1123 C CB  . GLU A 1 162 ? -6.472  -8.781  -6.884  1.00 52.03 ? 162 GLU A CB  1 
ATOM   1124 C CG  . GLU A 1 162 ? -5.105  -9.412  -7.121  1.00 56.45 ? 162 GLU A CG  1 
ATOM   1125 C CD  . GLU A 1 162 ? -5.130  -10.922 -7.234  1.00 58.69 ? 162 GLU A CD  1 
ATOM   1126 O OE1 . GLU A 1 162 ? -4.164  -11.568 -6.742  1.00 67.31 ? 162 GLU A OE1 1 
ATOM   1127 O OE2 . GLU A 1 162 ? -6.100  -11.467 -7.812  1.00 65.72 ? 162 GLU A OE2 1 
ATOM   1128 N N   . PHE A 1 163 ? -8.450  -6.026  -6.198  1.00 52.64 ? 163 PHE A N   1 
ATOM   1129 C CA  . PHE A 1 163 ? -9.588  -5.543  -5.366  1.00 53.77 ? 163 PHE A CA  1 
ATOM   1130 C C   . PHE A 1 163 ? -10.653 -6.597  -5.519  1.00 55.83 ? 163 PHE A C   1 
ATOM   1131 O O   . PHE A 1 163 ? -10.785 -7.153  -6.602  1.00 56.56 ? 163 PHE A O   1 
ATOM   1132 C CB  . PHE A 1 163 ? -9.947  -4.085  -5.645  1.00 52.01 ? 163 PHE A CB  1 
ATOM   1133 C CG  . PHE A 1 163 ? -8.849  -3.151  -5.220  1.00 50.33 ? 163 PHE A CG  1 
ATOM   1134 C CD1 . PHE A 1 163 ? -8.922  -2.481  -4.007  1.00 46.81 ? 163 PHE A CD1 1 
ATOM   1135 C CD2 . PHE A 1 163 ? -7.671  -3.049  -5.982  1.00 46.85 ? 163 PHE A CD2 1 
ATOM   1136 C CE1 . PHE A 1 163 ? -7.873  -1.656  -3.575  1.00 45.90 ? 163 PHE A CE1 1 
ATOM   1137 C CE2 . PHE A 1 163 ? -6.647  -2.258  -5.564  1.00 45.83 ? 163 PHE A CE2 1 
ATOM   1138 C CZ  . PHE A 1 163 ? -6.742  -1.546  -4.347  1.00 44.01 ? 163 PHE A CZ  1 
ATOM   1139 N N   . TRP A 1 164 ? -11.536 -6.790  -4.558  1.00 58.72 ? 164 TRP A N   1 
ATOM   1140 C CA  . TRP A 1 164 ? -12.960 -6.811  -4.816  1.00 60.78 ? 164 TRP A CA  1 
ATOM   1141 C C   . TRP A 1 164 ? -13.896 -6.344  -3.696  1.00 62.24 ? 164 TRP A C   1 
ATOM   1142 O O   . TRP A 1 164 ? -13.475 -5.701  -2.724  1.00 62.34 ? 164 TRP A O   1 
ATOM   1143 C CB  . TRP A 1 164 ? -13.217 -8.332  -4.938  1.00 60.83 ? 164 TRP A CB  1 
ATOM   1144 C CG  . TRP A 1 164 ? -12.848 -9.020  -3.594  1.00 61.10 ? 164 TRP A CG  1 
ATOM   1145 C CD1 . TRP A 1 164 ? -13.721 -9.372  -2.594  1.00 62.22 ? 164 TRP A CD1 1 
ATOM   1146 C CD2 . TRP A 1 164 ? -11.528 -9.355  -3.094  1.00 60.71 ? 164 TRP A CD2 1 
ATOM   1147 N NE1 . TRP A 1 164 ? -13.036 -9.916  -1.528  1.00 61.66 ? 164 TRP A NE1 1 
ATOM   1148 C CE2 . TRP A 1 164 ? -11.696 -9.917  -1.806  1.00 61.09 ? 164 TRP A CE2 1 
ATOM   1149 C CE3 . TRP A 1 164 ? -10.226 -9.251  -3.616  1.00 60.72 ? 164 TRP A CE3 1 
ATOM   1150 C CZ2 . TRP A 1 164 ? -10.612 -10.360 -1.030  1.00 60.50 ? 164 TRP A CZ2 1 
ATOM   1151 C CZ3 . TRP A 1 164 ? -9.146  -9.697  -2.837  1.00 60.11 ? 164 TRP A CZ3 1 
ATOM   1152 C CH2 . TRP A 1 164 ? -9.352  -10.239 -1.565  1.00 60.81 ? 164 TRP A CH2 1 
ATOM   1153 N N   . ASP A 1 165 ? -15.174 -6.714  -3.844  1.00 63.55 ? 165 ASP A N   1 
ATOM   1154 C CA  . ASP A 1 165 ? -16.186 -6.488  -2.803  1.00 64.85 ? 165 ASP A CA  1 
ATOM   1155 C C   . ASP A 1 165 ? -17.168 -7.692  -2.667  1.00 65.56 ? 165 ASP A C   1 
ATOM   1156 O O   . ASP A 1 165 ? -18.377 -7.545  -2.359  1.00 66.21 ? 165 ASP A O   1 
ATOM   1157 C CB  . ASP A 1 165 ? -16.923 -5.163  -3.056  1.00 65.19 ? 165 ASP A CB  1 
ATOM   1158 C CG  . ASP A 1 165 ? -17.742 -5.185  -4.344  1.00 65.43 ? 165 ASP A CG  1 
ATOM   1159 O OD1 . ASP A 1 165 ? -18.273 -4.121  -4.761  1.00 66.95 ? 165 ASP A OD1 1 
ATOM   1160 O OD2 . ASP A 1 165 ? -17.854 -6.283  -4.927  1.00 61.67 ? 165 ASP A OD2 1 
ATOM   1161 N N   . ASN A 1 167 ? -22.791 -7.595  -4.193  1.00 69.71 ? 167 ASN A N   1 
ATOM   1162 C CA  . ASN A 1 167 ? -21.908 -6.926  -5.148  1.00 69.63 ? 167 ASN A CA  1 
ATOM   1163 C C   . ASN A 1 167 ? -20.704 -7.805  -5.557  1.00 68.89 ? 167 ASN A C   1 
ATOM   1164 O O   . ASN A 1 167 ? -19.980 -8.318  -4.683  1.00 69.11 ? 167 ASN A O   1 
ATOM   1165 C CB  . ASN A 1 167 ? -21.425 -5.577  -4.587  1.00 69.76 ? 167 ASN A CB  1 
ATOM   1166 C CG  . ASN A 1 167 ? -22.547 -4.742  -3.952  1.00 71.82 ? 167 ASN A CG  1 
ATOM   1167 O OD1 . ASN A 1 167 ? -23.653 -5.231  -3.678  1.00 74.80 ? 167 ASN A OD1 1 
ATOM   1168 N ND2 . ASN A 1 167 ? -22.253 -3.470  -3.700  1.00 73.74 ? 167 ASN A ND2 1 
ATOM   1169 N N   . GLY A 1 168 ? -20.530 -8.000  -6.870  1.00 67.78 ? 168 GLY A N   1 
ATOM   1170 C CA  . GLY A 1 168 ? -19.294 -8.563  -7.435  1.00 66.59 ? 168 GLY A CA  1 
ATOM   1171 C C   . GLY A 1 168 ? -18.316 -7.416  -7.696  1.00 66.08 ? 168 GLY A C   1 
ATOM   1172 O O   . GLY A 1 168 ? -18.254 -6.449  -6.929  1.00 66.35 ? 168 GLY A O   1 
ATOM   1173 N N   . GLY A 1 169 ? -17.552 -7.472  -8.774  1.00 64.74 ? 169 GLY A N   1 
ATOM   1174 C CA  . GLY A 1 169 ? -16.665 -6.341  -9.031  1.00 63.43 ? 169 GLY A CA  1 
ATOM   1175 C C   . GLY A 1 169 ? -15.260 -6.515  -8.497  1.00 61.69 ? 169 GLY A C   1 
ATOM   1176 O O   . GLY A 1 169 ? -15.047 -7.029  -7.400  1.00 61.64 ? 169 GLY A O   1 
ATOM   1177 N N   . ALA A 1 170 ? -14.313 -6.059  -9.303  1.00 60.13 ? 170 ALA A N   1 
ATOM   1178 C CA  . ALA A 1 170 ? -12.912 -6.431  -9.195  1.00 58.66 ? 170 ALA A CA  1 
ATOM   1179 C C   . ALA A 1 170 ? -12.092 -5.370  -9.904  1.00 57.37 ? 170 ALA A C   1 
ATOM   1180 O O   . ALA A 1 170 ? -12.616 -4.636  -10.756 1.00 57.49 ? 170 ALA A O   1 
ATOM   1181 C CB  . ALA A 1 170 ? -12.678 -7.786  -9.833  1.00 57.80 ? 170 ALA A CB  1 
ATOM   1182 N N   . ALA A 1 171 ? -10.820 -5.282  -9.529  1.00 55.50 ? 171 ALA A N   1 
ATOM   1183 C CA  . ALA A 1 171 ? -9.869  -4.386  -10.171 1.00 53.86 ? 171 ALA A CA  1 
ATOM   1184 C C   . ALA A 1 171 ? -8.485  -4.942  -9.854  1.00 52.72 ? 171 ALA A C   1 
ATOM   1185 O O   . ALA A 1 171 ? -8.357  -5.746  -8.970  1.00 51.96 ? 171 ALA A O   1 
ATOM   1186 C CB  . ALA A 1 171 ? -10.032 -2.954  -9.647  1.00 53.70 ? 171 ALA A CB  1 
ATOM   1187 N N   . SER A 1 172 ? -7.453  -4.526  -10.577 1.00 51.97 ? 172 SER A N   1 
ATOM   1188 C CA  . SER A 1 172 ? -6.112  -5.043  -10.331 1.00 51.11 ? 172 SER A CA  1 
ATOM   1189 C C   . SER A 1 172 ? -5.004  -4.219  -11.028 1.00 50.11 ? 172 SER A C   1 
ATOM   1190 O O   . SER A 1 172 ? -5.325  -3.447  -11.895 1.00 48.46 ? 172 SER A O   1 
ATOM   1191 C CB  . SER A 1 172 ? -6.062  -6.525  -10.740 1.00 50.91 ? 172 SER A CB  1 
ATOM   1192 O OG  . SER A 1 172 ? -6.054  -6.660  -12.151 1.00 51.34 ? 172 SER A OG  1 
ATOM   1193 N N   . GLY A 1 173 ? -3.731  -4.421  -10.616 1.00 50.60 ? 173 GLY A N   1 
ATOM   1194 C CA  . GLY A 1 173 ? -2.411  -3.848  -11.177 1.00 50.41 ? 173 GLY A CA  1 
ATOM   1195 C C   . GLY A 1 173 ? -1.406  -4.670  -10.401 1.00 49.83 ? 173 GLY A C   1 
ATOM   1196 O O   . GLY A 1 173 ? -1.841  -5.314  -9.486  1.00 51.10 ? 173 GLY A O   1 
ATOM   1197 N N   . GLU A 1 174 ? -0.097  -4.796  -10.596 1.00 50.73 ? 174 GLU A N   1 
ATOM   1198 C CA  . GLU A 1 174 ? 0.956   -4.273  -11.443 1.00 49.54 ? 174 GLU A CA  1 
ATOM   1199 C C   . GLU A 1 174 ? 1.500   -2.897  -11.278 1.00 47.72 ? 174 GLU A C   1 
ATOM   1200 O O   . GLU A 1 174 ? 1.288   -2.007  -12.096 1.00 46.19 ? 174 GLU A O   1 
ATOM   1201 C CB  . GLU A 1 174 ? 0.957   -4.808  -12.849 1.00 51.00 ? 174 GLU A CB  1 
ATOM   1202 C CG  . GLU A 1 174 ? 0.778   -6.282  -12.886 1.00 56.28 ? 174 GLU A CG  1 
ATOM   1203 C CD  . GLU A 1 174 ? 0.750   -6.761  -14.318 1.00 65.09 ? 174 GLU A CD  1 
ATOM   1204 O OE1 . GLU A 1 174 ? 0.051   -6.112  -15.159 1.00 66.71 ? 174 GLU A OE1 1 
ATOM   1205 O OE2 . GLU A 1 174 ? 1.448   -7.770  -14.597 1.00 67.52 ? 174 GLU A OE2 1 
ATOM   1206 N N   . ILE A 1 175 ? 2.301   -2.786  -10.223 1.00 46.36 ? 175 ILE A N   1 
ATOM   1207 C CA  . ILE A 1 175 ? 2.957   -1.537  -9.881  1.00 46.11 ? 175 ILE A CA  1 
ATOM   1208 C C   . ILE A 1 175 ? 4.416   -1.758  -9.502  1.00 45.07 ? 175 ILE A C   1 
ATOM   1209 O O   . ILE A 1 175 ? 4.712   -2.615  -8.688  1.00 44.52 ? 175 ILE A O   1 
ATOM   1210 C CB  . ILE A 1 175 ? 2.189   -0.820  -8.757  1.00 46.11 ? 175 ILE A CB  1 
ATOM   1211 C CG1 . ILE A 1 175 ? 0.724   -0.643  -9.214  1.00 49.07 ? 175 ILE A CG1 1 
ATOM   1212 C CG2 . ILE A 1 175 ? 2.897   0.520   -8.366  1.00 46.15 ? 175 ILE A CG2 1 
ATOM   1213 C CD1 . ILE A 1 175 ? -0.222  -0.015  -8.216  1.00 52.79 ? 175 ILE A CD1 1 
ATOM   1214 N N   . GLU A 1 176 ? 5.326   -0.977  -10.082 1.00 43.38 ? 176 GLU A N   1 
ATOM   1215 C CA  . GLU A 1 176 ? 6.702   -1.015  -9.626  1.00 42.68 ? 176 GLU A CA  1 
ATOM   1216 C C   . GLU A 1 176 ? 7.070   0.200   -8.802  1.00 41.79 ? 176 GLU A C   1 
ATOM   1217 O O   . GLU A 1 176 ? 6.945   1.309   -9.242  1.00 40.22 ? 176 GLU A O   1 
ATOM   1218 C CB  . GLU A 1 176 ? 7.651   -1.165  -10.806 1.00 42.99 ? 176 GLU A CB  1 
ATOM   1219 C CG  . GLU A 1 176 ? 9.118   -1.292  -10.445 1.00 43.84 ? 176 GLU A CG  1 
ATOM   1220 C CD  . GLU A 1 176 ? 9.978   -1.270  -11.718 1.00 50.96 ? 176 GLU A CD  1 
ATOM   1221 O OE1 . GLU A 1 176 ? 10.902  -0.417  -11.831 1.00 49.69 ? 176 GLU A OE1 1 
ATOM   1222 O OE2 . GLU A 1 176 ? 9.697   -2.093  -12.633 1.00 54.05 ? 176 GLU A OE2 1 
ATOM   1223 N N   . LEU A 1 177 ? 7.553   -0.034  -7.594  1.00 42.79 ? 177 LEU A N   1 
ATOM   1224 C CA  . LEU A 1 177 ? 7.928   1.040   -6.702  1.00 43.35 ? 177 LEU A CA  1 
ATOM   1225 C C   . LEU A 1 177 ? 9.416   1.235   -6.708  1.00 43.32 ? 177 LEU A C   1 
ATOM   1226 O O   . LEU A 1 177 ? 10.134  0.298   -7.008  1.00 44.50 ? 177 LEU A O   1 
ATOM   1227 C CB  . LEU A 1 177 ? 7.481   0.749   -5.263  1.00 43.02 ? 177 LEU A CB  1 
ATOM   1228 C CG  . LEU A 1 177 ? 5.993   0.463   -5.029  1.00 45.09 ? 177 LEU A CG  1 
ATOM   1229 C CD1 . LEU A 1 177 ? 5.810   -0.089  -3.629  1.00 42.16 ? 177 LEU A CD1 1 
ATOM   1230 C CD2 . LEU A 1 177 ? 5.125   1.712   -5.271  1.00 44.41 ? 177 LEU A CD2 1 
ATOM   1231 N N   . ALA A 1 178 ? 9.869   2.445   -6.352  1.00 43.18 ? 178 ALA A N   1 
ATOM   1232 C CA  . ALA A 1 178 ? 11.263  2.696   -5.983  1.00 42.82 ? 178 ALA A CA  1 
ATOM   1233 C C   . ALA A 1 178 ? 11.397  3.256   -4.536  1.00 43.15 ? 178 ALA A C   1 
ATOM   1234 O O   . ALA A 1 178 ? 10.884  4.318   -4.234  1.00 43.00 ? 178 ALA A O   1 
ATOM   1235 C CB  . ALA A 1 178 ? 11.944  3.630   -6.990  1.00 41.59 ? 178 ALA A CB  1 
ATOM   1236 N N   . ALA A 1 179 ? 12.097  2.537   -3.658  1.00 43.41 ? 179 ALA A N   1 
ATOM   1237 C CA  . ALA A 1 179 ? 12.470  3.076   -2.360  1.00 44.47 ? 179 ALA A CA  1 
ATOM   1238 C C   . ALA A 1 179 ? 13.914  3.587   -2.393  1.00 45.47 ? 179 ALA A C   1 
ATOM   1239 O O   . ALA A 1 179 ? 14.864  2.788   -2.524  1.00 44.39 ? 179 ALA A O   1 
ATOM   1240 C CB  . ALA A 1 179 ? 12.265  2.032   -1.233  1.00 43.49 ? 179 ALA A CB  1 
ATOM   1241 N N   . LEU A 1 180 ? 14.052  4.910   -2.251  1.00 47.17 ? 180 LEU A N   1 
ATOM   1242 C CA  . LEU A 1 180 ? 15.353  5.619   -2.247  1.00 49.99 ? 180 LEU A CA  1 
ATOM   1243 C C   . LEU A 1 180 ? 16.261  5.571   -0.999  1.00 52.51 ? 180 LEU A C   1 
ATOM   1244 O O   . LEU A 1 180 ? 17.483  5.658   -1.152  1.00 54.29 ? 180 LEU A O   1 
ATOM   1245 C CB  . LEU A 1 180 ? 15.230  7.089   -2.705  1.00 48.69 ? 180 LEU A CB  1 
ATOM   1246 C CG  . LEU A 1 180 ? 14.651  7.381   -4.097  1.00 48.59 ? 180 LEU A CG  1 
ATOM   1247 C CD1 . LEU A 1 180 ? 14.519  8.886   -4.376  1.00 47.14 ? 180 LEU A CD1 1 
ATOM   1248 C CD2 . LEU A 1 180 ? 15.506  6.737   -5.130  1.00 46.57 ? 180 LEU A CD2 1 
ATOM   1249 N N   . ASN A 1 181 ? 15.834  5.480   0.246   1.00 54.56 ? 181 ASN A N   1 
ATOM   1250 C CA  . ASN A 1 181 ? 17.077  5.379   1.100   1.00 57.12 ? 181 ASN A CA  1 
ATOM   1251 C C   . ASN A 1 181 ? 17.636  4.009   1.126   1.00 57.10 ? 181 ASN A C   1 
ATOM   1252 O O   . ASN A 1 181 ? 18.087  3.542   0.107   1.00 57.70 ? 181 ASN A O   1 
ATOM   1253 C CB  . ASN A 1 181 ? 17.103  6.091   2.449   1.00 57.54 ? 181 ASN A CB  1 
ATOM   1254 C CG  . ASN A 1 181 ? 17.791  7.430   2.328   1.00 60.92 ? 181 ASN A CG  1 
ATOM   1255 O OD1 . ASN A 1 181 ? 18.245  8.040   3.316   1.00 63.68 ? 181 ASN A OD1 1 
ATOM   1256 N ND2 . ASN A 1 181 ? 17.932  7.878   1.072   1.00 63.39 ? 181 ASN A ND2 1 
ATOM   1257 N N   . ILE A 1 182 ? 17.545  3.322   2.241   1.00 58.04 ? 182 ILE A N   1 
ATOM   1258 C CA  . ILE A 1 182 ? 18.023  1.951   2.267   1.00 57.88 ? 182 ILE A CA  1 
ATOM   1259 C C   . ILE A 1 182 ? 19.544  2.015   2.359   1.00 59.60 ? 182 ILE A C   1 
ATOM   1260 O O   . ILE A 1 182 ? 20.179  2.839   1.695   1.00 59.14 ? 182 ILE A O   1 
ATOM   1261 C CB  . ILE A 1 182 ? 17.458  1.102   1.046   1.00 58.09 ? 182 ILE A CB  1 
ATOM   1262 C CG1 . ILE A 1 182 ? 18.437  1.019   -0.132  1.00 56.40 ? 182 ILE A CG1 1 
ATOM   1263 C CG2 . ILE A 1 182 ? 16.054  1.606   0.630   1.00 56.54 ? 182 ILE A CG2 1 
ATOM   1264 C CD1 . ILE A 1 182 ? 17.978  0.158   -1.218  1.00 54.76 ? 182 ILE A CD1 1 
ATOM   1265 N N   . PRO A 1 183 ? 20.163  1.100   3.111   1.00 61.66 ? 183 PRO A N   1 
ATOM   1266 C CA  . PRO A 1 183 ? 19.695  -0.190  3.526   1.00 63.04 ? 183 PRO A CA  1 
ATOM   1267 C C   . PRO A 1 183 ? 18.929  -0.163  4.802   1.00 63.57 ? 183 PRO A C   1 
ATOM   1268 O O   . PRO A 1 183 ? 19.572  -0.046  5.844   1.00 64.14 ? 183 PRO A O   1 
ATOM   1269 C CB  . PRO A 1 183 ? 21.015  -0.971  3.720   1.00 63.52 ? 183 PRO A CB  1 
ATOM   1270 C CG  . PRO A 1 183 ? 22.122  -0.035  3.188   1.00 62.54 ? 183 PRO A CG  1 
ATOM   1271 C CD  . PRO A 1 183 ? 21.558  1.279   3.537   1.00 61.97 ? 183 PRO A CD  1 
ATOM   1272 O OXT . PRO A 1 183 ? 17.697  -0.294  4.781   1.00 64.15 ? 183 PRO A OXT 1 
HETATM 1273 C C1  . PLM B 2 .   ? 3.346   7.687   -3.096  1.00 45.88 ? 184 PLM A C1  1 
HETATM 1274 O O1  . PLM B 2 .   ? 2.994   8.775   -2.511  1.00 43.85 ? 184 PLM A O1  1 
HETATM 1275 O O2  . PLM B 2 .   ? 3.844   7.648   -4.249  1.00 51.33 ? 184 PLM A O2  1 
HETATM 1276 C C2  . PLM B 2 .   ? 3.210   6.367   -2.445  1.00 43.09 ? 184 PLM A C2  1 
HETATM 1277 C C3  . PLM B 2 .   ? 3.551   5.245   -3.112  1.00 43.54 ? 184 PLM A C3  1 
HETATM 1278 C C4  . PLM B 2 .   ? 3.412   3.899   -2.418  1.00 39.52 ? 184 PLM A C4  1 
HETATM 1279 C C5  . PLM B 2 .   ? 4.604   3.697   -1.502  1.00 35.23 ? 184 PLM A C5  1 
HETATM 1280 C C6  . PLM B 2 .   ? 4.457   2.353   -0.844  1.00 36.75 ? 184 PLM A C6  1 
HETATM 1281 C C7  . PLM B 2 .   ? 5.790   2.067   -0.200  1.00 38.52 ? 184 PLM A C7  1 
HETATM 1282 C C8  . PLM B 2 .   ? 5.947   0.729   0.501   1.00 41.53 ? 184 PLM A C8  1 
HETATM 1283 C C9  . PLM B 2 .   ? 7.311   0.284   0.017   1.00 43.85 ? 184 PLM A C9  1 
HETATM 1284 C CA  . PLM B 2 .   ? 8.378   0.128   1.073   1.00 43.26 ? 184 PLM A CA  1 
HETATM 1285 C CB  . PLM B 2 .   ? 9.616   -0.267  0.268   1.00 40.03 ? 184 PLM A CB  1 
HETATM 1286 C CC  . PLM B 2 .   ? 10.819  -0.147  1.178   1.00 44.27 ? 184 PLM A CC  1 
HETATM 1287 O O   . HOH C 3 .   ? 0.513   9.235   -2.915  1.00 47.98 ? 185 HOH A O   1 
HETATM 1288 O O   . HOH C 3 .   ? -1.162  -12.889 9.367   1.00 59.59 ? 186 HOH A O   1 
HETATM 1289 O O   . HOH C 3 .   ? 4.775   8.356   -6.400  1.00 50.89 ? 187 HOH A O   1 
HETATM 1290 O O   . HOH C 3 .   ? 0.412   -12.028 11.187  1.00 66.44 ? 188 HOH A O   1 
HETATM 1291 O O   . HOH C 3 .   ? 20.003  -14.022 2.458   0.50 81.88 ? 189 HOH A O   1 
HETATM 1292 O O   . HOH C 3 .   ? 22.483  1.402   -9.110  1.00 67.45 ? 190 HOH A O   1 
HETATM 1293 O O   . HOH C 3 .   ? -9.036  9.396   7.638   1.00 59.21 ? 191 HOH A O   1 
HETATM 1294 O O   . HOH C 3 .   ? -10.020 8.585   -11.351 1.00 44.89 ? 192 HOH A O   1 
HETATM 1295 O O   . HOH C 3 .   ? -2.519  -13.250 6.492   1.00 62.81 ? 193 HOH A O   1 
HETATM 1296 O O   . HOH C 3 .   ? -16.050 -5.777  -15.882 1.00 75.82 ? 194 HOH A O   1 
HETATM 1297 O O   . HOH C 3 .   ? 7.910   10.510  5.897   1.00 54.30 ? 195 HOH A O   1 
HETATM 1298 O O   . HOH C 3 .   ? 16.367  4.365   13.995  1.00 58.71 ? 196 HOH A O   1 
HETATM 1299 O O   . HOH C 3 .   ? -1.865  3.003   -14.073 0.50 77.10 ? 197 HOH A O   1 
HETATM 1300 O O   . HOH C 3 .   ? 5.320   -13.668 0.432   1.00 67.60 ? 198 HOH A O   1 
HETATM 1301 O O   . HOH C 3 .   ? -0.455  -15.346 7.660   1.00 74.52 ? 199 HOH A O   1 
HETATM 1302 O O   . HOH C 3 .   ? 21.173  -4.051  4.445   1.00 54.80 ? 200 HOH A O   1 
HETATM 1303 O O   . HOH C 3 .   ? 5.667   -4.243  -12.483 1.00 61.64 ? 201 HOH A O   1 
HETATM 1304 O O   . HOH C 3 .   ? 4.965   -12.281 9.277   1.00 61.73 ? 202 HOH A O   1 
HETATM 1305 O O   . HOH C 3 .   ? 18.694  4.793   5.257   1.00 79.21 ? 203 HOH A O   1 
HETATM 1306 O O   . HOH C 3 .   ? 24.062  3.369   -8.001  1.00 60.10 ? 204 HOH A O   1 
HETATM 1307 O O   . HOH C 3 .   ? -10.969 -4.839  -15.467 1.00 86.50 ? 205 HOH A O   1 
HETATM 1308 O O   . HOH C 3 .   ? -5.604  -3.900  11.526  1.00 69.71 ? 206 HOH A O   1 
HETATM 1309 O O   . HOH C 3 .   ? -6.825  -7.567  10.405  1.00 76.59 ? 207 HOH A O   1 
HETATM 1310 O O   . HOH C 3 .   ? 1.805   8.365   -0.618  1.00 51.92 ? 208 HOH A O   1 
# 
